data_7JN7
#
_entry.id   7JN7
#
_cell.length_a   1.00
_cell.length_b   1.00
_cell.length_c   1.00
_cell.angle_alpha   90.00
_cell.angle_beta   90.00
_cell.angle_gamma   90.00
#
_symmetry.space_group_name_H-M   'P 1'
#
loop_
_entity.id
_entity.type
_entity.pdbx_description
1 polymer 'Dipeptidyl peptidase 9'
2 polymer 'Caspase recruitment domain-containing protein 8'
3 non-polymer '[(2~{R})-1-[(2~{R})-2-azanyl-3-methyl-butanoyl]pyrrolidin-2-yl]boronic acid'
#
loop_
_entity_poly.entity_id
_entity_poly.type
_entity_poly.pdbx_seq_one_letter_code
_entity_poly.pdbx_strand_id
1 'polypeptide(L)'
;MSYYHHHHHHDYDIPTTENLYFQGAMGSMATTGTPTADRGDAAATDDPAARFQVQKHSWDGLRSIIHGSRKYSGLIVNKA
PHDFQFVQKTDESGPHSHRLYYLGMPYGSRENSLLYSEIPKKVRKEALLLLSWKQMLDHFQATPHHGVYSREEELLRERK
RLGVFGITSYDFHSESGLFLFQASNSLFHCRDGGKNGFMVSPMKPLEIKTQCSGPRMDPKICPADPAFFSFINNSDLWVA
NIETGEERRLTFCHQGLSNVLDDPKSAGVATFVIQEEFDRFTGYWWCPTASWEGSEGLKTLRILYEEVDESEVEVIHVPS
PALEERKTDSYRYPRTGSKNPKIALKLAEFQTDSQGKIVSTQEKELVQPFSSLFPKVEYIARAGWTRDGKYAWAMFLDRP
QQWLQLVLLPPALFIPSTENEEQRLASARAVPRNVQPYVVYEEVTNVWINVHDIFYPFPQSEGEDELCFLRANECKTGFC
HLYKVTAVLKSQGYDWSEPFSPGEDEFKCPIKEEIALTSGEWEVLARHGSKIWVNEETKLVYFQGTKDTPLEHHLYVVSY
EAAGEIVRLTTPGFSHSCSMSQNFDMFVSHYSSVSTPPCVHVYKLSGPDDDPLHKQPRFWASMMEAASCPPDYVPPEIFH
FHTRSDVRLYGMIYKPHALQPGKKHPTVLFVYGGPQVQLVNNSFKGIKYLRLNTLASLGYAVVVIDGRGSCQRGLRFEGA
LKNQMGQVEIEDQVEGLQFVAEKYGFIDLSRVAIHGWSYGGFLSLMGLIHKPQVFKVAIAGAPVTVWMAYDTGYTERYMD
VPENNQHGYEAGSVALHVEKLPNEPNRLLILHGFLDENVHFFHTNFLVSQLIRAGKPYQLQIYPNERHSIRCPESGEHYE
VTLLHFLQEYL
;
A,D
2 'polypeptide(L)'
;MEKKECPEKSSSSEEELPRRDSGSSRNIDASKLIRLQGSRKLLVDNSIRELQYTKTGIFFQAEACVTNDTVYRELPCVSE
TLCDISHFFQEDDETEAEPLLFRAVPECQLSGGDIPSVSEEQESSEGQDSGDICSEENQIVSSYASKVCFEIEEDYKNRQ
FLGPEGNVDVELIDKSTNRYSVWFPTAGWYLWSATGLGFLVRDEVTVTIAFGSWSQHLALDLQHHEQWLVGGPLFDVTAE
PEEAVAEIHLPHFISLQAGEVDVSWFLVAHFKNEGMVLEHPARVEPFYAVLESPSFSLMGILLRIASGTRLSIPITSNTL
IYYHPHPEDIKFHLYLVPSDALLTKAIDDEEDRFHGVRLQTSPPMEPLNFGSSYIVSNSANLKVMPKELKLSYRSPGEIQ
HFSKFYAGQMKEPIQLEITEKRHGTLVWDTEVKPVDLQLVAASAPPPFSGAAFVKENHRQLQARMGDLKGVLDDLQDNEV
LTENEKELVEQEKTRQSKNEALLSMVEKKGDLALDVLFRSISERDPYLVSYLRQQNL
;
B,C
#
loop_
_chem_comp.id
_chem_comp.type
_chem_comp.name
_chem_comp.formula
GK2 non-polymer '[(2~{R})-1-[(2~{R})-2-azanyl-3-methyl-butanoyl]pyrrolidin-2-yl]boronic acid' 'C9 H19 B N2 O3'
#
# COMPACT_ATOMS: atom_id res chain seq x y z
N ASP A 46 42.28 -17.09 6.21
CA ASP A 46 41.14 -16.83 5.34
C ASP A 46 41.58 -16.70 3.89
N ASP A 47 41.42 -17.78 3.14
CA ASP A 47 41.81 -17.78 1.73
C ASP A 47 40.72 -17.11 0.90
N PRO A 48 41.02 -16.03 0.17
CA PRO A 48 39.98 -15.35 -0.61
C PRO A 48 39.56 -16.09 -1.86
N ALA A 49 40.35 -17.07 -2.32
CA ALA A 49 39.96 -17.93 -3.42
C ALA A 49 39.14 -19.13 -2.97
N ALA A 50 38.93 -19.28 -1.66
CA ALA A 50 38.13 -20.35 -1.10
C ALA A 50 36.86 -19.83 -0.45
N ARG A 51 36.40 -18.65 -0.88
CA ARG A 51 35.18 -18.03 -0.39
C ARG A 51 34.27 -17.83 -1.60
N PHE A 52 33.12 -18.51 -1.59
CA PHE A 52 32.21 -18.47 -2.73
C PHE A 52 31.62 -17.09 -2.93
N GLN A 53 31.76 -16.57 -4.15
CA GLN A 53 31.15 -15.31 -4.53
C GLN A 53 29.88 -15.62 -5.33
N VAL A 54 28.78 -15.01 -4.92
CA VAL A 54 27.49 -15.22 -5.58
C VAL A 54 27.53 -14.54 -6.94
N GLN A 55 26.90 -15.17 -7.93
CA GLN A 55 26.86 -14.60 -9.28
C GLN A 55 26.03 -13.32 -9.26
N LYS A 56 26.67 -12.22 -9.66
CA LYS A 56 25.99 -10.93 -9.69
C LYS A 56 25.00 -10.92 -10.85
N HIS A 57 23.72 -11.04 -10.54
CA HIS A 57 22.69 -10.96 -11.54
C HIS A 57 22.24 -9.52 -11.72
N SER A 58 21.81 -9.21 -12.93
CA SER A 58 21.10 -7.96 -13.19
C SER A 58 19.77 -7.97 -12.46
N TRP A 59 19.19 -6.78 -12.29
CA TRP A 59 17.88 -6.64 -11.66
C TRP A 59 16.80 -7.36 -12.46
N ASP A 60 16.79 -7.19 -13.78
CA ASP A 60 15.82 -7.88 -14.62
C ASP A 60 16.08 -9.39 -14.57
N GLY A 61 17.35 -9.79 -14.49
CA GLY A 61 17.69 -11.18 -14.21
C GLY A 61 17.09 -11.71 -12.91
N LEU A 62 17.20 -10.92 -11.83
CA LEU A 62 16.64 -11.30 -10.55
C LEU A 62 15.12 -11.38 -10.59
N ARG A 63 14.47 -10.48 -11.32
CA ARG A 63 13.04 -10.60 -11.55
C ARG A 63 12.72 -11.89 -12.30
N SER A 64 13.50 -12.21 -13.33
CA SER A 64 13.34 -13.46 -14.08
C SER A 64 13.50 -14.68 -13.17
N ILE A 65 14.39 -14.58 -12.20
CA ILE A 65 14.66 -15.67 -11.26
C ILE A 65 13.50 -15.82 -10.28
N ILE A 66 13.05 -14.73 -9.69
CA ILE A 66 11.91 -14.78 -8.76
C ILE A 66 10.64 -15.24 -9.47
N HIS A 67 10.39 -14.74 -10.70
CA HIS A 67 9.23 -15.21 -11.44
C HIS A 67 9.35 -16.70 -11.76
N GLY A 68 10.54 -17.15 -12.20
CA GLY A 68 10.78 -18.57 -12.42
C GLY A 68 10.67 -19.41 -11.16
N SER A 69 10.78 -18.78 -9.99
CA SER A 69 10.57 -19.48 -8.73
C SER A 69 9.09 -19.71 -8.52
N ARG A 70 8.26 -18.82 -9.05
CA ARG A 70 6.82 -18.87 -8.87
C ARG A 70 6.08 -19.40 -10.09
N LYS A 71 6.81 -19.87 -11.11
CA LYS A 71 6.13 -20.40 -12.28
C LYS A 71 5.50 -21.75 -12.00
N TYR A 72 5.94 -22.46 -10.96
CA TYR A 72 5.25 -23.65 -10.49
C TYR A 72 4.42 -23.38 -9.24
N SER A 73 4.38 -22.13 -8.77
CA SER A 73 3.60 -21.79 -7.60
C SER A 73 2.11 -21.63 -7.88
N GLY A 74 1.71 -21.63 -9.16
CA GLY A 74 0.29 -21.67 -9.47
C GLY A 74 -0.37 -22.97 -9.09
N LEU A 75 0.40 -24.06 -9.01
CA LEU A 75 -0.09 -25.35 -8.56
C LEU A 75 0.13 -25.57 -7.06
N ILE A 76 1.37 -25.41 -6.60
CA ILE A 76 1.76 -25.86 -5.27
C ILE A 76 1.15 -24.97 -4.18
N VAL A 77 1.00 -23.68 -4.44
CA VAL A 77 0.28 -22.80 -3.53
C VAL A 77 -1.19 -22.89 -3.90
N ASN A 78 -1.96 -23.64 -3.11
CA ASN A 78 -3.26 -24.11 -3.56
C ASN A 78 -4.39 -23.71 -2.62
N LYS A 79 -4.05 -23.36 -1.38
CA LYS A 79 -4.98 -23.31 -0.25
C LYS A 79 -5.73 -24.64 -0.15
N ALA A 80 -4.95 -25.66 0.23
CA ALA A 80 -5.35 -27.02 0.57
C ALA A 80 -6.56 -27.00 1.47
N PRO A 81 -7.52 -27.92 1.28
CA PRO A 81 -8.85 -27.76 1.88
C PRO A 81 -8.85 -27.86 3.40
N HIS A 82 -9.86 -27.23 4.00
CA HIS A 82 -9.90 -26.98 5.43
C HIS A 82 -11.33 -26.70 5.82
N ASP A 83 -11.57 -26.66 7.14
CA ASP A 83 -12.87 -26.39 7.77
C ASP A 83 -13.91 -27.43 7.32
N PHE A 84 -13.60 -28.70 7.63
CA PHE A 84 -14.40 -29.83 7.18
C PHE A 84 -15.63 -30.07 8.03
N GLN A 85 -16.70 -30.52 7.38
CA GLN A 85 -17.94 -30.91 8.01
C GLN A 85 -18.43 -32.22 7.39
N PHE A 86 -18.29 -33.30 8.15
CA PHE A 86 -18.77 -34.63 7.79
C PHE A 86 -20.27 -34.71 8.01
N VAL A 87 -21.02 -35.22 7.04
CA VAL A 87 -22.45 -35.45 7.25
C VAL A 87 -22.83 -36.85 6.78
N GLN A 88 -23.57 -37.55 7.61
CA GLN A 88 -24.02 -38.91 7.32
C GLN A 88 -25.16 -38.82 6.32
N LYS A 89 -25.44 -39.94 5.66
CA LYS A 89 -26.52 -39.98 4.69
C LYS A 89 -27.70 -40.84 5.11
N THR A 90 -27.43 -41.93 5.85
CA THR A 90 -28.43 -42.82 6.47
C THR A 90 -29.46 -43.34 5.47
N ASP A 91 -28.97 -44.11 4.51
CA ASP A 91 -29.83 -44.77 3.53
C ASP A 91 -29.78 -46.28 3.61
N GLU A 92 -28.59 -46.86 3.79
CA GLU A 92 -28.26 -48.29 3.75
C GLU A 92 -28.58 -48.92 2.40
N SER A 93 -28.79 -48.09 1.37
CA SER A 93 -28.93 -48.55 0.00
C SER A 93 -28.18 -47.67 -0.99
N GLY A 94 -27.77 -46.46 -0.59
CA GLY A 94 -26.97 -45.62 -1.44
C GLY A 94 -25.50 -46.01 -1.38
N PRO A 95 -24.71 -45.37 -2.23
CA PRO A 95 -23.30 -45.75 -2.32
C PRO A 95 -22.39 -45.04 -1.32
N HIS A 96 -22.78 -43.85 -0.89
CA HIS A 96 -21.88 -42.95 -0.21
C HIS A 96 -22.13 -42.96 1.29
N SER A 97 -21.06 -43.07 2.07
CA SER A 97 -21.24 -43.15 3.52
C SER A 97 -21.42 -41.76 4.12
N HIS A 98 -20.66 -40.78 3.63
CA HIS A 98 -20.73 -39.42 4.10
C HIS A 98 -20.72 -38.46 2.93
N ARG A 99 -20.88 -37.19 3.25
CA ARG A 99 -20.54 -36.08 2.38
C ARG A 99 -19.64 -35.16 3.18
N LEU A 100 -18.44 -34.92 2.67
CA LEU A 100 -17.47 -34.03 3.29
C LEU A 100 -17.61 -32.63 2.72
N TYR A 101 -17.86 -31.64 3.57
CA TYR A 101 -17.94 -30.24 3.16
C TYR A 101 -16.71 -29.48 3.61
N TYR A 102 -16.20 -28.61 2.74
CA TYR A 102 -14.96 -27.92 3.05
C TYR A 102 -14.83 -26.73 2.12
N LEU A 103 -13.86 -25.89 2.42
CA LEU A 103 -13.49 -24.78 1.56
C LEU A 103 -12.34 -25.24 0.68
N GLY A 104 -12.27 -24.73 -0.54
CA GLY A 104 -11.17 -25.19 -1.37
C GLY A 104 -11.07 -24.42 -2.67
N MET A 105 -9.91 -24.55 -3.29
CA MET A 105 -9.65 -24.03 -4.63
C MET A 105 -9.17 -25.17 -5.49
N PRO A 106 -10.03 -25.70 -6.37
CA PRO A 106 -9.57 -26.69 -7.35
C PRO A 106 -8.84 -26.09 -8.53
N TYR A 107 -8.69 -24.75 -8.50
CA TYR A 107 -8.15 -23.93 -9.59
C TYR A 107 -8.97 -24.05 -10.87
N GLY A 108 -10.26 -24.35 -10.72
CA GLY A 108 -11.24 -24.06 -11.76
C GLY A 108 -11.71 -22.64 -11.56
N SER A 109 -11.42 -22.12 -10.36
CA SER A 109 -11.63 -20.72 -10.02
C SER A 109 -10.45 -20.24 -9.20
N ARG A 110 -10.25 -18.93 -9.20
CA ARG A 110 -9.15 -18.29 -8.49
C ARG A 110 -9.51 -17.94 -7.06
N GLU A 111 -10.71 -18.31 -6.61
CA GLU A 111 -11.22 -17.94 -5.30
C GLU A 111 -11.46 -19.18 -4.46
N ASN A 112 -11.42 -18.99 -3.15
CA ASN A 112 -11.70 -20.07 -2.21
C ASN A 112 -13.21 -20.21 -2.08
N SER A 113 -13.74 -21.40 -2.34
CA SER A 113 -15.18 -21.54 -2.39
C SER A 113 -15.64 -22.80 -1.68
N LEU A 114 -16.94 -22.85 -1.41
CA LEU A 114 -17.57 -24.00 -0.79
C LEU A 114 -17.68 -25.15 -1.77
N LEU A 115 -17.28 -26.32 -1.32
CA LEU A 115 -17.27 -27.50 -2.17
C LEU A 115 -17.80 -28.66 -1.36
N TYR A 116 -17.89 -29.81 -2.01
CA TYR A 116 -18.14 -31.02 -1.27
C TYR A 116 -17.50 -32.20 -1.98
N SER A 117 -17.28 -33.24 -1.20
CA SER A 117 -16.82 -34.54 -1.67
C SER A 117 -17.79 -35.62 -1.24
N GLU A 118 -17.74 -36.74 -1.96
CA GLU A 118 -18.57 -37.90 -1.65
C GLU A 118 -17.74 -39.03 -1.08
N ILE A 119 -17.92 -39.33 0.20
CA ILE A 119 -17.18 -40.37 0.89
C ILE A 119 -17.93 -41.68 0.70
N PRO A 120 -17.35 -42.68 0.03
CA PRO A 120 -18.09 -43.91 -0.26
C PRO A 120 -18.15 -44.85 0.95
N LYS A 121 -19.07 -45.80 0.85
CA LYS A 121 -19.24 -46.82 1.88
C LYS A 121 -18.19 -47.90 1.84
N LYS A 122 -17.70 -48.27 0.65
CA LYS A 122 -16.63 -49.26 0.57
C LYS A 122 -15.72 -48.93 -0.61
N VAL A 123 -14.42 -48.80 -0.31
CA VAL A 123 -13.41 -48.57 -1.34
C VAL A 123 -12.78 -49.89 -1.72
N ARG A 124 -12.14 -49.92 -2.88
CA ARG A 124 -11.45 -51.10 -3.37
C ARG A 124 -10.06 -51.16 -2.74
N LYS A 125 -9.58 -52.38 -2.50
CA LYS A 125 -8.23 -52.56 -1.99
C LYS A 125 -7.20 -52.25 -3.08
N GLU A 126 -5.99 -51.91 -2.64
CA GLU A 126 -4.85 -51.53 -3.49
C GLU A 126 -5.18 -50.33 -4.39
N ALA A 127 -6.05 -49.44 -3.91
CA ALA A 127 -6.56 -48.34 -4.70
C ALA A 127 -6.33 -47.02 -3.96
N LEU A 128 -5.71 -46.07 -4.65
CA LEU A 128 -5.58 -44.70 -4.17
C LEU A 128 -6.71 -43.92 -4.84
N LEU A 129 -7.88 -43.91 -4.21
CA LEU A 129 -9.05 -43.22 -4.73
C LEU A 129 -8.93 -41.74 -4.39
N LEU A 130 -9.03 -40.89 -5.41
CA LEU A 130 -8.88 -39.45 -5.20
C LEU A 130 -10.18 -38.78 -5.63
N LEU A 131 -10.70 -37.93 -4.75
CA LEU A 131 -12.08 -37.50 -4.86
C LEU A 131 -12.18 -36.25 -5.73
N SER A 132 -13.18 -36.23 -6.59
CA SER A 132 -13.50 -35.00 -7.30
C SER A 132 -14.05 -33.99 -6.31
N TRP A 133 -13.67 -32.73 -6.49
CA TRP A 133 -14.12 -31.67 -5.61
C TRP A 133 -15.34 -31.07 -6.30
N LYS A 134 -16.52 -31.58 -5.98
CA LYS A 134 -17.71 -31.05 -6.59
C LYS A 134 -18.02 -29.70 -5.95
N GLN A 135 -18.66 -28.82 -6.70
CA GLN A 135 -18.88 -27.47 -6.22
C GLN A 135 -20.19 -27.41 -5.44
N MET A 136 -20.16 -26.75 -4.28
CA MET A 136 -21.39 -26.56 -3.52
C MET A 136 -22.32 -25.61 -4.27
N LEU A 137 -21.76 -24.54 -4.80
CA LEU A 137 -22.44 -23.39 -5.35
C LEU A 137 -22.35 -23.38 -6.87
N ASP A 138 -23.14 -22.52 -7.50
CA ASP A 138 -23.24 -22.50 -8.96
C ASP A 138 -22.27 -21.48 -9.57
N HIS A 139 -20.97 -21.73 -9.31
CA HIS A 139 -19.80 -21.12 -9.98
C HIS A 139 -19.85 -19.59 -10.06
N PHE A 140 -20.28 -18.96 -8.97
CA PHE A 140 -20.46 -17.52 -8.97
C PHE A 140 -19.15 -16.87 -8.54
N GLN A 141 -19.12 -15.55 -8.49
CA GLN A 141 -17.98 -14.80 -8.00
C GLN A 141 -18.21 -14.42 -6.54
N ALA A 142 -17.39 -14.98 -5.65
CA ALA A 142 -17.51 -14.73 -4.21
C ALA A 142 -16.54 -13.68 -3.72
N THR A 143 -16.01 -12.86 -4.61
CA THR A 143 -15.03 -11.85 -4.27
C THR A 143 -15.42 -10.54 -4.95
N PRO A 144 -15.24 -9.39 -4.29
CA PRO A 144 -15.45 -8.12 -4.99
C PRO A 144 -14.42 -7.84 -6.08
N HIS A 145 -14.61 -6.75 -6.82
CA HIS A 145 -13.75 -6.43 -7.94
C HIS A 145 -12.35 -6.05 -7.46
N HIS A 146 -11.33 -6.58 -8.15
CA HIS A 146 -9.91 -6.38 -7.86
C HIS A 146 -9.52 -6.85 -6.45
N GLY A 147 -10.28 -7.79 -5.90
CA GLY A 147 -9.94 -8.37 -4.61
C GLY A 147 -10.12 -7.45 -3.42
N VAL A 148 -10.88 -6.36 -3.56
CA VAL A 148 -11.05 -5.41 -2.47
C VAL A 148 -12.06 -5.95 -1.48
N TYR A 149 -12.14 -5.32 -0.32
CA TYR A 149 -13.11 -5.70 0.71
C TYR A 149 -13.54 -4.43 1.43
N SER A 150 -14.51 -4.57 2.33
CA SER A 150 -14.89 -3.43 3.15
C SER A 150 -13.86 -3.25 4.26
N ARG A 151 -14.04 -2.19 5.05
CA ARG A 151 -13.07 -1.87 6.09
C ARG A 151 -13.10 -2.88 7.22
N GLU A 152 -14.28 -3.39 7.54
CA GLU A 152 -14.40 -4.47 8.53
C GLU A 152 -13.94 -5.80 7.97
N GLU A 153 -14.22 -6.09 6.69
CA GLU A 153 -13.78 -7.35 6.10
C GLU A 153 -12.27 -7.41 5.93
N GLU A 154 -11.65 -6.31 5.47
CA GLU A 154 -10.21 -6.31 5.24
C GLU A 154 -9.44 -6.36 6.54
N LEU A 155 -9.95 -5.72 7.60
CA LEU A 155 -9.25 -5.74 8.88
C LEU A 155 -9.36 -7.11 9.55
N LEU A 156 -10.42 -7.86 9.26
CA LEU A 156 -10.56 -9.19 9.83
C LEU A 156 -9.51 -10.14 9.25
N ARG A 157 -9.28 -10.06 7.94
CA ARG A 157 -8.34 -10.97 7.28
C ARG A 157 -6.89 -10.68 7.64
N GLU A 158 -6.58 -9.48 8.11
CA GLU A 158 -5.24 -9.23 8.62
C GLU A 158 -5.04 -9.89 9.97
N ARG A 159 -6.10 -10.00 10.77
CA ARG A 159 -6.02 -10.68 12.04
C ARG A 159 -5.96 -12.18 11.86
N LYS A 160 -6.74 -12.70 10.90
CA LYS A 160 -6.80 -14.13 10.63
C LYS A 160 -5.70 -14.59 9.68
N ARG A 161 -4.86 -13.68 9.18
CA ARG A 161 -3.80 -13.95 8.21
C ARG A 161 -4.33 -14.59 6.92
N LEU A 162 -5.51 -14.16 6.50
CA LEU A 162 -6.18 -14.75 5.35
C LEU A 162 -5.60 -14.14 4.08
N GLY A 163 -4.70 -14.87 3.42
CA GLY A 163 -4.21 -14.43 2.13
C GLY A 163 -5.07 -14.84 0.96
N VAL A 164 -6.11 -15.62 1.21
CA VAL A 164 -6.90 -16.23 0.15
C VAL A 164 -8.19 -15.44 -0.03
N PHE A 165 -8.63 -15.35 -1.28
CA PHE A 165 -9.84 -14.62 -1.62
C PHE A 165 -11.01 -15.59 -1.79
N GLY A 166 -12.19 -15.11 -1.45
CA GLY A 166 -13.39 -15.92 -1.57
C GLY A 166 -14.00 -16.22 -0.22
N ILE A 167 -14.72 -17.34 -0.12
CA ILE A 167 -15.36 -17.74 1.14
C ILE A 167 -14.26 -18.28 2.05
N THR A 168 -13.79 -17.46 2.97
CA THR A 168 -12.69 -17.85 3.84
C THR A 168 -13.19 -18.52 5.11
N SER A 169 -14.28 -18.02 5.68
CA SER A 169 -14.94 -18.65 6.82
C SER A 169 -16.41 -18.82 6.49
N TYR A 170 -16.97 -19.98 6.87
CA TYR A 170 -18.40 -20.20 6.76
C TYR A 170 -18.89 -20.85 8.04
N ASP A 171 -20.21 -20.84 8.22
CA ASP A 171 -20.84 -21.44 9.38
C ASP A 171 -21.79 -22.52 8.88
N PHE A 172 -21.95 -23.57 9.68
CA PHE A 172 -22.75 -24.72 9.29
C PHE A 172 -23.59 -25.18 10.46
N HIS A 173 -24.81 -25.60 10.14
CA HIS A 173 -25.75 -26.16 11.12
C HIS A 173 -26.18 -27.52 10.61
N SER A 174 -25.89 -28.55 11.41
CA SER A 174 -25.78 -29.92 10.93
C SER A 174 -27.10 -30.51 10.48
N GLU A 175 -28.06 -30.65 11.40
CA GLU A 175 -29.28 -31.41 11.10
C GLU A 175 -30.17 -30.67 10.11
N SER A 176 -30.18 -29.34 10.16
CA SER A 176 -30.86 -28.58 9.12
C SER A 176 -30.07 -28.54 7.83
N GLY A 177 -28.76 -28.81 7.88
CA GLY A 177 -27.92 -28.78 6.71
C GLY A 177 -27.74 -27.40 6.14
N LEU A 178 -27.65 -26.39 7.01
CA LEU A 178 -27.62 -24.98 6.60
C LEU A 178 -26.19 -24.48 6.53
N PHE A 179 -25.86 -23.84 5.41
CA PHE A 179 -24.54 -23.26 5.13
C PHE A 179 -24.69 -21.75 5.05
N LEU A 180 -24.32 -21.03 6.09
CA LEU A 180 -24.40 -19.58 6.07
C LEU A 180 -23.01 -19.04 5.82
N PHE A 181 -22.84 -18.28 4.73
CA PHE A 181 -21.52 -17.76 4.44
C PHE A 181 -21.58 -16.32 3.95
N GLN A 182 -20.40 -15.72 3.91
CA GLN A 182 -20.16 -14.36 3.45
C GLN A 182 -19.52 -14.39 2.07
N ALA A 183 -20.13 -13.66 1.13
CA ALA A 183 -19.63 -13.51 -0.22
C ALA A 183 -19.91 -12.07 -0.60
N SER A 184 -19.61 -11.69 -1.85
CA SER A 184 -18.81 -10.52 -2.24
C SER A 184 -18.96 -9.38 -1.22
N ASN A 185 -20.17 -8.88 -0.96
CA ASN A 185 -20.44 -7.89 0.09
C ASN A 185 -21.68 -8.21 0.91
N SER A 186 -22.03 -9.48 1.08
CA SER A 186 -23.40 -9.84 1.43
C SER A 186 -23.50 -11.23 2.02
N LEU A 187 -24.65 -11.56 2.58
CA LEU A 187 -24.83 -12.87 3.20
C LEU A 187 -25.56 -13.79 2.24
N PHE A 188 -25.21 -15.07 2.32
CA PHE A 188 -25.76 -16.08 1.43
C PHE A 188 -26.02 -17.34 2.23
N HIS A 189 -26.85 -18.19 1.65
CA HIS A 189 -27.11 -19.46 2.29
C HIS A 189 -27.57 -20.49 1.27
N CYS A 190 -27.55 -21.74 1.72
CA CYS A 190 -27.96 -22.92 0.98
C CYS A 190 -28.12 -24.03 2.00
N ARG A 191 -28.70 -25.15 1.57
CA ARG A 191 -28.90 -26.28 2.46
C ARG A 191 -28.74 -27.56 1.67
N ASP A 192 -28.25 -28.58 2.35
CA ASP A 192 -27.86 -29.84 1.71
C ASP A 192 -28.12 -31.01 2.64
N GLY A 193 -29.20 -31.75 2.36
CA GLY A 193 -29.48 -32.99 3.06
C GLY A 193 -29.93 -32.86 4.51
N GLY A 194 -30.82 -31.92 4.78
CA GLY A 194 -31.48 -31.87 6.07
C GLY A 194 -32.88 -32.43 5.94
N LYS A 195 -33.88 -31.56 5.93
CA LYS A 195 -35.20 -31.96 5.48
C LYS A 195 -35.26 -32.03 3.96
N ASN A 196 -34.33 -31.38 3.27
CA ASN A 196 -34.13 -31.57 1.84
C ASN A 196 -33.16 -32.72 1.64
N GLY A 197 -32.72 -32.94 0.41
CA GLY A 197 -31.88 -34.07 0.08
C GLY A 197 -30.46 -33.65 -0.30
N PHE A 198 -29.69 -34.65 -0.73
CA PHE A 198 -28.33 -34.45 -1.17
C PHE A 198 -28.31 -34.36 -2.70
N MET A 199 -28.11 -33.14 -3.21
CA MET A 199 -28.14 -32.89 -4.63
C MET A 199 -26.84 -33.33 -5.30
N VAL A 200 -26.90 -33.45 -6.62
CA VAL A 200 -25.75 -33.88 -7.43
C VAL A 200 -25.27 -32.76 -8.35
N SER A 201 -26.17 -31.96 -8.89
CA SER A 201 -25.76 -30.72 -9.55
C SER A 201 -25.65 -29.61 -8.50
N PRO A 202 -24.80 -28.61 -8.72
CA PRO A 202 -24.76 -27.48 -7.79
C PRO A 202 -25.86 -26.48 -8.08
N MET A 203 -26.39 -25.89 -7.02
CA MET A 203 -27.43 -24.87 -7.13
C MET A 203 -26.86 -23.52 -6.72
N LYS A 204 -27.52 -22.46 -7.17
CA LYS A 204 -27.09 -21.13 -6.78
C LYS A 204 -27.48 -20.84 -5.33
N PRO A 205 -26.65 -20.10 -4.59
CA PRO A 205 -26.97 -19.81 -3.19
C PRO A 205 -27.95 -18.67 -3.08
N LEU A 206 -28.91 -18.80 -2.17
CA LEU A 206 -29.87 -17.74 -1.96
C LEU A 206 -29.21 -16.54 -1.28
N GLU A 207 -29.51 -15.36 -1.81
CA GLU A 207 -29.16 -14.08 -1.22
C GLU A 207 -30.01 -13.82 0.02
N ILE A 208 -29.39 -13.25 1.04
CA ILE A 208 -30.12 -12.78 2.21
C ILE A 208 -30.17 -11.27 2.10
N LYS A 209 -31.33 -10.75 1.71
CA LYS A 209 -31.45 -9.31 1.56
C LYS A 209 -31.58 -8.66 2.93
N THR A 210 -31.25 -7.37 2.98
CA THR A 210 -31.31 -6.65 4.24
C THR A 210 -31.67 -5.20 3.98
N GLN A 211 -32.29 -4.58 4.98
CA GLN A 211 -32.47 -3.15 5.04
C GLN A 211 -31.27 -2.45 5.64
N CYS A 212 -30.31 -3.20 6.15
CA CYS A 212 -29.17 -2.64 6.84
C CYS A 212 -28.14 -2.09 5.84
N SER A 213 -27.53 -0.97 6.21
CA SER A 213 -26.52 -0.32 5.39
C SER A 213 -25.16 -0.55 6.05
N GLY A 214 -24.28 -1.26 5.36
CA GLY A 214 -23.00 -1.64 5.91
C GLY A 214 -22.79 -3.13 5.75
N PRO A 215 -21.58 -3.60 5.99
CA PRO A 215 -21.32 -5.03 5.94
C PRO A 215 -21.91 -5.74 7.15
N ARG A 216 -22.28 -7.00 6.94
CA ARG A 216 -22.85 -7.81 8.00
C ARG A 216 -21.77 -8.77 8.46
N MET A 217 -21.10 -8.40 9.54
CA MET A 217 -19.91 -9.10 10.00
C MET A 217 -20.30 -10.28 10.89
N ASP A 218 -19.48 -11.33 10.81
CA ASP A 218 -19.48 -12.45 11.75
C ASP A 218 -20.84 -13.15 11.87
N PRO A 219 -21.30 -13.83 10.82
CA PRO A 219 -22.60 -14.50 10.92
C PRO A 219 -22.50 -15.84 11.63
N LYS A 220 -23.48 -16.14 12.48
CA LYS A 220 -23.58 -17.42 13.16
C LYS A 220 -25.03 -17.86 13.16
N ILE A 221 -25.25 -19.13 12.85
CA ILE A 221 -26.58 -19.73 12.84
C ILE A 221 -26.96 -20.06 14.28
N CYS A 222 -28.20 -19.76 14.67
CA CYS A 222 -28.68 -20.21 15.97
C CYS A 222 -28.78 -21.73 16.01
N PRO A 223 -28.10 -22.40 16.94
CA PRO A 223 -28.13 -23.88 16.97
C PRO A 223 -29.48 -24.44 17.38
N ALA A 224 -30.15 -23.78 18.33
CA ALA A 224 -31.44 -24.25 18.81
C ALA A 224 -32.51 -24.12 17.74
N ASP A 225 -32.47 -23.04 16.98
CA ASP A 225 -33.42 -22.83 15.88
C ASP A 225 -32.67 -22.40 14.63
N PRO A 226 -32.55 -23.27 13.62
CA PRO A 226 -31.73 -22.91 12.44
C PRO A 226 -32.33 -21.84 11.57
N ALA A 227 -33.62 -21.54 11.70
CA ALA A 227 -34.24 -20.48 10.93
C ALA A 227 -33.67 -19.11 11.29
N PHE A 228 -33.20 -18.95 12.52
CA PHE A 228 -32.67 -17.69 13.00
C PHE A 228 -31.15 -17.67 12.92
N PHE A 229 -30.59 -16.51 12.63
CA PHE A 229 -29.15 -16.36 12.62
C PHE A 229 -28.81 -14.97 13.13
N SER A 230 -27.53 -14.67 13.21
CA SER A 230 -27.12 -13.40 13.79
C SER A 230 -25.82 -12.94 13.16
N PHE A 231 -25.60 -11.63 13.22
CA PHE A 231 -24.41 -11.04 12.64
C PHE A 231 -24.11 -9.72 13.34
N ILE A 232 -22.93 -9.17 13.06
CA ILE A 232 -22.59 -7.84 13.51
C ILE A 232 -22.88 -6.89 12.36
N ASN A 233 -23.51 -5.76 12.65
CA ASN A 233 -23.63 -4.66 11.70
C ASN A 233 -23.30 -3.36 12.40
N ASN A 234 -22.25 -2.69 11.91
CA ASN A 234 -21.74 -1.43 12.46
C ASN A 234 -21.54 -1.51 13.97
N SER A 235 -20.80 -2.54 14.35
CA SER A 235 -20.39 -2.86 15.72
C SER A 235 -21.56 -3.02 16.69
N ASP A 236 -22.69 -3.52 16.20
CA ASP A 236 -23.84 -3.87 17.03
C ASP A 236 -24.36 -5.22 16.61
N LEU A 237 -24.85 -5.97 17.58
CA LEU A 237 -25.37 -7.30 17.32
C LEU A 237 -26.77 -7.24 16.70
N TRP A 238 -26.93 -7.87 15.56
CA TRP A 238 -28.21 -8.04 14.88
C TRP A 238 -28.57 -9.52 14.85
N VAL A 239 -29.82 -9.78 14.49
CA VAL A 239 -30.36 -11.14 14.39
C VAL A 239 -31.38 -11.10 13.26
N ALA A 240 -31.48 -12.18 12.50
CA ALA A 240 -32.33 -12.20 11.32
C ALA A 240 -33.00 -13.56 11.22
N ASN A 241 -33.73 -13.77 10.13
CA ASN A 241 -34.36 -15.07 9.87
C ASN A 241 -34.33 -15.36 8.37
N ILE A 242 -34.08 -16.63 8.05
CA ILE A 242 -33.93 -17.09 6.67
C ILE A 242 -35.22 -16.99 5.89
N GLU A 243 -36.29 -17.63 6.37
CA GLU A 243 -37.49 -17.82 5.56
C GLU A 243 -38.30 -16.54 5.44
N THR A 244 -38.46 -15.82 6.56
CA THR A 244 -39.28 -14.61 6.56
C THR A 244 -38.49 -13.38 6.15
N GLY A 245 -37.17 -13.38 6.30
CA GLY A 245 -36.37 -12.25 5.94
C GLY A 245 -36.32 -11.13 6.95
N GLU A 246 -37.04 -11.26 8.07
CA GLU A 246 -37.10 -10.18 9.05
C GLU A 246 -35.82 -10.15 9.88
N GLU A 247 -35.31 -8.94 10.11
CA GLU A 247 -34.17 -8.68 10.97
C GLU A 247 -34.59 -7.91 12.21
N ARG A 248 -33.65 -7.79 13.15
CA ARG A 248 -33.86 -7.15 14.44
C ARG A 248 -32.53 -6.85 15.12
N ARG A 249 -32.28 -5.60 15.44
CA ARG A 249 -31.11 -5.23 16.21
C ARG A 249 -31.34 -5.64 17.67
N LEU A 250 -30.25 -5.98 18.36
CA LEU A 250 -30.36 -6.35 19.76
C LEU A 250 -29.61 -5.42 20.69
N THR A 251 -28.48 -4.86 20.26
CA THR A 251 -27.74 -3.93 21.10
C THR A 251 -27.72 -2.58 20.41
N PHE A 252 -27.76 -1.51 21.20
CA PHE A 252 -27.87 -0.16 20.69
C PHE A 252 -26.80 0.74 21.30
N CYS A 253 -25.58 0.22 21.40
CA CYS A 253 -24.49 1.02 21.94
C CYS A 253 -23.74 1.83 20.89
N HIS A 254 -23.92 1.52 19.61
CA HIS A 254 -23.24 2.23 18.54
C HIS A 254 -24.30 2.91 17.68
N GLN A 255 -23.93 4.07 17.12
CA GLN A 255 -24.91 4.89 16.43
C GLN A 255 -24.48 5.34 15.04
N GLY A 256 -23.21 5.19 14.66
CA GLY A 256 -22.75 5.63 13.36
C GLY A 256 -22.71 7.13 13.17
N LEU A 257 -22.24 7.86 14.18
CA LEU A 257 -22.18 9.31 14.09
C LEU A 257 -20.99 9.76 13.25
N SER A 258 -19.79 9.45 13.71
CA SER A 258 -18.53 9.98 13.19
C SER A 258 -17.48 8.91 13.41
N ASN A 259 -16.21 9.33 13.49
CA ASN A 259 -15.11 8.43 13.80
C ASN A 259 -15.27 7.78 15.18
N VAL A 260 -14.36 6.84 15.47
CA VAL A 260 -14.42 6.03 16.68
C VAL A 260 -14.06 6.84 17.92
N LEU A 261 -13.53 8.04 17.73
CA LEU A 261 -13.22 8.91 18.86
C LEU A 261 -14.47 9.48 19.51
N ASP A 262 -15.61 9.48 18.81
CA ASP A 262 -16.82 10.06 19.34
C ASP A 262 -17.96 9.07 19.53
N ASP A 263 -17.86 7.85 18.99
CA ASP A 263 -18.86 6.80 19.20
C ASP A 263 -18.13 5.54 19.63
N PRO A 264 -17.73 5.46 20.90
CA PRO A 264 -16.70 4.49 21.30
C PRO A 264 -17.23 3.13 21.72
N LYS A 265 -18.55 2.93 21.78
CA LYS A 265 -19.09 1.69 22.32
C LYS A 265 -19.44 0.72 21.21
N SER A 266 -18.92 -0.50 21.29
CA SER A 266 -19.16 -1.54 20.31
C SER A 266 -19.68 -2.75 21.05
N ALA A 267 -20.30 -3.70 20.33
CA ALA A 267 -20.83 -4.88 20.99
C ALA A 267 -20.89 -6.07 20.05
N GLY A 268 -20.54 -7.24 20.56
CA GLY A 268 -20.46 -8.43 19.74
C GLY A 268 -19.22 -8.52 18.88
N VAL A 269 -18.26 -7.61 19.08
CA VAL A 269 -17.02 -7.62 18.33
C VAL A 269 -15.88 -7.89 19.30
N ALA A 270 -14.83 -8.49 18.77
CA ALA A 270 -13.56 -8.54 19.47
C ALA A 270 -12.73 -7.36 19.01
N THR A 271 -12.18 -6.61 19.96
CA THR A 271 -11.34 -5.48 19.63
C THR A 271 -10.01 -5.95 19.06
N PHE A 272 -9.20 -4.98 18.60
CA PHE A 272 -7.88 -5.19 18.00
C PHE A 272 -7.01 -6.16 18.78
N VAL A 273 -6.72 -5.83 20.04
CA VAL A 273 -5.76 -6.60 20.83
C VAL A 273 -6.27 -8.01 21.11
N ILE A 274 -7.59 -8.19 21.19
CA ILE A 274 -8.17 -9.52 21.36
C ILE A 274 -8.05 -10.31 20.07
N GLN A 275 -8.41 -9.69 18.97
CA GLN A 275 -8.29 -10.39 17.73
C GLN A 275 -6.86 -10.62 17.49
N GLU A 276 -6.07 -9.60 17.75
CA GLU A 276 -4.66 -9.76 17.55
C GLU A 276 -3.95 -10.67 18.50
N GLU A 277 -4.17 -10.51 19.80
CA GLU A 277 -3.46 -11.31 20.78
C GLU A 277 -4.16 -12.48 21.42
N PHE A 278 -5.42 -12.69 21.11
CA PHE A 278 -6.14 -13.80 21.67
C PHE A 278 -6.92 -14.54 20.61
N ASP A 279 -6.39 -14.57 19.42
CA ASP A 279 -6.98 -15.36 18.31
C ASP A 279 -8.46 -15.58 18.63
N ARG A 280 -9.16 -14.49 18.90
CA ARG A 280 -10.61 -14.50 18.97
C ARG A 280 -11.13 -13.41 18.04
N PHE A 281 -12.01 -13.80 17.13
CA PHE A 281 -12.51 -12.87 16.13
C PHE A 281 -14.02 -12.76 16.22
N THR A 282 -14.58 -13.26 17.32
CA THR A 282 -16.00 -13.19 17.59
C THR A 282 -16.18 -12.62 18.99
N GLY A 283 -17.26 -11.89 19.19
CA GLY A 283 -17.54 -11.36 20.50
C GLY A 283 -18.95 -11.66 20.93
N TYR A 284 -19.60 -12.59 20.24
CA TYR A 284 -20.91 -13.08 20.65
C TYR A 284 -20.99 -14.57 20.40
N TRP A 285 -21.73 -15.24 21.29
CA TRP A 285 -21.84 -16.69 21.34
C TRP A 285 -23.31 -17.02 21.56
N TRP A 286 -23.90 -17.74 20.62
CA TRP A 286 -25.28 -18.19 20.73
C TRP A 286 -25.48 -19.15 21.89
N CYS A 287 -26.66 -19.06 22.53
CA CYS A 287 -26.99 -20.15 23.43
C CYS A 287 -27.45 -21.36 22.62
N PRO A 288 -26.84 -22.53 22.83
CA PRO A 288 -27.11 -23.68 21.94
C PRO A 288 -28.45 -24.34 22.18
N THR A 289 -29.16 -23.97 23.24
CA THR A 289 -30.48 -24.51 23.52
C THR A 289 -31.45 -23.35 23.68
N ALA A 290 -32.72 -23.65 23.51
CA ALA A 290 -33.78 -22.66 23.56
C ALA A 290 -34.57 -22.85 24.85
N SER A 291 -34.77 -21.76 25.58
CA SER A 291 -35.59 -21.80 26.77
C SER A 291 -37.01 -21.37 26.45
N TRP A 292 -37.94 -21.84 27.27
CA TRP A 292 -39.35 -21.58 27.07
C TRP A 292 -39.88 -20.90 28.32
N GLU A 293 -40.21 -19.61 28.20
CA GLU A 293 -40.65 -18.84 29.36
C GLU A 293 -42.02 -19.27 29.83
N GLY A 294 -42.82 -19.87 28.96
CA GLY A 294 -44.15 -20.33 29.33
C GLY A 294 -45.15 -19.24 29.59
N SER A 295 -45.01 -18.09 28.93
CA SER A 295 -46.05 -17.09 29.03
C SER A 295 -47.26 -17.52 28.22
N GLU A 296 -47.12 -17.56 26.89
CA GLU A 296 -48.13 -18.19 26.04
C GLU A 296 -47.53 -19.32 25.19
N GLY A 297 -46.58 -19.03 24.29
CA GLY A 297 -45.93 -20.07 23.51
C GLY A 297 -44.51 -19.73 23.13
N LEU A 298 -43.99 -18.67 23.72
CA LEU A 298 -42.87 -17.93 23.16
C LEU A 298 -41.53 -18.57 23.53
N LYS A 299 -40.71 -18.78 22.50
CA LYS A 299 -39.45 -19.50 22.59
C LYS A 299 -38.30 -18.51 22.73
N THR A 300 -37.68 -18.47 23.90
CA THR A 300 -36.57 -17.56 24.16
C THR A 300 -35.30 -18.10 23.49
N LEU A 301 -34.41 -17.18 23.13
CA LEU A 301 -33.13 -17.48 22.48
C LEU A 301 -32.11 -16.44 22.94
N ARG A 302 -31.16 -16.89 23.76
CA ARG A 302 -30.13 -16.03 24.33
C ARG A 302 -28.90 -15.92 23.43
N ILE A 303 -28.14 -14.86 23.64
CA ILE A 303 -26.80 -14.69 23.08
C ILE A 303 -25.94 -14.02 24.14
N LEU A 304 -24.77 -14.58 24.42
CA LEU A 304 -23.79 -13.90 25.26
C LEU A 304 -22.97 -13.01 24.35
N TYR A 305 -22.76 -11.75 24.73
CA TYR A 305 -21.93 -10.89 23.89
C TYR A 305 -21.04 -10.09 24.81
N GLU A 306 -20.00 -9.51 24.25
CA GLU A 306 -19.09 -8.70 25.04
C GLU A 306 -19.34 -7.24 24.69
N GLU A 307 -19.83 -6.48 25.66
CA GLU A 307 -19.86 -5.04 25.52
C GLU A 307 -18.47 -4.54 25.87
N VAL A 308 -18.01 -3.57 25.10
CA VAL A 308 -16.67 -3.02 25.29
C VAL A 308 -16.72 -1.49 25.19
N ASP A 309 -16.15 -0.84 26.21
CA ASP A 309 -16.00 0.61 26.32
C ASP A 309 -14.53 0.92 26.09
N GLU A 310 -14.19 1.15 24.83
CA GLU A 310 -12.85 1.61 24.47
C GLU A 310 -12.78 3.13 24.35
N SER A 311 -13.32 3.83 25.36
CA SER A 311 -13.26 5.29 25.36
C SER A 311 -11.90 5.79 25.79
N GLU A 312 -11.32 5.15 26.80
CA GLU A 312 -10.06 5.58 27.40
C GLU A 312 -8.86 4.95 26.73
N VAL A 313 -9.00 4.52 25.48
CA VAL A 313 -7.97 3.80 24.75
C VAL A 313 -7.35 4.76 23.76
N GLU A 314 -6.02 4.74 23.67
CA GLU A 314 -5.31 5.69 22.82
C GLU A 314 -5.63 5.47 21.36
N VAL A 315 -5.99 6.55 20.69
CA VAL A 315 -6.37 6.50 19.29
C VAL A 315 -5.15 6.87 18.47
N ILE A 316 -4.89 6.10 17.43
CA ILE A 316 -3.75 6.27 16.55
C ILE A 316 -4.27 6.36 15.13
N HIS A 317 -3.64 7.19 14.32
CA HIS A 317 -4.02 7.28 12.91
C HIS A 317 -3.01 6.49 12.09
N VAL A 318 -3.54 5.61 11.24
CA VAL A 318 -2.74 4.81 10.30
C VAL A 318 -3.30 5.10 8.91
N PRO A 319 -2.44 5.32 7.91
CA PRO A 319 -2.90 5.55 6.53
C PRO A 319 -3.85 4.50 5.97
N SER A 320 -4.81 4.97 5.18
CA SER A 320 -5.76 4.12 4.50
C SER A 320 -5.16 3.53 3.23
N PRO A 321 -5.65 2.37 2.77
CA PRO A 321 -5.23 1.82 1.48
C PRO A 321 -5.48 2.72 0.27
N ALA A 322 -6.55 3.49 0.27
CA ALA A 322 -6.82 4.40 -0.84
C ALA A 322 -5.91 5.60 -0.62
N LEU A 323 -4.69 5.50 -1.15
CA LEU A 323 -3.65 6.48 -0.87
C LEU A 323 -3.96 7.84 -1.49
N GLU A 324 -4.67 7.83 -2.62
CA GLU A 324 -5.04 9.06 -3.32
C GLU A 324 -5.90 9.97 -2.45
N GLU A 325 -6.85 9.39 -1.72
CA GLU A 325 -7.76 10.19 -0.90
C GLU A 325 -7.06 10.84 0.28
N ARG A 326 -5.88 10.33 0.66
CA ARG A 326 -4.97 10.93 1.65
C ARG A 326 -5.58 11.16 3.03
N LYS A 327 -6.46 10.25 3.44
CA LYS A 327 -6.85 10.27 4.85
C LYS A 327 -6.28 9.05 5.55
N THR A 328 -6.32 9.11 6.87
CA THR A 328 -5.94 8.01 7.74
C THR A 328 -7.20 7.36 8.25
N ASP A 329 -7.02 6.30 9.03
CA ASP A 329 -8.06 5.71 9.83
C ASP A 329 -7.64 5.73 11.29
N SER A 330 -8.58 6.13 12.15
CA SER A 330 -8.37 6.02 13.58
C SER A 330 -8.44 4.56 14.01
N TYR A 331 -7.60 4.20 14.99
CA TYR A 331 -7.52 2.86 15.53
C TYR A 331 -7.37 2.97 17.05
N ARG A 332 -8.28 2.34 17.79
CA ARG A 332 -8.17 2.27 19.24
C ARG A 332 -7.10 1.23 19.58
N TYR A 333 -5.85 1.68 19.59
CA TYR A 333 -4.71 0.80 19.75
C TYR A 333 -4.12 0.93 21.15
N PRO A 334 -4.34 -0.04 22.04
CA PRO A 334 -3.90 0.13 23.44
C PRO A 334 -2.40 -0.11 23.57
N ARG A 335 -1.65 0.96 23.82
CA ARG A 335 -0.24 0.78 24.14
C ARG A 335 -0.07 0.17 25.51
N THR A 336 1.11 -0.44 25.71
CA THR A 336 1.56 -0.81 27.04
C THR A 336 1.67 0.42 27.93
N GLY A 337 1.26 0.26 29.19
CA GLY A 337 1.14 1.43 30.05
C GLY A 337 -0.19 2.13 29.91
N SER A 338 -0.65 2.32 28.68
CA SER A 338 -1.95 2.92 28.43
C SER A 338 -3.06 1.97 28.80
N LYS A 339 -4.27 2.51 28.86
CA LYS A 339 -5.41 1.78 29.37
C LYS A 339 -5.96 0.84 28.32
N ASN A 340 -6.33 -0.36 28.76
CA ASN A 340 -7.01 -1.32 27.91
C ASN A 340 -8.48 -0.93 27.82
N PRO A 341 -9.22 -1.52 26.87
CA PRO A 341 -10.66 -1.28 26.83
C PRO A 341 -11.35 -1.86 28.05
N LYS A 342 -12.42 -1.20 28.49
CA LYS A 342 -13.16 -1.64 29.67
C LYS A 342 -14.28 -2.58 29.23
N ILE A 343 -14.17 -3.84 29.61
CA ILE A 343 -14.96 -4.90 29.02
C ILE A 343 -16.11 -5.24 29.96
N ALA A 344 -17.06 -6.03 29.45
CA ALA A 344 -18.18 -6.57 30.21
C ALA A 344 -18.90 -7.58 29.34
N LEU A 345 -19.47 -8.58 30.00
CA LEU A 345 -20.30 -9.59 29.34
C LEU A 345 -21.76 -9.28 29.57
N LYS A 346 -22.61 -9.63 28.60
CA LYS A 346 -24.00 -9.20 28.64
C LYS A 346 -24.79 -10.28 27.92
N LEU A 347 -26.01 -10.48 28.37
CA LEU A 347 -26.92 -11.44 27.78
C LEU A 347 -28.03 -10.75 26.96
N ALA A 348 -28.09 -11.03 25.67
CA ALA A 348 -29.16 -10.56 24.78
C ALA A 348 -30.18 -11.63 24.41
N GLU A 349 -31.38 -11.53 24.97
CA GLU A 349 -32.43 -12.50 24.69
C GLU A 349 -33.37 -11.93 23.66
N PHE A 350 -34.17 -12.84 23.12
CA PHE A 350 -35.32 -12.46 22.33
C PHE A 350 -36.20 -13.69 22.32
N GLN A 351 -37.43 -13.51 21.86
CA GLN A 351 -38.39 -14.60 21.88
C GLN A 351 -39.00 -14.73 20.50
N THR A 352 -39.68 -15.85 20.26
CA THR A 352 -40.20 -16.17 18.94
C THR A 352 -41.54 -16.86 19.09
N ASP A 353 -42.43 -16.55 18.15
CA ASP A 353 -43.67 -17.28 17.98
C ASP A 353 -43.38 -18.62 17.31
N SER A 354 -44.43 -19.45 17.22
CA SER A 354 -44.35 -20.66 16.42
C SER A 354 -44.16 -20.37 14.93
N GLN A 355 -44.64 -19.22 14.46
CA GLN A 355 -44.43 -18.81 13.08
C GLN A 355 -43.02 -18.31 12.81
N GLY A 356 -42.28 -17.94 13.85
CA GLY A 356 -40.90 -17.54 13.67
C GLY A 356 -40.71 -16.05 13.49
N LYS A 357 -41.22 -15.26 14.45
CA LYS A 357 -41.10 -13.82 14.43
C LYS A 357 -40.52 -13.34 15.75
N ILE A 358 -39.55 -12.44 15.70
CA ILE A 358 -38.94 -11.93 16.92
C ILE A 358 -39.89 -10.89 17.51
N VAL A 359 -40.78 -11.36 18.37
CA VAL A 359 -41.78 -10.49 19.01
C VAL A 359 -41.11 -9.56 20.03
N SER A 360 -40.51 -10.11 21.08
CA SER A 360 -39.84 -9.29 22.07
C SER A 360 -38.33 -9.41 21.93
N THR A 361 -37.61 -8.56 22.64
CA THR A 361 -36.16 -8.55 22.71
C THR A 361 -35.83 -8.03 24.10
N GLN A 362 -34.58 -8.21 24.56
CA GLN A 362 -34.19 -7.75 25.90
C GLN A 362 -32.68 -7.83 26.12
N GLU A 363 -32.06 -6.70 26.40
CA GLU A 363 -30.70 -6.64 26.90
C GLU A 363 -30.68 -6.97 28.39
N LYS A 364 -29.70 -7.76 28.80
CA LYS A 364 -29.47 -8.08 30.20
C LYS A 364 -28.01 -7.89 30.54
N GLU A 365 -27.76 -7.59 31.82
CA GLU A 365 -26.45 -7.28 32.33
C GLU A 365 -26.33 -7.89 33.71
N LEU A 366 -25.08 -8.09 34.15
CA LEU A 366 -24.83 -8.75 35.42
C LEU A 366 -25.34 -7.88 36.55
N VAL A 367 -25.81 -8.55 37.62
CA VAL A 367 -26.52 -7.86 38.69
C VAL A 367 -25.61 -6.91 39.45
N GLN A 368 -24.33 -7.21 39.53
CA GLN A 368 -23.33 -6.24 39.88
C GLN A 368 -22.58 -5.82 38.63
N PRO A 369 -21.86 -4.67 38.66
CA PRO A 369 -20.98 -4.33 37.53
C PRO A 369 -19.92 -5.39 37.28
N PHE A 370 -19.47 -5.51 36.03
CA PHE A 370 -18.47 -6.52 35.68
C PHE A 370 -17.14 -6.23 36.37
N SER A 371 -16.69 -4.98 36.31
CA SER A 371 -15.43 -4.57 36.93
C SER A 371 -15.41 -4.80 38.44
N SER A 372 -16.57 -4.74 39.08
CA SER A 372 -16.68 -4.94 40.53
C SER A 372 -16.89 -6.40 40.91
N LEU A 373 -17.70 -7.13 40.14
CA LEU A 373 -17.85 -8.56 40.33
C LEU A 373 -16.59 -9.35 40.01
N PHE A 374 -15.78 -8.87 39.08
CA PHE A 374 -14.53 -9.51 38.70
C PHE A 374 -13.43 -8.46 38.70
N PRO A 375 -12.95 -8.08 39.89
CA PRO A 375 -11.82 -7.14 39.95
C PRO A 375 -10.55 -7.79 39.41
N LYS A 376 -9.62 -6.93 38.99
CA LYS A 376 -8.32 -7.26 38.38
C LYS A 376 -8.46 -8.12 37.10
N VAL A 377 -9.65 -8.16 36.52
CA VAL A 377 -9.92 -8.89 35.28
C VAL A 377 -9.87 -7.87 34.16
N GLU A 378 -8.91 -8.04 33.26
CA GLU A 378 -8.76 -7.09 32.17
C GLU A 378 -9.27 -7.65 30.86
N TYR A 379 -9.08 -8.95 30.61
CA TYR A 379 -9.30 -9.51 29.28
C TYR A 379 -10.24 -10.70 29.32
N ILE A 380 -11.16 -10.75 28.36
CA ILE A 380 -11.94 -11.95 28.07
C ILE A 380 -11.18 -12.69 26.97
N ALA A 381 -10.38 -13.68 27.35
CA ALA A 381 -9.68 -14.49 26.36
C ALA A 381 -10.66 -15.22 25.44
N ARG A 382 -11.55 -16.00 26.03
CA ARG A 382 -12.53 -16.81 25.32
C ARG A 382 -13.82 -16.81 26.12
N ALA A 383 -14.88 -17.29 25.49
CA ALA A 383 -16.18 -17.43 26.14
C ALA A 383 -17.03 -18.33 25.25
N GLY A 384 -18.12 -18.81 25.83
CA GLY A 384 -19.08 -19.62 25.12
C GLY A 384 -20.16 -20.10 26.05
N TRP A 385 -20.71 -21.28 25.77
CA TRP A 385 -21.77 -21.84 26.58
C TRP A 385 -21.52 -23.33 26.77
N THR A 386 -22.07 -23.88 27.85
CA THR A 386 -22.19 -25.31 27.97
C THR A 386 -23.24 -25.80 26.98
N ARG A 387 -23.13 -27.08 26.59
CA ARG A 387 -23.96 -27.61 25.51
C ARG A 387 -25.44 -27.62 25.87
N ASP A 388 -25.76 -27.97 27.12
CA ASP A 388 -27.14 -27.93 27.57
C ASP A 388 -27.68 -26.52 27.76
N GLY A 389 -26.81 -25.52 27.88
CA GLY A 389 -27.25 -24.14 28.01
C GLY A 389 -27.28 -23.61 29.42
N LYS A 390 -26.91 -24.42 30.41
CA LYS A 390 -27.12 -24.06 31.81
C LYS A 390 -26.21 -22.92 32.23
N TYR A 391 -24.95 -22.96 31.80
CA TYR A 391 -23.99 -21.91 32.13
C TYR A 391 -23.34 -21.35 30.87
N ALA A 392 -23.05 -20.05 30.91
CA ALA A 392 -22.25 -19.40 29.87
C ALA A 392 -20.84 -19.27 30.42
N TRP A 393 -19.88 -19.93 29.81
CA TRP A 393 -18.54 -19.86 30.38
C TRP A 393 -17.76 -18.71 29.77
N ALA A 394 -16.70 -18.32 30.46
CA ALA A 394 -15.81 -17.27 29.99
C ALA A 394 -14.48 -17.43 30.69
N MET A 395 -13.42 -17.34 29.91
CA MET A 395 -12.05 -17.29 30.39
C MET A 395 -11.61 -15.85 30.58
N PHE A 396 -11.34 -15.45 31.81
CA PHE A 396 -10.82 -14.13 32.14
C PHE A 396 -9.31 -14.14 32.32
N LEU A 397 -8.72 -12.94 32.33
CA LEU A 397 -7.27 -12.76 32.39
C LEU A 397 -6.92 -11.41 33.00
N ASP A 398 -5.80 -11.40 33.71
CA ASP A 398 -5.22 -10.24 34.36
C ASP A 398 -4.34 -9.46 33.39
N ARG A 399 -4.07 -8.19 33.73
CA ARG A 399 -3.20 -7.35 32.90
C ARG A 399 -1.76 -7.84 32.76
N PRO A 400 -1.06 -8.36 33.80
CA PRO A 400 0.22 -9.03 33.52
C PRO A 400 0.08 -10.30 32.73
N GLN A 401 -1.13 -10.87 32.68
CA GLN A 401 -1.46 -12.16 32.08
C GLN A 401 -0.66 -13.28 32.75
N GLN A 402 -0.58 -13.18 34.07
CA GLN A 402 -0.01 -14.24 34.89
C GLN A 402 -1.10 -14.91 35.71
N TRP A 403 -2.36 -14.62 35.37
CA TRP A 403 -3.48 -14.98 36.23
C TRP A 403 -4.71 -15.14 35.33
N LEU A 404 -5.06 -16.39 35.09
CA LEU A 404 -6.16 -16.83 34.25
C LEU A 404 -7.23 -17.39 35.16
N GLN A 405 -8.51 -17.06 34.92
CA GLN A 405 -9.49 -17.90 35.60
C GLN A 405 -10.76 -18.08 34.79
N LEU A 406 -11.22 -19.32 34.79
CA LEU A 406 -12.40 -19.76 34.07
C LEU A 406 -13.60 -19.46 34.95
N VAL A 407 -14.70 -18.96 34.38
CA VAL A 407 -15.89 -18.63 35.17
C VAL A 407 -17.13 -19.11 34.44
N LEU A 408 -18.14 -19.57 35.18
CA LEU A 408 -19.46 -19.88 34.63
C LEU A 408 -20.44 -18.81 35.05
N LEU A 409 -21.18 -18.27 34.08
CA LEU A 409 -22.21 -17.26 34.30
C LEU A 409 -23.57 -17.81 33.90
N PRO A 410 -24.36 -18.29 34.84
CA PRO A 410 -25.71 -18.78 34.52
C PRO A 410 -26.62 -17.64 34.12
N PRO A 411 -27.43 -17.81 33.06
CA PRO A 411 -28.29 -16.72 32.54
C PRO A 411 -29.17 -15.99 33.54
N ALA A 412 -29.55 -16.62 34.65
CA ALA A 412 -30.29 -15.91 35.69
C ALA A 412 -29.43 -14.90 36.45
N LEU A 413 -28.10 -15.04 36.44
CA LEU A 413 -27.20 -14.00 36.98
C LEU A 413 -27.32 -12.67 36.25
N PHE A 414 -27.82 -12.66 35.03
CA PHE A 414 -27.99 -11.43 34.27
C PHE A 414 -29.41 -10.94 34.50
N ILE A 415 -29.53 -9.84 35.24
CA ILE A 415 -30.80 -9.12 35.41
C ILE A 415 -31.02 -8.29 34.15
N PRO A 416 -32.24 -7.82 33.87
CA PRO A 416 -32.44 -6.80 32.83
C PRO A 416 -31.67 -5.51 33.09
N SER A 417 -31.53 -4.72 32.03
CA SER A 417 -30.84 -3.44 32.08
C SER A 417 -31.80 -2.34 31.67
N THR A 418 -32.10 -1.45 32.61
CA THR A 418 -32.90 -0.27 32.31
C THR A 418 -32.37 0.82 33.23
N GLU A 419 -32.54 2.08 32.82
CA GLU A 419 -31.84 3.21 33.45
C GLU A 419 -32.35 3.50 34.86
N ASN A 420 -33.58 3.08 35.19
CA ASN A 420 -34.15 3.36 36.51
C ASN A 420 -33.58 2.42 37.56
N GLU A 421 -32.90 3.02 38.54
CA GLU A 421 -32.23 2.29 39.62
C GLU A 421 -33.23 1.59 40.55
N GLU A 422 -34.53 1.88 40.45
CA GLU A 422 -35.43 1.10 41.29
C GLU A 422 -35.90 -0.18 40.59
N GLN A 423 -36.18 -0.13 39.28
CA GLN A 423 -36.34 -1.36 38.51
C GLN A 423 -35.10 -2.25 38.59
N ARG A 424 -33.91 -1.62 38.63
CA ARG A 424 -32.67 -2.40 38.74
C ARG A 424 -32.65 -3.14 40.07
N LEU A 425 -32.94 -2.43 41.16
CA LEU A 425 -33.01 -3.06 42.49
C LEU A 425 -34.09 -4.14 42.50
N ALA A 426 -35.22 -3.87 41.85
CA ALA A 426 -36.36 -4.79 41.75
C ALA A 426 -35.93 -6.15 41.19
N SER A 427 -35.21 -6.13 40.06
CA SER A 427 -34.76 -7.41 39.53
C SER A 427 -33.49 -7.93 40.19
N ALA A 428 -32.75 -7.07 40.89
CA ALA A 428 -31.71 -7.54 41.79
C ALA A 428 -32.30 -8.33 42.96
N ARG A 429 -33.46 -7.90 43.46
CA ARG A 429 -34.19 -8.72 44.43
C ARG A 429 -34.71 -10.00 43.77
N ALA A 430 -35.19 -9.89 42.52
CA ALA A 430 -35.78 -11.02 41.81
C ALA A 430 -34.79 -12.14 41.49
N VAL A 431 -33.49 -11.84 41.38
CA VAL A 431 -32.54 -12.92 41.05
C VAL A 431 -32.40 -13.86 42.25
N PRO A 432 -32.44 -15.18 42.04
CA PRO A 432 -32.23 -16.14 43.13
C PRO A 432 -30.89 -15.98 43.83
N ARG A 433 -30.92 -16.15 45.15
CA ARG A 433 -29.72 -16.03 45.98
C ARG A 433 -28.68 -17.09 45.66
N ASN A 434 -29.12 -18.30 45.30
CA ASN A 434 -28.19 -19.41 45.06
C ASN A 434 -27.35 -19.18 43.80
N VAL A 435 -27.95 -18.58 42.77
CA VAL A 435 -27.26 -18.28 41.52
C VAL A 435 -26.06 -17.37 41.77
N GLN A 436 -24.91 -17.75 41.22
CA GLN A 436 -23.68 -16.99 41.40
C GLN A 436 -22.75 -17.26 40.23
N PRO A 437 -21.63 -16.55 40.08
CA PRO A 437 -20.60 -17.05 39.16
C PRO A 437 -19.71 -18.06 39.83
N TYR A 438 -19.41 -19.15 39.13
CA TYR A 438 -18.56 -20.20 39.67
C TYR A 438 -17.21 -20.15 38.98
N VAL A 439 -16.19 -19.68 39.70
CA VAL A 439 -14.82 -19.75 39.21
C VAL A 439 -14.38 -21.20 39.26
N VAL A 440 -14.36 -21.89 38.13
CA VAL A 440 -14.11 -23.33 38.19
C VAL A 440 -12.62 -23.60 38.30
N TYR A 441 -11.80 -22.89 37.54
CA TYR A 441 -10.39 -23.19 37.44
C TYR A 441 -9.63 -21.88 37.47
N GLU A 442 -8.48 -21.86 38.11
CA GLU A 442 -7.71 -20.62 38.26
C GLU A 442 -6.24 -20.95 38.07
N GLU A 443 -5.72 -20.63 36.88
CA GLU A 443 -4.31 -20.85 36.59
C GLU A 443 -3.51 -19.62 36.99
N VAL A 444 -2.48 -19.83 37.80
CA VAL A 444 -1.60 -18.75 38.23
C VAL A 444 -0.19 -19.17 37.85
N THR A 445 0.61 -18.22 37.38
CA THR A 445 1.95 -18.57 36.94
C THR A 445 2.91 -17.45 37.20
N ASN A 446 4.19 -17.78 37.18
CA ASN A 446 5.25 -16.80 37.40
C ASN A 446 5.82 -16.21 36.12
N VAL A 447 5.45 -16.73 34.95
CA VAL A 447 5.91 -16.10 33.71
C VAL A 447 4.78 -15.45 32.91
N TRP A 448 3.85 -16.23 32.34
CA TRP A 448 2.69 -15.69 31.64
C TRP A 448 1.70 -16.80 31.33
N ILE A 449 0.44 -16.42 31.18
CA ILE A 449 -0.62 -17.33 30.74
C ILE A 449 -0.60 -17.41 29.22
N ASN A 450 -0.56 -18.61 28.69
CA ASN A 450 -0.87 -18.84 27.28
C ASN A 450 -2.35 -19.16 27.17
N VAL A 451 -3.05 -18.49 26.26
CA VAL A 451 -4.47 -18.73 26.08
C VAL A 451 -4.66 -20.03 25.31
N HIS A 452 -5.26 -21.01 25.96
CA HIS A 452 -5.68 -22.26 25.35
C HIS A 452 -7.19 -22.29 25.33
N ASP A 453 -7.79 -22.44 24.15
CA ASP A 453 -9.24 -22.35 24.01
C ASP A 453 -9.95 -23.62 24.47
N ILE A 454 -9.22 -24.66 24.84
CA ILE A 454 -9.76 -25.95 25.22
C ILE A 454 -10.50 -25.82 26.56
N PHE A 455 -11.82 -25.96 26.52
CA PHE A 455 -12.65 -26.06 27.72
C PHE A 455 -13.39 -27.38 27.83
N TYR A 456 -14.23 -27.63 26.83
CA TYR A 456 -15.16 -28.76 26.75
C TYR A 456 -15.87 -29.14 28.05
N PRO A 457 -17.14 -28.74 28.20
CA PRO A 457 -17.89 -29.15 29.38
C PRO A 457 -18.62 -30.43 29.09
N PHE A 458 -18.89 -31.20 30.13
CA PHE A 458 -19.66 -32.41 29.97
C PHE A 458 -21.09 -32.16 30.39
N PRO A 459 -22.03 -33.03 29.99
CA PRO A 459 -23.38 -32.93 30.55
C PRO A 459 -23.40 -33.15 32.05
N GLN A 460 -24.26 -32.41 32.72
CA GLN A 460 -24.28 -32.36 34.18
C GLN A 460 -25.49 -33.07 34.76
N SER A 461 -26.23 -33.84 33.96
CA SER A 461 -27.51 -34.40 34.39
C SER A 461 -27.37 -35.53 35.42
N GLU A 462 -26.15 -36.02 35.66
CA GLU A 462 -25.92 -37.02 36.70
C GLU A 462 -25.53 -36.29 37.97
N GLY A 463 -26.52 -36.00 38.82
CA GLY A 463 -26.21 -35.29 40.05
C GLY A 463 -25.85 -33.83 39.82
N GLU A 464 -26.85 -32.97 39.58
CA GLU A 464 -26.65 -31.71 38.87
C GLU A 464 -25.89 -30.64 39.66
N ASP A 465 -24.70 -31.00 40.12
CA ASP A 465 -23.62 -30.09 40.43
C ASP A 465 -22.37 -30.83 39.96
N GLU A 466 -21.19 -30.44 40.47
CA GLU A 466 -19.91 -31.11 40.22
C GLU A 466 -19.56 -31.08 38.72
N LEU A 467 -19.29 -29.86 38.24
CA LEU A 467 -19.00 -29.67 36.81
C LEU A 467 -17.69 -30.34 36.41
N CYS A 468 -17.76 -31.11 35.33
CA CYS A 468 -16.65 -31.84 34.75
C CYS A 468 -16.30 -31.27 33.38
N PHE A 469 -15.03 -30.92 33.20
CA PHE A 469 -14.59 -30.37 31.92
C PHE A 469 -13.21 -30.93 31.58
N LEU A 470 -12.80 -30.72 30.32
CA LEU A 470 -11.43 -31.02 29.87
C LEU A 470 -10.63 -29.74 29.65
N ARG A 471 -9.82 -29.37 30.63
CA ARG A 471 -9.06 -28.13 30.55
C ARG A 471 -7.57 -28.34 30.34
N ALA A 472 -7.03 -27.65 29.33
CA ALA A 472 -5.60 -27.60 29.06
C ALA A 472 -4.90 -26.68 30.05
N ASN A 473 -3.79 -27.11 30.63
CA ASN A 473 -3.07 -26.29 31.62
C ASN A 473 -1.57 -26.44 31.35
N GLU A 474 -0.98 -25.41 30.77
CA GLU A 474 0.45 -25.38 30.54
C GLU A 474 1.25 -24.86 31.73
N CYS A 475 0.68 -23.96 32.52
CA CYS A 475 1.36 -23.35 33.65
C CYS A 475 1.68 -24.31 34.79
N LYS A 476 0.87 -25.35 34.97
CA LYS A 476 1.07 -26.35 36.01
C LYS A 476 2.39 -27.10 35.90
N THR A 477 2.56 -27.88 34.84
CA THR A 477 3.77 -28.69 34.68
C THR A 477 4.81 -28.04 33.78
N GLY A 478 4.49 -26.95 33.09
CA GLY A 478 5.37 -26.33 32.13
C GLY A 478 5.00 -26.64 30.70
N PHE A 479 4.16 -27.63 30.47
CA PHE A 479 3.78 -28.05 29.12
C PHE A 479 2.26 -28.12 29.04
N CYS A 480 1.71 -27.72 27.90
CA CYS A 480 0.27 -27.77 27.68
C CYS A 480 -0.23 -29.20 27.65
N HIS A 481 -0.96 -29.59 28.68
CA HIS A 481 -1.45 -30.96 28.82
C HIS A 481 -2.94 -30.93 29.11
N LEU A 482 -3.66 -31.93 28.62
CA LEU A 482 -5.08 -32.01 28.92
C LEU A 482 -5.30 -32.49 30.35
N TYR A 483 -6.41 -32.06 30.95
CA TYR A 483 -6.79 -32.55 32.25
C TYR A 483 -8.29 -32.74 32.23
N LYS A 484 -8.77 -33.67 33.02
CA LYS A 484 -10.17 -33.72 33.40
C LYS A 484 -10.25 -33.12 34.79
N VAL A 485 -11.06 -32.08 34.94
CA VAL A 485 -11.19 -31.35 36.18
C VAL A 485 -12.65 -31.34 36.59
N THR A 486 -12.90 -31.69 37.85
CA THR A 486 -14.23 -31.65 38.45
C THR A 486 -14.19 -30.60 39.54
N ALA A 487 -14.90 -29.50 39.35
CA ALA A 487 -15.02 -28.51 40.40
C ALA A 487 -16.36 -28.64 41.11
N VAL A 488 -16.45 -28.01 42.28
CA VAL A 488 -17.60 -28.16 43.18
C VAL A 488 -18.38 -26.86 43.14
N LEU A 489 -19.56 -26.91 42.53
CA LEU A 489 -20.42 -25.74 42.42
C LEU A 489 -21.42 -25.75 43.57
N LYS A 490 -20.97 -25.25 44.72
CA LYS A 490 -21.83 -25.11 45.89
C LYS A 490 -22.11 -23.62 46.10
N SER A 491 -23.38 -23.27 46.21
CA SER A 491 -23.77 -21.88 46.33
C SER A 491 -23.46 -21.36 47.73
N GLN A 492 -22.78 -20.22 47.80
CA GLN A 492 -22.49 -19.59 49.08
C GLN A 492 -23.60 -18.65 49.52
N GLY A 493 -24.40 -18.14 48.59
CA GLY A 493 -25.52 -17.29 48.91
C GLY A 493 -25.14 -15.83 48.93
N TYR A 494 -25.57 -15.07 47.94
CA TYR A 494 -25.16 -13.67 47.79
C TYR A 494 -26.38 -12.76 47.74
N ASP A 495 -26.31 -11.67 48.49
CA ASP A 495 -27.35 -10.63 48.46
C ASP A 495 -26.96 -9.80 47.25
N TRP A 496 -27.59 -10.07 46.12
CA TRP A 496 -27.19 -9.45 44.86
C TRP A 496 -27.72 -8.03 44.69
N SER A 497 -28.60 -7.57 45.57
CA SER A 497 -29.05 -6.19 45.52
C SER A 497 -28.00 -5.24 46.08
N GLU A 498 -27.47 -5.56 47.26
CA GLU A 498 -26.43 -4.76 47.86
C GLU A 498 -25.12 -4.96 47.10
N PRO A 499 -24.35 -3.89 46.90
CA PRO A 499 -23.06 -4.04 46.20
C PRO A 499 -21.91 -4.37 47.14
N PHE A 500 -21.21 -5.46 46.87
CA PHE A 500 -20.12 -5.93 47.71
C PHE A 500 -18.82 -6.00 46.92
N SER A 501 -17.73 -6.10 47.66
CA SER A 501 -16.48 -6.37 46.96
C SER A 501 -16.07 -7.82 47.18
N PRO A 502 -15.94 -8.58 46.09
CA PRO A 502 -15.38 -9.93 46.17
C PRO A 502 -13.94 -9.91 46.66
N GLY A 503 -13.58 -10.97 47.39
CA GLY A 503 -12.23 -11.14 47.88
C GLY A 503 -11.34 -11.81 46.85
N GLU A 504 -10.16 -12.21 47.30
CA GLU A 504 -9.18 -12.80 46.40
C GLU A 504 -9.56 -14.23 46.01
N ASP A 505 -10.31 -14.92 46.86
CA ASP A 505 -10.78 -16.27 46.56
C ASP A 505 -12.30 -16.36 46.73
N GLU A 506 -13.02 -15.40 46.16
CA GLU A 506 -14.44 -15.24 46.47
C GLU A 506 -15.31 -16.33 45.85
N PHE A 507 -15.34 -16.37 44.52
CA PHE A 507 -16.14 -17.35 43.80
C PHE A 507 -15.37 -18.61 43.45
N LYS A 508 -14.15 -18.77 43.95
CA LYS A 508 -13.30 -19.88 43.60
C LYS A 508 -13.85 -21.20 44.15
N CYS A 509 -14.22 -22.10 43.26
CA CYS A 509 -14.71 -23.42 43.61
C CYS A 509 -13.58 -24.36 44.02
N PRO A 510 -13.82 -25.25 44.97
CA PRO A 510 -12.86 -26.32 45.24
C PRO A 510 -12.97 -27.43 44.22
N ILE A 511 -11.85 -28.08 43.97
CA ILE A 511 -11.76 -29.13 42.96
C ILE A 511 -11.94 -30.49 43.62
N LYS A 512 -12.83 -31.32 43.06
CA LYS A 512 -12.90 -32.72 43.49
C LYS A 512 -11.64 -33.47 43.09
N GLU A 513 -11.33 -33.47 41.80
CA GLU A 513 -10.14 -34.11 41.30
C GLU A 513 -9.73 -33.43 40.01
N GLU A 514 -8.44 -33.59 39.68
CA GLU A 514 -7.84 -33.01 38.49
C GLU A 514 -6.89 -34.06 37.89
N ILE A 515 -7.46 -35.11 37.32
CA ILE A 515 -6.67 -36.13 36.63
C ILE A 515 -6.02 -35.53 35.38
N ALA A 516 -4.76 -35.86 35.17
CA ALA A 516 -4.01 -35.41 34.00
C ALA A 516 -4.08 -36.48 32.93
N LEU A 517 -4.70 -36.15 31.80
CA LEU A 517 -4.84 -37.14 30.74
C LEU A 517 -3.56 -37.35 29.95
N THR A 518 -2.68 -36.34 29.91
CA THR A 518 -1.42 -36.44 29.22
C THR A 518 -0.33 -35.91 30.14
N SER A 519 0.90 -36.37 29.93
CA SER A 519 2.03 -35.94 30.74
C SER A 519 3.32 -36.19 29.98
N GLY A 520 4.30 -35.33 30.19
CA GLY A 520 5.59 -35.49 29.56
C GLY A 520 6.25 -34.15 29.31
N GLU A 521 7.28 -34.19 28.48
CA GLU A 521 8.04 -33.03 28.03
C GLU A 521 7.59 -32.57 26.66
N TRP A 522 6.28 -32.59 26.41
CA TRP A 522 5.69 -32.29 25.12
C TRP A 522 4.37 -31.60 25.37
N GLU A 523 3.80 -30.98 24.34
CA GLU A 523 2.59 -30.19 24.54
C GLU A 523 1.43 -30.71 23.73
N VAL A 524 0.24 -30.39 24.20
CA VAL A 524 -1.00 -30.59 23.46
C VAL A 524 -1.31 -29.31 22.72
N LEU A 525 -1.58 -29.42 21.42
CA LEU A 525 -1.84 -28.22 20.63
C LEU A 525 -3.23 -27.70 20.92
N ALA A 526 -3.30 -26.47 21.38
CA ALA A 526 -4.56 -25.81 21.70
C ALA A 526 -4.69 -24.45 21.04
N ARG A 527 -3.60 -23.68 20.98
CA ARG A 527 -3.58 -22.41 20.29
C ARG A 527 -3.61 -22.60 18.79
N HIS A 528 -3.68 -21.46 18.09
CA HIS A 528 -3.55 -21.35 16.62
C HIS A 528 -4.62 -22.17 15.91
N GLY A 529 -5.82 -22.17 16.45
CA GLY A 529 -6.93 -22.90 15.86
C GLY A 529 -6.82 -24.40 15.96
N SER A 530 -5.96 -24.92 16.83
CA SER A 530 -6.05 -26.32 17.19
C SER A 530 -7.21 -26.54 18.15
N LYS A 531 -7.67 -27.78 18.23
CA LYS A 531 -8.85 -28.09 19.03
C LYS A 531 -8.83 -29.57 19.36
N ILE A 532 -9.66 -29.94 20.33
CA ILE A 532 -9.88 -31.34 20.68
C ILE A 532 -11.28 -31.74 20.24
N TRP A 533 -11.44 -33.04 19.99
CA TRP A 533 -12.70 -33.64 19.58
C TRP A 533 -13.03 -34.73 20.58
N VAL A 534 -14.14 -34.57 21.30
CA VAL A 534 -14.46 -35.42 22.44
C VAL A 534 -15.65 -36.29 22.08
N ASN A 535 -15.40 -37.56 21.76
CA ASN A 535 -16.45 -38.55 21.64
C ASN A 535 -16.88 -38.98 23.04
N GLU A 536 -18.08 -38.58 23.44
CA GLU A 536 -18.59 -38.96 24.75
C GLU A 536 -19.23 -40.34 24.75
N GLU A 537 -19.51 -40.93 23.59
CA GLU A 537 -20.04 -42.28 23.55
C GLU A 537 -18.95 -43.30 23.89
N THR A 538 -17.77 -43.15 23.30
CA THR A 538 -16.65 -44.02 23.57
C THR A 538 -15.73 -43.52 24.66
N LYS A 539 -16.06 -42.37 25.26
CA LYS A 539 -15.29 -41.73 26.33
C LYS A 539 -13.87 -41.38 25.90
N LEU A 540 -13.69 -41.02 24.63
CA LEU A 540 -12.37 -40.68 24.11
C LEU A 540 -12.27 -39.20 23.77
N VAL A 541 -11.07 -38.67 23.92
CA VAL A 541 -10.74 -37.30 23.51
C VAL A 541 -9.55 -37.36 22.55
N TYR A 542 -9.78 -36.86 21.33
CA TYR A 542 -8.81 -36.76 20.26
C TYR A 542 -8.18 -35.38 20.34
N PHE A 543 -6.86 -35.32 20.44
CA PHE A 543 -6.13 -34.07 20.52
C PHE A 543 -4.95 -34.11 19.57
N GLN A 544 -4.29 -32.97 19.42
CA GLN A 544 -3.05 -32.92 18.66
C GLN A 544 -1.90 -32.70 19.62
N GLY A 545 -0.72 -33.18 19.24
CA GLY A 545 0.40 -33.01 20.16
C GLY A 545 1.73 -33.21 19.49
N THR A 546 2.76 -32.99 20.30
CA THR A 546 4.16 -33.12 19.89
C THR A 546 4.88 -34.24 20.65
N LYS A 547 4.20 -35.36 20.90
CA LYS A 547 4.78 -36.44 21.71
C LYS A 547 5.97 -37.08 21.01
N ASP A 548 5.83 -37.36 19.71
CA ASP A 548 6.89 -38.04 18.96
C ASP A 548 8.14 -37.18 18.84
N THR A 549 7.95 -35.89 18.57
CA THR A 549 9.01 -34.90 18.45
C THR A 549 8.32 -33.55 18.49
N PRO A 550 9.00 -32.46 18.89
CA PRO A 550 8.37 -31.14 18.78
C PRO A 550 8.16 -30.67 17.35
N LEU A 551 8.81 -31.29 16.37
CA LEU A 551 8.74 -30.88 14.98
C LEU A 551 7.55 -31.46 14.24
N GLU A 552 6.69 -32.22 14.90
CA GLU A 552 5.62 -32.91 14.20
C GLU A 552 4.34 -32.86 15.02
N HIS A 553 3.30 -32.28 14.44
CA HIS A 553 1.98 -32.28 15.04
C HIS A 553 1.27 -33.56 14.66
N HIS A 554 1.01 -34.43 15.64
CA HIS A 554 0.34 -35.70 15.40
C HIS A 554 -1.00 -35.74 16.12
N LEU A 555 -1.96 -36.41 15.51
CA LEU A 555 -3.25 -36.66 16.14
C LEU A 555 -3.13 -37.82 17.11
N TYR A 556 -3.44 -37.59 18.38
CA TYR A 556 -3.46 -38.62 19.39
C TYR A 556 -4.89 -38.77 19.91
N VAL A 557 -5.18 -39.92 20.48
CA VAL A 557 -6.43 -40.17 21.18
C VAL A 557 -6.12 -40.78 22.54
N VAL A 558 -6.96 -40.46 23.54
CA VAL A 558 -6.82 -41.00 24.89
C VAL A 558 -8.23 -41.12 25.44
N SER A 559 -8.39 -41.97 26.46
CA SER A 559 -9.63 -42.03 27.20
C SER A 559 -9.59 -41.00 28.31
N TYR A 560 -10.67 -40.24 28.46
CA TYR A 560 -10.64 -39.25 29.53
C TYR A 560 -11.09 -39.82 30.87
N GLU A 561 -11.84 -40.92 30.88
CA GLU A 561 -12.21 -41.52 32.16
C GLU A 561 -11.01 -42.21 32.82
N ALA A 562 -10.23 -42.94 32.05
CA ALA A 562 -9.02 -43.60 32.54
C ALA A 562 -7.94 -43.44 31.49
N ALA A 563 -7.00 -42.53 31.74
CA ALA A 563 -5.95 -42.18 30.78
C ALA A 563 -4.64 -42.82 31.19
N GLY A 564 -4.28 -43.90 30.50
CA GLY A 564 -2.98 -44.50 30.72
C GLY A 564 -2.13 -44.58 29.47
N GLU A 565 -2.77 -44.69 28.31
CA GLU A 565 -2.07 -44.97 27.06
C GLU A 565 -2.51 -43.98 26.00
N ILE A 566 -1.55 -43.29 25.41
CA ILE A 566 -1.80 -42.26 24.41
C ILE A 566 -1.61 -42.91 23.05
N VAL A 567 -2.68 -43.07 22.28
CA VAL A 567 -2.59 -43.78 21.00
C VAL A 567 -2.51 -42.77 19.87
N ARG A 568 -1.42 -42.82 19.10
CA ARG A 568 -1.27 -41.98 17.93
C ARG A 568 -2.08 -42.55 16.77
N LEU A 569 -2.72 -41.66 16.01
CA LEU A 569 -3.52 -42.04 14.85
C LEU A 569 -2.88 -41.64 13.53
N THR A 570 -1.94 -40.72 13.53
CA THR A 570 -1.34 -40.27 12.29
C THR A 570 -0.01 -40.99 12.03
N THR A 571 0.34 -41.06 10.76
CA THR A 571 1.58 -41.70 10.36
C THR A 571 2.77 -40.84 10.78
N PRO A 572 3.85 -41.44 11.29
CA PRO A 572 5.04 -40.66 11.62
C PRO A 572 5.79 -40.25 10.37
N GLY A 573 6.79 -39.39 10.56
CA GLY A 573 7.52 -38.85 9.44
C GLY A 573 6.84 -37.69 8.76
N PHE A 574 5.70 -37.23 9.28
CA PHE A 574 4.98 -36.08 8.76
C PHE A 574 4.39 -35.29 9.92
N SER A 575 4.04 -34.04 9.65
CA SER A 575 3.31 -33.19 10.57
C SER A 575 1.93 -32.95 9.98
N HIS A 576 0.93 -32.99 10.85
CA HIS A 576 -0.45 -33.18 10.46
C HIS A 576 -1.36 -32.10 11.04
N SER A 577 -2.28 -31.63 10.21
CA SER A 577 -3.38 -30.78 10.63
C SER A 577 -4.63 -31.62 10.40
N CYS A 578 -5.33 -31.96 11.48
CA CYS A 578 -6.36 -32.99 11.42
C CYS A 578 -7.71 -32.39 11.79
N SER A 579 -8.74 -33.17 11.48
CA SER A 579 -10.11 -32.75 11.78
C SER A 579 -10.99 -33.99 11.80
N MET A 580 -11.64 -34.23 12.93
CA MET A 580 -12.40 -35.44 13.19
C MET A 580 -13.82 -35.28 12.66
N SER A 581 -14.51 -36.40 12.51
CA SER A 581 -15.94 -36.35 12.21
C SER A 581 -16.77 -36.07 13.46
N GLN A 582 -18.04 -35.71 13.24
CA GLN A 582 -18.98 -35.57 14.35
C GLN A 582 -19.43 -36.91 14.89
N ASN A 583 -19.52 -37.95 14.06
CA ASN A 583 -19.79 -39.28 14.57
C ASN A 583 -18.53 -40.05 14.91
N PHE A 584 -17.37 -39.41 14.75
CA PHE A 584 -16.06 -39.91 15.20
C PHE A 584 -15.67 -41.24 14.56
N ASP A 585 -16.10 -41.48 13.32
CA ASP A 585 -15.70 -42.70 12.64
C ASP A 585 -14.64 -42.46 11.58
N MET A 586 -14.39 -41.22 11.19
CA MET A 586 -13.34 -40.92 10.22
C MET A 586 -12.86 -39.49 10.40
N PHE A 587 -11.58 -39.27 10.10
CA PHE A 587 -11.03 -37.93 10.14
C PHE A 587 -10.30 -37.62 8.84
N VAL A 588 -10.01 -36.35 8.66
CA VAL A 588 -9.14 -35.90 7.60
C VAL A 588 -7.82 -35.53 8.24
N SER A 589 -6.72 -35.71 7.52
CA SER A 589 -5.47 -35.07 7.87
C SER A 589 -4.80 -34.44 6.66
N HIS A 590 -4.60 -33.13 6.74
CA HIS A 590 -3.82 -32.38 5.77
C HIS A 590 -2.40 -32.39 6.31
N TYR A 591 -1.53 -33.16 5.71
CA TYR A 591 -0.21 -33.33 6.29
C TYR A 591 0.90 -33.17 5.26
N SER A 592 2.10 -33.00 5.80
CA SER A 592 3.26 -32.74 4.96
C SER A 592 4.50 -33.07 5.78
N SER A 593 5.63 -33.16 5.10
CA SER A 593 6.91 -33.20 5.77
C SER A 593 7.77 -32.19 5.07
N VAL A 594 9.02 -32.07 5.54
CA VAL A 594 9.97 -31.12 4.96
C VAL A 594 10.22 -31.45 3.49
N SER A 595 10.28 -32.73 3.15
CA SER A 595 10.54 -33.12 1.78
C SER A 595 9.28 -33.08 0.92
N THR A 596 8.22 -33.72 1.36
CA THR A 596 7.07 -33.83 0.48
C THR A 596 6.21 -32.57 0.56
N PRO A 597 5.60 -32.13 -0.54
CA PRO A 597 4.60 -31.06 -0.46
C PRO A 597 3.31 -31.57 0.17
N PRO A 598 2.43 -30.68 0.64
CA PRO A 598 1.31 -31.16 1.45
C PRO A 598 0.20 -31.86 0.67
N CYS A 599 -0.27 -32.93 1.29
CA CYS A 599 -1.32 -33.81 0.82
C CYS A 599 -2.47 -33.72 1.81
N VAL A 600 -3.64 -34.20 1.42
CA VAL A 600 -4.78 -34.24 2.32
C VAL A 600 -5.47 -35.59 2.19
N HIS A 601 -5.21 -36.48 3.15
CA HIS A 601 -5.72 -37.84 3.10
C HIS A 601 -6.84 -37.99 4.12
N VAL A 602 -7.79 -38.86 3.78
CA VAL A 602 -8.94 -39.13 4.63
C VAL A 602 -8.79 -40.51 5.23
N TYR A 603 -8.65 -40.58 6.54
CA TYR A 603 -8.52 -41.86 7.20
C TYR A 603 -9.83 -42.18 7.89
N LYS A 604 -10.01 -43.46 8.19
CA LYS A 604 -11.24 -43.99 8.72
C LYS A 604 -10.90 -44.90 9.88
N LEU A 605 -11.35 -44.53 11.07
CA LEU A 605 -11.17 -45.38 12.23
C LEU A 605 -12.04 -46.62 12.07
N SER A 606 -11.42 -47.80 12.18
CA SER A 606 -12.08 -49.04 11.83
C SER A 606 -11.50 -50.13 12.72
N GLY A 607 -12.36 -50.95 13.29
CA GLY A 607 -11.94 -51.99 14.19
C GLY A 607 -13.05 -52.45 15.10
N PRO A 608 -12.72 -53.29 16.07
CA PRO A 608 -13.72 -53.70 17.08
C PRO A 608 -14.26 -52.53 17.88
N ASP A 609 -15.58 -52.50 18.06
CA ASP A 609 -16.22 -51.43 18.80
C ASP A 609 -16.00 -51.52 20.31
N ASP A 610 -15.70 -52.70 20.84
CA ASP A 610 -15.53 -52.84 22.28
C ASP A 610 -14.24 -52.18 22.77
N ASP A 611 -13.27 -51.98 21.88
CA ASP A 611 -12.03 -51.27 22.22
C ASP A 611 -11.86 -50.09 21.26
N PRO A 612 -12.48 -48.93 21.55
CA PRO A 612 -12.38 -47.81 20.60
C PRO A 612 -11.07 -47.08 20.63
N LEU A 613 -10.28 -47.20 21.71
CA LEU A 613 -9.00 -46.51 21.80
C LEU A 613 -8.02 -47.01 20.75
N HIS A 614 -8.03 -48.31 20.48
CA HIS A 614 -7.09 -48.92 19.55
C HIS A 614 -7.71 -49.14 18.18
N LYS A 615 -8.75 -48.39 17.86
CA LYS A 615 -9.37 -48.47 16.55
C LYS A 615 -8.40 -48.00 15.48
N GLN A 616 -8.17 -48.84 14.46
CA GLN A 616 -7.05 -48.62 13.56
C GLN A 616 -7.44 -47.61 12.49
N PRO A 617 -6.71 -46.50 12.36
CA PRO A 617 -6.99 -45.56 11.27
C PRO A 617 -6.51 -46.14 9.96
N ARG A 618 -7.41 -46.48 9.05
CA ARG A 618 -7.01 -47.00 7.76
C ARG A 618 -7.26 -45.94 6.71
N PHE A 619 -6.28 -45.76 5.82
CA PHE A 619 -6.42 -44.78 4.75
C PHE A 619 -7.60 -45.18 3.86
N TRP A 620 -8.63 -44.35 3.84
CA TRP A 620 -9.83 -44.62 3.08
C TRP A 620 -9.72 -44.04 1.68
N ALA A 621 -9.47 -42.74 1.61
CA ALA A 621 -9.50 -42.04 0.34
C ALA A 621 -8.65 -40.79 0.47
N SER A 622 -8.33 -40.18 -0.66
CA SER A 622 -7.45 -39.02 -0.70
C SER A 622 -8.11 -37.80 -1.33
N MET A 623 -7.85 -36.64 -0.75
CA MET A 623 -8.42 -35.39 -1.23
C MET A 623 -7.42 -34.65 -2.10
N MET A 624 -6.24 -34.41 -1.55
CA MET A 624 -5.18 -33.65 -2.17
C MET A 624 -3.93 -34.50 -2.07
N GLU A 625 -3.10 -34.45 -3.10
CA GLU A 625 -1.90 -35.25 -3.13
C GLU A 625 -0.70 -34.35 -2.96
N ALA A 626 0.45 -34.99 -2.80
CA ALA A 626 1.69 -34.24 -2.71
C ALA A 626 1.93 -33.56 -4.05
N ALA A 627 2.18 -32.25 -4.01
CA ALA A 627 2.35 -31.49 -5.22
C ALA A 627 3.69 -31.82 -5.87
N SER A 628 4.02 -31.11 -6.94
CA SER A 628 5.31 -31.34 -7.55
C SER A 628 6.38 -30.68 -6.68
N CYS A 629 7.27 -31.49 -6.15
CA CYS A 629 8.51 -30.95 -5.60
C CYS A 629 9.42 -30.61 -6.76
N PRO A 630 9.77 -29.35 -6.97
CA PRO A 630 10.42 -28.96 -8.21
C PRO A 630 11.90 -29.28 -8.17
N PRO A 631 12.55 -29.48 -9.34
CA PRO A 631 13.96 -29.87 -9.33
C PRO A 631 14.90 -28.75 -8.90
N ASP A 632 14.48 -27.49 -9.01
CA ASP A 632 15.26 -26.41 -8.43
C ASP A 632 15.03 -26.26 -6.93
N TYR A 633 14.05 -26.96 -6.38
CA TYR A 633 13.78 -26.93 -4.95
C TYR A 633 14.46 -28.14 -4.33
N VAL A 634 15.51 -27.90 -3.57
CA VAL A 634 16.14 -28.93 -2.74
C VAL A 634 15.53 -28.80 -1.35
N PRO A 635 14.83 -29.83 -0.85
CA PRO A 635 14.23 -29.75 0.47
C PRO A 635 15.30 -29.61 1.55
N PRO A 636 15.01 -28.85 2.59
CA PRO A 636 16.00 -28.64 3.64
C PRO A 636 16.19 -29.86 4.54
N GLU A 637 17.22 -29.80 5.36
CA GLU A 637 17.47 -30.79 6.38
C GLU A 637 17.27 -30.14 7.76
N ILE A 638 16.49 -30.80 8.58
CA ILE A 638 16.29 -30.39 9.97
C ILE A 638 17.43 -30.95 10.79
N PHE A 639 17.90 -30.18 11.76
CA PHE A 639 18.90 -30.64 12.70
C PHE A 639 18.54 -30.13 14.08
N HIS A 640 19.30 -30.57 15.07
CA HIS A 640 19.25 -30.04 16.41
C HIS A 640 20.65 -29.93 16.98
N PHE A 641 20.77 -29.21 18.10
CA PHE A 641 22.03 -29.09 18.79
C PHE A 641 21.73 -28.67 20.22
N HIS A 642 22.78 -28.61 21.03
CA HIS A 642 22.67 -28.25 22.43
C HIS A 642 23.43 -26.97 22.71
N THR A 643 22.95 -26.22 23.70
CA THR A 643 23.58 -24.99 24.12
C THR A 643 24.68 -25.24 25.14
N ARG A 644 25.43 -24.17 25.44
CA ARG A 644 26.29 -24.17 26.62
C ARG A 644 25.48 -24.30 27.91
N SER A 645 24.22 -23.85 27.90
CA SER A 645 23.31 -24.07 29.01
C SER A 645 22.61 -25.43 28.91
N ASP A 646 22.95 -26.21 27.89
CA ASP A 646 22.58 -27.61 27.71
C ASP A 646 21.07 -27.75 27.49
N VAL A 647 20.50 -26.90 26.65
CA VAL A 647 19.11 -27.02 26.24
C VAL A 647 19.08 -27.23 24.73
N ARG A 648 18.22 -28.12 24.29
CA ARG A 648 18.18 -28.55 22.89
C ARG A 648 17.45 -27.52 22.04
N LEU A 649 18.14 -26.98 21.05
CA LEU A 649 17.54 -26.06 20.08
C LEU A 649 17.50 -26.75 18.74
N TYR A 650 16.43 -26.51 17.99
CA TYR A 650 16.29 -27.03 16.65
C TYR A 650 16.61 -25.96 15.62
N GLY A 651 16.91 -26.42 14.42
CA GLY A 651 17.26 -25.52 13.34
C GLY A 651 17.05 -26.17 12.00
N MET A 652 16.99 -25.32 11.00
CA MET A 652 16.90 -25.72 9.62
C MET A 652 18.14 -25.22 8.89
N ILE A 653 18.40 -25.80 7.74
CA ILE A 653 19.37 -25.26 6.80
C ILE A 653 18.93 -25.62 5.39
N TYR A 654 19.00 -24.64 4.51
CA TYR A 654 18.92 -24.84 3.08
C TYR A 654 20.35 -24.83 2.55
N LYS A 655 20.72 -25.93 1.89
CA LYS A 655 21.98 -26.14 1.23
C LYS A 655 22.09 -25.23 0.01
N PRO A 656 23.27 -24.71 -0.26
CA PRO A 656 23.51 -24.07 -1.55
C PRO A 656 23.41 -25.08 -2.68
N HIS A 657 22.57 -24.78 -3.67
CA HIS A 657 22.44 -25.64 -4.84
C HIS A 657 23.78 -25.71 -5.58
N ALA A 658 24.09 -26.91 -6.09
CA ALA A 658 25.37 -27.25 -6.72
C ALA A 658 26.53 -26.91 -5.80
N LEU A 659 26.44 -27.39 -4.56
CA LEU A 659 27.46 -27.16 -3.54
C LEU A 659 28.78 -27.78 -3.95
N GLN A 660 29.86 -27.00 -3.80
CA GLN A 660 31.22 -27.48 -4.06
C GLN A 660 31.99 -27.49 -2.75
N PRO A 661 32.47 -28.66 -2.31
CA PRO A 661 33.23 -28.74 -1.06
C PRO A 661 34.53 -27.92 -1.11
N GLY A 662 34.77 -27.17 -0.04
CA GLY A 662 35.90 -26.26 0.01
C GLY A 662 35.46 -24.81 0.08
N LYS A 663 34.45 -24.46 -0.70
CA LYS A 663 33.99 -23.09 -0.77
C LYS A 663 33.18 -22.73 0.47
N LYS A 664 33.47 -21.56 1.04
CA LYS A 664 32.75 -21.05 2.19
C LYS A 664 31.68 -20.08 1.69
N HIS A 665 30.44 -20.54 1.67
CA HIS A 665 29.34 -19.78 1.12
C HIS A 665 28.88 -18.71 2.09
N PRO A 666 28.32 -17.61 1.60
CA PRO A 666 27.78 -16.60 2.52
C PRO A 666 26.44 -17.06 3.06
N THR A 667 26.16 -16.68 4.30
CA THR A 667 25.07 -17.31 5.02
C THR A 667 24.04 -16.29 5.48
N VAL A 668 22.80 -16.51 5.07
CA VAL A 668 21.64 -15.73 5.50
C VAL A 668 20.95 -16.50 6.64
N LEU A 669 21.10 -15.97 7.84
CA LEU A 669 20.37 -16.43 9.00
C LEU A 669 18.97 -15.83 8.97
N PHE A 670 18.03 -16.59 8.44
CA PHE A 670 16.65 -16.16 8.52
C PHE A 670 16.20 -16.41 9.95
N VAL A 671 15.29 -15.58 10.44
CA VAL A 671 14.91 -15.65 11.85
C VAL A 671 13.52 -15.04 12.00
N TYR A 672 12.71 -15.65 12.87
CA TYR A 672 11.58 -14.97 13.46
C TYR A 672 11.90 -14.85 14.93
N GLY A 673 12.10 -15.97 15.62
CA GLY A 673 12.61 -15.97 16.98
C GLY A 673 11.62 -15.70 18.09
N GLY A 674 10.55 -14.98 17.79
CA GLY A 674 9.56 -14.63 18.79
C GLY A 674 8.63 -15.76 19.12
N PRO A 675 7.85 -15.56 20.18
CA PRO A 675 6.85 -16.57 20.58
C PRO A 675 5.73 -16.70 19.56
N GLN A 676 4.93 -17.75 19.78
CA GLN A 676 3.75 -18.15 19.00
C GLN A 676 4.08 -18.61 17.58
N VAL A 677 5.37 -18.73 17.24
CA VAL A 677 5.79 -19.15 15.91
C VAL A 677 6.92 -20.14 16.05
N GLN A 678 6.77 -21.29 15.40
CA GLN A 678 7.83 -22.30 15.32
C GLN A 678 8.21 -22.45 13.86
N LEU A 679 9.36 -21.89 13.48
CA LEU A 679 9.81 -22.01 12.10
C LEU A 679 10.29 -23.42 11.80
N VAL A 680 11.07 -23.99 12.71
CA VAL A 680 11.68 -25.30 12.51
C VAL A 680 10.68 -26.38 12.92
N ASN A 681 10.08 -27.02 11.93
CA ASN A 681 9.23 -28.18 12.18
C ASN A 681 9.19 -29.01 10.91
N ASN A 682 8.77 -30.26 11.05
CA ASN A 682 8.86 -31.20 9.93
C ASN A 682 7.58 -31.07 9.12
N SER A 683 7.49 -30.00 8.35
CA SER A 683 6.35 -29.69 7.51
C SER A 683 6.84 -28.87 6.34
N PHE A 684 6.05 -28.81 5.28
CA PHE A 684 6.55 -28.31 4.01
C PHE A 684 6.76 -26.80 4.07
N LYS A 685 7.99 -26.39 3.77
CA LYS A 685 8.38 -24.99 3.80
C LYS A 685 8.29 -24.32 2.44
N GLY A 686 8.13 -25.10 1.37
CA GLY A 686 8.04 -24.58 0.02
C GLY A 686 6.87 -23.67 -0.25
N ILE A 687 5.83 -23.72 0.57
CA ILE A 687 4.68 -22.85 0.36
C ILE A 687 5.00 -21.43 0.81
N LYS A 688 5.27 -21.25 2.10
CA LYS A 688 5.50 -19.93 2.65
C LYS A 688 6.96 -19.48 2.57
N TYR A 689 7.91 -20.39 2.54
CA TYR A 689 9.30 -19.98 2.62
C TYR A 689 10.07 -20.46 1.41
N LEU A 690 9.45 -20.32 0.24
CA LEU A 690 10.08 -20.66 -1.04
C LEU A 690 11.24 -19.72 -1.35
N ARG A 691 11.13 -18.47 -0.92
CA ARG A 691 12.19 -17.50 -1.14
C ARG A 691 13.52 -17.94 -0.53
N LEU A 692 13.48 -18.59 0.63
CA LEU A 692 14.70 -19.13 1.26
C LEU A 692 15.37 -20.16 0.37
N ASN A 693 14.57 -20.97 -0.31
CA ASN A 693 15.12 -21.89 -1.30
C ASN A 693 15.66 -21.14 -2.51
N THR A 694 15.01 -20.04 -2.90
CA THR A 694 15.56 -19.24 -4.02
C THR A 694 16.95 -18.70 -3.66
N LEU A 695 17.12 -18.14 -2.45
CA LEU A 695 18.45 -17.76 -1.97
C LEU A 695 19.42 -18.93 -2.03
N ALA A 696 19.00 -20.09 -1.50
CA ALA A 696 19.83 -21.29 -1.56
C ALA A 696 20.21 -21.63 -3.00
N SER A 697 19.26 -21.54 -3.93
CA SER A 697 19.52 -21.84 -5.33
C SER A 697 20.45 -20.83 -5.97
N LEU A 698 20.56 -19.64 -5.39
CA LEU A 698 21.57 -18.70 -5.82
C LEU A 698 22.90 -18.92 -5.12
N GLY A 699 22.92 -19.72 -4.07
CA GLY A 699 24.17 -20.09 -3.45
C GLY A 699 24.34 -19.64 -2.02
N TYR A 700 23.33 -19.08 -1.38
CA TYR A 700 23.44 -18.70 0.01
C TYR A 700 23.13 -19.89 0.90
N ALA A 701 23.96 -20.09 1.91
CA ALA A 701 23.58 -20.96 3.02
C ALA A 701 22.40 -20.30 3.70
N VAL A 702 21.33 -21.03 3.93
CA VAL A 702 20.21 -20.48 4.71
C VAL A 702 20.09 -21.21 6.04
N VAL A 703 20.27 -20.48 7.13
CA VAL A 703 20.22 -21.07 8.46
C VAL A 703 18.98 -20.52 9.14
N VAL A 704 18.30 -21.37 9.91
CA VAL A 704 17.10 -20.99 10.64
C VAL A 704 17.20 -21.62 12.01
N ILE A 705 17.08 -20.84 13.06
CA ILE A 705 17.31 -21.34 14.41
C ILE A 705 16.10 -21.00 15.26
N ASP A 706 15.48 -22.01 15.86
CA ASP A 706 14.40 -21.75 16.82
C ASP A 706 15.02 -21.76 18.21
N GLY A 707 15.52 -20.60 18.61
CA GLY A 707 16.10 -20.40 19.93
C GLY A 707 15.12 -20.43 21.07
N ARG A 708 15.56 -20.07 22.26
CA ARG A 708 14.66 -20.06 23.41
C ARG A 708 13.65 -18.95 23.24
N GLY A 709 12.40 -19.28 23.49
CA GLY A 709 11.29 -18.40 23.21
C GLY A 709 10.41 -18.83 22.07
N SER A 710 10.63 -20.01 21.49
CA SER A 710 9.79 -20.47 20.41
C SER A 710 8.63 -21.26 20.98
N CYS A 711 7.58 -21.42 20.17
CA CYS A 711 6.41 -22.12 20.68
C CYS A 711 6.60 -23.63 20.58
N GLN A 712 5.68 -24.36 21.23
CA GLN A 712 5.58 -25.81 21.19
C GLN A 712 6.82 -26.49 21.75
N ARG A 713 7.48 -25.86 22.72
CA ARG A 713 8.58 -26.47 23.45
C ARG A 713 8.46 -26.28 24.95
N GLY A 714 7.28 -25.95 25.45
CA GLY A 714 7.11 -25.77 26.88
C GLY A 714 7.26 -24.35 27.36
N LEU A 715 6.62 -24.12 28.50
CA LEU A 715 6.54 -22.78 29.09
C LEU A 715 7.88 -22.32 29.60
N ARG A 716 8.67 -23.22 30.22
CA ARG A 716 9.96 -22.81 30.75
C ARG A 716 10.93 -22.44 29.63
N PHE A 717 10.80 -23.13 28.48
CA PHE A 717 11.60 -22.82 27.30
C PHE A 717 11.20 -21.46 26.72
N GLU A 718 9.90 -21.29 26.47
CA GLU A 718 9.38 -20.01 25.98
C GLU A 718 9.67 -18.85 26.93
N GLY A 719 9.65 -19.11 28.23
CA GLY A 719 9.88 -18.11 29.25
C GLY A 719 11.30 -17.68 29.48
N ALA A 720 12.25 -18.02 28.60
CA ALA A 720 13.58 -17.45 28.76
C ALA A 720 13.67 -16.00 28.29
N LEU A 721 12.63 -15.48 27.64
CA LEU A 721 12.63 -14.09 27.18
C LEU A 721 11.89 -13.15 28.12
N LYS A 722 11.24 -13.68 29.17
CA LYS A 722 10.53 -12.89 30.16
C LYS A 722 11.46 -11.93 30.86
N ASN A 723 11.21 -10.62 30.73
CA ASN A 723 11.93 -9.45 31.25
C ASN A 723 13.22 -9.13 30.48
N GLN A 724 13.67 -9.98 29.57
CA GLN A 724 14.77 -9.65 28.65
C GLN A 724 14.47 -10.10 27.23
N MET A 725 13.33 -9.68 26.68
CA MET A 725 12.94 -10.06 25.32
C MET A 725 13.87 -9.39 24.32
N GLY A 726 14.44 -10.19 23.42
CA GLY A 726 15.40 -9.71 22.45
C GLY A 726 16.84 -9.98 22.81
N GLN A 727 17.14 -10.23 24.09
CA GLN A 727 18.52 -10.38 24.52
C GLN A 727 19.02 -11.82 24.48
N VAL A 728 18.14 -12.81 24.64
CA VAL A 728 18.58 -14.21 24.71
C VAL A 728 18.38 -14.91 23.37
N GLU A 729 17.38 -14.45 22.60
CA GLU A 729 17.08 -15.08 21.32
C GLU A 729 18.23 -14.93 20.35
N ILE A 730 18.76 -13.72 20.23
CA ILE A 730 19.87 -13.48 19.32
C ILE A 730 21.11 -14.27 19.74
N GLU A 731 21.30 -14.46 21.05
CA GLU A 731 22.41 -15.28 21.54
C GLU A 731 22.25 -16.73 21.10
N ASP A 732 21.02 -17.23 21.15
CA ASP A 732 20.73 -18.56 20.62
C ASP A 732 20.91 -18.64 19.11
N GLN A 733 20.62 -17.56 18.38
CA GLN A 733 20.79 -17.57 16.94
C GLN A 733 22.26 -17.57 16.56
N VAL A 734 23.06 -16.75 17.25
CA VAL A 734 24.52 -16.74 17.08
C VAL A 734 25.12 -18.11 17.36
N GLU A 735 24.73 -18.73 18.49
CA GLU A 735 25.20 -20.08 18.80
C GLU A 735 24.75 -21.11 17.74
N GLY A 736 23.54 -20.97 17.21
CA GLY A 736 23.10 -21.82 16.11
C GLY A 736 23.93 -21.66 14.86
N LEU A 737 24.28 -20.41 14.52
CA LEU A 737 25.25 -20.14 13.45
C LEU A 737 26.58 -20.82 13.74
N GLN A 738 27.10 -20.68 14.96
CA GLN A 738 28.42 -21.20 15.29
C GLN A 738 28.43 -22.73 15.24
N PHE A 739 27.31 -23.35 15.59
CA PHE A 739 27.16 -24.79 15.46
C PHE A 739 27.18 -25.20 13.99
N VAL A 740 26.43 -24.48 13.15
CA VAL A 740 26.37 -24.85 11.74
C VAL A 740 27.72 -24.62 11.08
N ALA A 741 28.42 -23.57 11.51
CA ALA A 741 29.80 -23.32 11.10
C ALA A 741 30.74 -24.46 11.45
N GLU A 742 30.59 -25.03 12.64
CA GLU A 742 31.46 -26.15 13.00
C GLU A 742 31.05 -27.45 12.31
N LYS A 743 29.75 -27.76 12.32
CA LYS A 743 29.24 -28.98 11.69
C LYS A 743 29.49 -29.01 10.19
N TYR A 744 28.96 -28.03 9.46
CA TYR A 744 29.09 -27.96 8.02
C TYR A 744 30.19 -27.00 7.62
N GLY A 745 30.88 -27.31 6.52
CA GLY A 745 32.07 -26.58 6.13
C GLY A 745 31.88 -25.49 5.09
N PHE A 746 30.69 -24.89 5.00
CA PHE A 746 30.44 -23.88 4.00
C PHE A 746 29.89 -22.58 4.58
N ILE A 747 30.10 -22.33 5.87
CA ILE A 747 29.58 -21.12 6.52
C ILE A 747 30.72 -20.11 6.58
N ASP A 748 30.57 -19.01 5.83
CA ASP A 748 31.54 -17.93 5.86
C ASP A 748 31.12 -16.98 6.98
N LEU A 749 31.91 -16.92 8.05
CA LEU A 749 31.57 -16.05 9.17
C LEU A 749 31.83 -14.59 8.85
N SER A 750 32.69 -14.29 7.87
CA SER A 750 32.88 -12.91 7.46
C SER A 750 31.69 -12.36 6.68
N ARG A 751 30.87 -13.23 6.10
CA ARG A 751 29.72 -12.82 5.29
C ARG A 751 28.46 -13.47 5.83
N VAL A 752 27.86 -12.81 6.83
CA VAL A 752 26.65 -13.28 7.48
C VAL A 752 25.59 -12.20 7.42
N ALA A 753 24.40 -12.58 6.97
CA ALA A 753 23.26 -11.71 6.89
C ALA A 753 22.23 -12.19 7.90
N ILE A 754 21.60 -11.29 8.62
CA ILE A 754 20.51 -11.70 9.51
C ILE A 754 19.28 -11.07 8.89
N HIS A 755 18.16 -11.77 8.89
CA HIS A 755 17.00 -11.27 8.16
C HIS A 755 15.71 -11.84 8.71
N GLY A 756 14.67 -11.02 8.74
CA GLY A 756 13.40 -11.52 9.24
C GLY A 756 12.28 -10.51 9.25
N TRP A 757 11.07 -10.99 9.34
CA TRP A 757 9.96 -10.08 9.35
C TRP A 757 9.38 -10.02 10.73
N SER A 758 8.74 -8.90 11.03
CA SER A 758 8.11 -8.67 12.32
C SER A 758 9.14 -8.84 13.36
N TYR A 759 8.85 -9.69 14.31
CA TYR A 759 9.80 -9.87 15.37
C TYR A 759 11.20 -10.15 14.84
N GLY A 760 11.35 -10.93 13.77
CA GLY A 760 12.70 -11.19 13.32
C GLY A 760 13.46 -9.94 12.90
N GLY A 761 12.87 -9.10 12.06
CA GLY A 761 13.55 -7.85 11.80
C GLY A 761 14.01 -7.14 13.06
N PHE A 762 13.19 -7.18 14.11
CA PHE A 762 13.60 -6.70 15.43
C PHE A 762 14.86 -7.43 15.91
N LEU A 763 14.89 -8.75 15.74
CA LEU A 763 16.08 -9.50 16.10
C LEU A 763 17.23 -9.20 15.17
N SER A 764 16.97 -9.07 13.86
CA SER A 764 18.00 -8.67 12.90
C SER A 764 18.70 -7.39 13.35
N LEU A 765 17.91 -6.46 13.88
CA LEU A 765 18.49 -5.26 14.47
C LEU A 765 19.20 -5.54 15.77
N MET A 766 18.73 -6.51 16.56
CA MET A 766 19.50 -6.89 17.75
C MET A 766 20.81 -7.58 17.38
N GLY A 767 20.78 -8.37 16.32
CA GLY A 767 21.99 -8.97 15.80
C GLY A 767 23.02 -7.96 15.36
N LEU A 768 22.57 -6.97 14.58
CA LEU A 768 23.52 -5.96 14.11
C LEU A 768 23.96 -5.03 15.24
N ILE A 769 23.16 -4.86 16.31
CA ILE A 769 23.57 -4.03 17.44
C ILE A 769 24.57 -4.77 18.33
N HIS A 770 24.19 -5.92 18.90
CA HIS A 770 25.09 -6.55 19.86
C HIS A 770 26.03 -7.57 19.25
N LYS A 771 25.87 -7.91 17.96
CA LYS A 771 26.80 -8.80 17.27
C LYS A 771 27.25 -8.17 15.94
N PRO A 772 28.01 -7.06 15.98
CA PRO A 772 28.47 -6.51 14.71
C PRO A 772 29.57 -7.30 14.03
N GLN A 773 30.48 -7.92 14.81
CA GLN A 773 31.51 -8.75 14.19
C GLN A 773 30.95 -10.06 13.67
N VAL A 774 29.77 -10.48 14.12
CA VAL A 774 29.16 -11.70 13.64
C VAL A 774 28.40 -11.47 12.35
N PHE A 775 27.51 -10.49 12.33
CA PHE A 775 26.58 -10.30 11.22
C PHE A 775 27.08 -9.18 10.32
N LYS A 776 27.30 -9.51 9.04
CA LYS A 776 27.74 -8.48 8.10
C LYS A 776 26.61 -7.52 7.75
N VAL A 777 25.45 -8.04 7.39
CA VAL A 777 24.32 -7.19 7.04
C VAL A 777 23.09 -7.62 7.83
N ALA A 778 22.03 -6.81 7.72
CA ALA A 778 20.79 -7.07 8.44
C ALA A 778 19.59 -6.53 7.67
N ILE A 779 18.83 -7.46 7.12
CA ILE A 779 17.59 -7.15 6.40
C ILE A 779 16.43 -7.30 7.38
N ALA A 780 16.03 -6.17 7.95
CA ALA A 780 15.01 -6.11 8.98
C ALA A 780 13.69 -5.76 8.33
N GLY A 781 12.75 -6.71 8.31
CA GLY A 781 11.46 -6.47 7.72
C GLY A 781 10.46 -6.22 8.82
N ALA A 782 9.78 -5.08 8.74
CA ALA A 782 8.75 -4.61 9.65
C ALA A 782 9.14 -4.65 11.13
N PRO A 783 10.26 -4.07 11.54
CA PRO A 783 10.78 -4.36 12.88
C PRO A 783 10.00 -3.62 13.97
N VAL A 784 9.94 -4.25 15.14
CA VAL A 784 9.39 -3.60 16.32
C VAL A 784 10.55 -2.91 17.01
N THR A 785 10.70 -1.61 16.78
CA THR A 785 11.88 -0.92 17.26
C THR A 785 11.72 -0.33 18.66
N VAL A 786 10.50 -0.10 19.11
CA VAL A 786 10.23 0.38 20.46
C VAL A 786 9.09 -0.45 21.03
N TRP A 787 9.38 -1.22 22.07
CA TRP A 787 8.35 -2.04 22.71
C TRP A 787 7.36 -1.20 23.49
N MET A 788 7.76 0.02 23.88
CA MET A 788 6.84 0.97 24.48
C MET A 788 5.71 1.37 23.56
N ALA A 789 5.88 1.21 22.25
CA ALA A 789 4.82 1.50 21.29
C ALA A 789 3.96 0.30 20.94
N TYR A 790 4.41 -0.91 21.19
CA TYR A 790 3.62 -2.06 20.78
C TYR A 790 2.50 -2.31 21.79
N ASP A 791 1.50 -3.08 21.37
CA ASP A 791 0.27 -3.14 22.14
C ASP A 791 0.39 -4.03 23.37
N THR A 792 -0.64 -3.95 24.21
CA THR A 792 -0.64 -4.58 25.53
C THR A 792 -0.57 -6.10 25.45
N GLY A 793 -1.54 -6.72 24.76
CA GLY A 793 -1.67 -8.19 24.71
C GLY A 793 -0.40 -8.94 24.40
N TYR A 794 0.35 -8.50 23.40
CA TYR A 794 1.64 -9.11 23.14
C TYR A 794 2.68 -8.68 24.18
N THR A 795 3.01 -7.38 24.20
CA THR A 795 4.21 -6.88 24.85
C THR A 795 4.17 -7.08 26.37
N GLU A 796 3.01 -6.86 27.00
CA GLU A 796 2.94 -6.85 28.46
C GLU A 796 3.11 -8.25 29.02
N ARG A 797 2.46 -9.24 28.40
CA ARG A 797 2.61 -10.68 28.56
C ARG A 797 4.06 -11.15 28.69
N TYR A 798 4.95 -10.61 27.85
CA TYR A 798 6.34 -11.04 27.77
C TYR A 798 7.30 -10.13 28.52
N MET A 799 7.11 -8.82 28.52
CA MET A 799 8.08 -7.96 29.18
C MET A 799 7.69 -7.49 30.56
N ASP A 800 6.76 -6.52 30.68
CA ASP A 800 5.90 -6.26 31.83
C ASP A 800 5.12 -5.00 31.49
N VAL A 801 4.35 -4.49 32.43
CA VAL A 801 3.86 -3.11 32.39
C VAL A 801 5.09 -2.22 32.47
N PRO A 802 5.20 -1.17 31.62
CA PRO A 802 6.49 -0.44 31.48
C PRO A 802 7.06 0.25 32.71
N GLU A 803 6.23 0.69 33.66
CA GLU A 803 6.80 1.22 34.91
C GLU A 803 7.33 0.10 35.79
N ASN A 804 6.84 -1.13 35.65
CA ASN A 804 7.37 -2.21 36.46
C ASN A 804 8.76 -2.62 35.96
N ASN A 805 8.88 -2.93 34.68
CA ASN A 805 10.17 -3.19 34.06
C ASN A 805 10.45 -2.05 33.09
N GLN A 806 11.45 -1.23 33.41
CA GLN A 806 11.84 -0.18 32.47
C GLN A 806 13.23 -0.46 31.90
N HIS A 807 14.12 -1.08 32.68
CA HIS A 807 15.46 -1.45 32.27
C HIS A 807 15.48 -2.38 31.07
N GLY A 808 14.54 -3.30 30.97
CA GLY A 808 14.53 -4.27 29.91
C GLY A 808 13.81 -3.79 28.67
N TYR A 809 12.84 -2.88 28.83
CA TYR A 809 12.27 -2.16 27.70
C TYR A 809 13.35 -1.37 26.97
N GLU A 810 14.15 -0.62 27.73
CA GLU A 810 15.22 0.18 27.13
C GLU A 810 16.28 -0.72 26.51
N ALA A 811 16.68 -1.78 27.23
CA ALA A 811 17.70 -2.68 26.74
C ALA A 811 17.26 -3.41 25.47
N GLY A 812 15.99 -3.75 25.36
CA GLY A 812 15.53 -4.49 24.21
C GLY A 812 14.69 -3.68 23.25
N SER A 813 14.78 -2.36 23.31
CA SER A 813 14.22 -1.48 22.30
C SER A 813 15.39 -1.01 21.45
N VAL A 814 15.47 -1.53 20.22
CA VAL A 814 16.64 -1.34 19.36
C VAL A 814 16.80 0.12 18.95
N ALA A 815 15.69 0.87 18.88
CA ALA A 815 15.75 2.27 18.49
C ALA A 815 16.44 3.14 19.54
N LEU A 816 16.53 2.68 20.78
CA LEU A 816 17.30 3.36 21.80
C LEU A 816 18.77 2.96 21.82
N HIS A 817 19.18 2.02 20.97
CA HIS A 817 20.57 1.56 20.91
C HIS A 817 21.16 1.72 19.52
N VAL A 818 20.74 2.78 18.82
CA VAL A 818 21.22 3.05 17.47
C VAL A 818 22.70 3.46 17.48
N GLU A 819 23.16 4.14 18.52
CA GLU A 819 24.59 4.41 18.74
C GLU A 819 25.49 3.18 18.57
N LYS A 820 24.98 1.98 18.86
CA LYS A 820 25.75 0.77 18.68
C LYS A 820 25.63 0.17 17.28
N LEU A 821 24.81 0.73 16.40
CA LEU A 821 24.72 0.26 15.04
C LEU A 821 25.98 0.70 14.29
N PRO A 822 26.36 0.02 13.20
CA PRO A 822 27.69 0.27 12.63
C PRO A 822 27.80 1.63 11.94
N ASN A 823 28.95 2.26 12.14
CA ASN A 823 29.22 3.54 11.48
C ASN A 823 29.51 3.38 10.01
N GLU A 824 30.09 2.26 9.59
CA GLU A 824 30.35 2.07 8.18
C GLU A 824 29.02 1.78 7.46
N PRO A 825 28.89 2.20 6.21
CA PRO A 825 27.57 2.18 5.57
C PRO A 825 27.20 0.81 5.03
N ASN A 826 25.96 0.74 4.52
CA ASN A 826 25.50 -0.23 3.55
C ASN A 826 25.43 -1.64 4.18
N ARG A 827 25.18 -1.69 5.49
CA ARG A 827 25.06 -2.93 6.26
C ARG A 827 23.64 -3.21 6.73
N LEU A 828 22.70 -2.31 6.47
CA LEU A 828 21.41 -2.36 7.15
C LEU A 828 20.32 -1.97 6.17
N LEU A 829 19.41 -2.91 5.87
CA LEU A 829 18.29 -2.64 4.98
C LEU A 829 17.01 -2.82 5.78
N ILE A 830 16.25 -1.75 5.94
CA ILE A 830 14.99 -1.73 6.66
C ILE A 830 13.84 -1.81 5.66
N LEU A 831 12.98 -2.81 5.82
CA LEU A 831 11.81 -3.03 4.98
C LEU A 831 10.59 -2.75 5.82
N HIS A 832 9.57 -2.11 5.27
CA HIS A 832 8.37 -1.90 6.09
C HIS A 832 7.16 -1.67 5.20
N GLY A 833 6.07 -2.37 5.50
CA GLY A 833 4.79 -2.07 4.88
C GLY A 833 4.14 -0.86 5.50
N PHE A 834 3.84 0.15 4.68
CA PHE A 834 3.40 1.46 5.14
C PHE A 834 2.09 1.42 5.89
N LEU A 835 1.18 0.53 5.53
CA LEU A 835 -0.17 0.55 6.05
C LEU A 835 -0.33 -0.34 7.26
N ASP A 836 0.76 -0.63 7.96
CA ASP A 836 0.76 -1.72 8.94
C ASP A 836 0.06 -1.25 10.20
N GLU A 837 -1.12 -1.80 10.47
CA GLU A 837 -1.79 -1.54 11.73
C GLU A 837 -1.18 -2.36 12.86
N ASN A 838 -0.45 -3.42 12.54
CA ASN A 838 0.05 -4.31 13.58
C ASN A 838 1.37 -3.75 14.11
N VAL A 839 2.43 -3.77 13.29
CA VAL A 839 3.70 -3.13 13.61
C VAL A 839 3.75 -1.81 12.87
N HIS A 840 3.30 -0.74 13.52
CA HIS A 840 3.06 0.53 12.85
C HIS A 840 4.32 1.13 12.25
N PHE A 841 4.10 1.90 11.18
CA PHE A 841 5.18 2.57 10.47
C PHE A 841 6.01 3.46 11.38
N PHE A 842 5.42 3.98 12.46
CA PHE A 842 6.11 4.66 13.55
C PHE A 842 7.36 3.93 14.03
N HIS A 843 7.34 2.59 14.06
CA HIS A 843 8.49 1.84 14.56
C HIS A 843 9.70 2.05 13.66
N THR A 844 9.52 1.84 12.36
CA THR A 844 10.54 2.17 11.37
C THR A 844 10.88 3.65 11.36
N ASN A 845 9.86 4.51 11.49
CA ASN A 845 10.07 5.95 11.53
C ASN A 845 10.93 6.39 12.71
N PHE A 846 10.68 5.83 13.88
CA PHE A 846 11.46 6.16 15.07
C PHE A 846 12.86 5.59 14.95
N LEU A 847 12.98 4.43 14.28
CA LEU A 847 14.30 3.87 14.03
C LEU A 847 15.11 4.77 13.11
N VAL A 848 14.53 5.15 11.97
CA VAL A 848 15.18 6.02 11.00
C VAL A 848 15.50 7.37 11.62
N SER A 849 14.59 7.89 12.46
CA SER A 849 14.80 9.09 13.27
C SER A 849 16.04 8.99 14.13
N GLN A 850 16.16 7.89 14.87
CA GLN A 850 17.28 7.76 15.78
C GLN A 850 18.57 7.42 15.05
N LEU A 851 18.47 6.79 13.87
CA LEU A 851 19.65 6.61 13.01
C LEU A 851 20.18 7.95 12.53
N ILE A 852 19.28 8.82 12.06
CA ILE A 852 19.65 10.19 11.68
C ILE A 852 20.26 10.95 12.84
N ARG A 853 19.63 10.86 14.03
CA ARG A 853 20.11 11.59 15.19
C ARG A 853 21.44 11.07 15.70
N ALA A 854 21.72 9.79 15.51
CA ALA A 854 23.02 9.24 15.90
C ALA A 854 24.03 9.28 14.77
N GLY A 855 23.62 9.69 13.58
CA GLY A 855 24.54 9.77 12.47
C GLY A 855 24.90 8.42 11.91
N LYS A 856 23.89 7.56 11.75
CA LYS A 856 24.12 6.21 11.27
C LYS A 856 23.38 5.95 9.97
N PRO A 857 24.02 5.29 9.02
CA PRO A 857 23.39 5.03 7.72
C PRO A 857 22.36 3.92 7.78
N TYR A 858 21.59 3.84 6.70
CA TYR A 858 20.59 2.81 6.50
C TYR A 858 20.18 2.83 5.03
N GLN A 859 19.64 1.71 4.56
CA GLN A 859 18.81 1.71 3.38
C GLN A 859 17.40 1.37 3.82
N LEU A 860 16.40 1.74 3.01
CA LEU A 860 15.03 1.57 3.43
C LEU A 860 14.13 1.34 2.22
N GLN A 861 13.10 0.53 2.41
CA GLN A 861 12.14 0.21 1.36
C GLN A 861 10.76 0.22 2.00
N ILE A 862 9.82 0.84 1.30
CA ILE A 862 8.46 0.99 1.77
C ILE A 862 7.57 0.15 0.88
N TYR A 863 6.50 -0.39 1.46
CA TYR A 863 5.43 -1.02 0.68
C TYR A 863 4.14 -0.27 0.95
N PRO A 864 3.80 0.69 0.08
CA PRO A 864 2.71 1.63 0.38
C PRO A 864 1.33 1.01 0.42
N ASN A 865 1.11 -0.13 -0.24
CA ASN A 865 -0.24 -0.66 -0.33
C ASN A 865 -0.32 -1.95 0.51
N GLU A 866 0.71 -2.26 1.27
CA GLU A 866 0.79 -3.55 1.96
C GLU A 866 0.71 -3.37 3.46
N ARG A 867 -0.11 -4.20 4.11
CA ARG A 867 -0.29 -4.03 5.54
C ARG A 867 0.84 -4.65 6.33
N HIS A 868 0.81 -5.97 6.51
CA HIS A 868 1.80 -6.57 7.39
C HIS A 868 2.55 -7.68 6.68
N SER A 869 1.80 -8.59 6.09
CA SER A 869 2.35 -9.54 5.14
C SER A 869 2.14 -8.98 3.75
N ILE A 870 3.18 -9.04 2.93
CA ILE A 870 3.12 -8.50 1.58
C ILE A 870 2.22 -9.41 0.76
N ARG A 871 1.03 -8.92 0.42
CA ARG A 871 -0.02 -9.75 -0.16
C ARG A 871 -0.06 -9.71 -1.68
N CYS A 872 0.23 -8.58 -2.29
CA CYS A 872 0.24 -8.51 -3.76
C CYS A 872 1.42 -9.33 -4.29
N PRO A 873 1.21 -10.19 -5.28
CA PRO A 873 2.34 -10.96 -5.83
C PRO A 873 3.41 -10.09 -6.46
N GLU A 874 3.03 -9.01 -7.12
CA GLU A 874 4.00 -8.04 -7.67
C GLU A 874 4.84 -7.43 -6.57
N SER A 875 4.21 -7.03 -5.46
CA SER A 875 4.92 -6.46 -4.33
C SER A 875 5.81 -7.48 -3.64
N GLY A 876 5.37 -8.74 -3.57
CA GLY A 876 6.22 -9.77 -3.02
C GLY A 876 7.40 -10.07 -3.92
N GLU A 877 7.19 -10.00 -5.23
CA GLU A 877 8.26 -10.21 -6.20
C GLU A 877 9.29 -9.10 -6.08
N HIS A 878 8.83 -7.87 -5.85
CA HIS A 878 9.76 -6.77 -5.62
C HIS A 878 10.54 -6.96 -4.32
N TYR A 879 9.84 -7.37 -3.25
CA TYR A 879 10.49 -7.64 -1.96
C TYR A 879 11.62 -8.65 -2.11
N GLU A 880 11.38 -9.73 -2.86
CA GLU A 880 12.40 -10.75 -2.98
C GLU A 880 13.53 -10.29 -3.89
N VAL A 881 13.22 -9.57 -4.97
CA VAL A 881 14.29 -9.07 -5.84
C VAL A 881 15.12 -8.03 -5.11
N THR A 882 14.51 -7.26 -4.20
CA THR A 882 15.27 -6.34 -3.35
C THR A 882 16.17 -7.09 -2.38
N LEU A 883 15.70 -8.23 -1.87
CA LEU A 883 16.49 -9.02 -0.94
C LEU A 883 17.68 -9.66 -1.63
N LEU A 884 17.44 -10.24 -2.80
CA LEU A 884 18.49 -10.85 -3.61
C LEU A 884 19.50 -9.82 -4.06
N HIS A 885 19.04 -8.65 -4.52
CA HIS A 885 19.96 -7.59 -4.93
C HIS A 885 20.82 -7.11 -3.76
N PHE A 886 20.19 -6.87 -2.61
CA PHE A 886 20.93 -6.37 -1.45
C PHE A 886 22.01 -7.34 -1.01
N LEU A 887 21.68 -8.64 -0.98
CA LEU A 887 22.68 -9.64 -0.62
C LEU A 887 23.74 -9.81 -1.70
N GLN A 888 23.32 -9.94 -2.96
CA GLN A 888 24.21 -10.03 -4.11
C GLN A 888 25.28 -8.94 -4.10
N GLU A 889 24.85 -7.70 -3.90
CA GLU A 889 25.79 -6.60 -4.04
C GLU A 889 26.58 -6.34 -2.76
N TYR A 890 25.92 -6.33 -1.60
CA TYR A 890 26.56 -5.79 -0.42
C TYR A 890 26.91 -6.79 0.68
N LEU A 891 26.49 -8.05 0.59
CA LEU A 891 26.92 -9.01 1.61
C LEU A 891 28.34 -9.49 1.38
N GLY B 166 -12.12 -61.53 -36.50
CA GLY B 166 -11.92 -60.59 -37.58
C GLY B 166 -12.38 -59.18 -37.24
N ASN B 167 -12.62 -58.37 -38.27
CA ASN B 167 -13.09 -57.01 -38.07
C ASN B 167 -14.54 -57.01 -37.60
N VAL B 168 -14.86 -56.08 -36.70
CA VAL B 168 -16.19 -56.00 -36.10
C VAL B 168 -16.82 -54.68 -36.53
N ASP B 169 -18.15 -54.66 -36.60
CA ASP B 169 -18.88 -53.50 -37.04
C ASP B 169 -19.11 -52.51 -35.90
N VAL B 170 -19.51 -51.30 -36.26
CA VAL B 170 -19.82 -50.25 -35.30
C VAL B 170 -21.19 -49.67 -35.63
N GLU B 171 -21.85 -49.12 -34.62
CA GLU B 171 -23.11 -48.39 -34.81
C GLU B 171 -22.96 -47.02 -34.16
N LEU B 172 -23.01 -45.96 -34.98
CA LEU B 172 -22.79 -44.61 -34.51
C LEU B 172 -24.10 -44.06 -33.94
N ILE B 173 -24.17 -43.93 -32.63
CA ILE B 173 -25.38 -43.41 -32.00
C ILE B 173 -25.44 -41.89 -32.11
N ASP B 174 -24.39 -41.21 -31.66
CA ASP B 174 -24.29 -39.76 -31.75
C ASP B 174 -22.88 -39.39 -32.15
N LYS B 175 -22.76 -38.60 -33.22
CA LYS B 175 -21.44 -38.22 -33.73
C LYS B 175 -20.78 -37.16 -32.83
N SER B 176 -21.58 -36.37 -32.11
CA SER B 176 -21.03 -35.31 -31.27
C SER B 176 -20.27 -35.88 -30.08
N THR B 177 -20.84 -36.87 -29.41
CA THR B 177 -20.15 -37.54 -28.31
C THR B 177 -19.35 -38.76 -28.76
N ASN B 178 -19.45 -39.13 -30.04
CA ASN B 178 -18.71 -40.22 -30.69
C ASN B 178 -18.96 -41.56 -29.99
N ARG B 179 -20.23 -41.95 -29.97
CA ARG B 179 -20.66 -43.15 -29.27
C ARG B 179 -20.87 -44.30 -30.26
N TYR B 180 -20.25 -45.44 -29.98
CA TYR B 180 -20.31 -46.63 -30.80
C TYR B 180 -20.98 -47.74 -30.01
N SER B 181 -21.95 -48.41 -30.63
CA SER B 181 -22.47 -49.67 -30.14
C SER B 181 -21.86 -50.79 -30.96
N VAL B 182 -21.23 -51.75 -30.29
CA VAL B 182 -20.54 -52.86 -30.94
C VAL B 182 -21.11 -54.17 -30.41
N TRP B 183 -21.49 -55.06 -31.31
CA TRP B 183 -21.95 -56.39 -30.95
C TRP B 183 -20.74 -57.31 -30.83
N PHE B 184 -20.79 -58.22 -29.85
CA PHE B 184 -19.74 -59.19 -29.61
C PHE B 184 -20.35 -60.58 -29.59
N PRO B 185 -20.01 -61.47 -30.53
CA PRO B 185 -20.70 -62.76 -30.66
C PRO B 185 -20.48 -63.74 -29.51
N THR B 186 -19.24 -63.99 -29.13
CA THR B 186 -18.92 -65.07 -28.21
C THR B 186 -17.57 -64.76 -27.54
N ALA B 187 -17.02 -65.77 -26.88
CA ALA B 187 -15.72 -65.66 -26.22
C ALA B 187 -14.61 -65.44 -27.24
N GLY B 188 -13.56 -64.75 -26.81
CA GLY B 188 -12.40 -64.59 -27.66
C GLY B 188 -11.53 -63.45 -27.19
N TRP B 189 -10.39 -63.33 -27.88
CA TRP B 189 -9.47 -62.23 -27.64
C TRP B 189 -10.09 -60.91 -28.05
N TYR B 190 -10.41 -60.76 -29.33
CA TYR B 190 -11.14 -59.62 -29.92
C TYR B 190 -10.42 -58.30 -29.65
N LEU B 191 -9.25 -58.20 -30.30
CA LEU B 191 -8.56 -56.94 -30.43
C LEU B 191 -9.22 -56.10 -31.52
N TRP B 192 -9.50 -54.85 -31.21
CA TRP B 192 -10.01 -53.87 -32.17
C TRP B 192 -9.01 -52.72 -32.20
N SER B 193 -8.26 -52.64 -33.29
CA SER B 193 -7.10 -51.77 -33.41
C SER B 193 -7.44 -50.36 -33.88
N ALA B 194 -8.71 -50.09 -34.18
CA ALA B 194 -9.10 -48.75 -34.58
C ALA B 194 -9.06 -47.77 -33.41
N THR B 195 -9.10 -48.28 -32.18
CA THR B 195 -8.81 -47.48 -31.00
C THR B 195 -7.70 -48.16 -30.19
N GLY B 196 -7.68 -49.49 -30.19
CA GLY B 196 -6.65 -50.24 -29.51
C GLY B 196 -7.15 -51.04 -28.33
N LEU B 197 -8.40 -51.49 -28.39
CA LEU B 197 -9.04 -52.17 -27.27
C LEU B 197 -9.03 -53.68 -27.49
N GLY B 198 -8.36 -54.41 -26.60
CA GLY B 198 -8.49 -55.84 -26.58
C GLY B 198 -9.54 -56.26 -25.58
N PHE B 199 -10.75 -56.53 -26.06
CA PHE B 199 -11.87 -56.89 -25.20
C PHE B 199 -11.88 -58.41 -25.06
N LEU B 200 -11.07 -58.92 -24.13
CA LEU B 200 -11.02 -60.37 -23.91
C LEU B 200 -12.29 -60.79 -23.20
N VAL B 201 -13.21 -61.40 -23.95
CA VAL B 201 -14.59 -61.60 -23.52
C VAL B 201 -14.92 -63.08 -23.49
N ARG B 202 -15.99 -63.42 -22.77
CA ARG B 202 -16.42 -64.79 -22.55
C ARG B 202 -17.77 -65.17 -23.15
N ASP B 203 -18.58 -64.21 -23.59
CA ASP B 203 -19.88 -64.53 -24.18
C ASP B 203 -20.31 -63.38 -25.08
N GLU B 204 -21.60 -63.38 -25.45
CA GLU B 204 -22.17 -62.32 -26.27
C GLU B 204 -22.27 -61.04 -25.47
N VAL B 205 -21.56 -60.00 -25.91
CA VAL B 205 -21.47 -58.73 -25.19
C VAL B 205 -21.92 -57.61 -26.10
N THR B 206 -22.94 -56.87 -25.68
CA THR B 206 -23.35 -55.64 -26.37
C THR B 206 -22.64 -54.49 -25.70
N VAL B 207 -21.51 -54.07 -26.26
CA VAL B 207 -20.62 -53.11 -25.61
C VAL B 207 -20.83 -51.73 -26.22
N THR B 208 -20.69 -50.70 -25.38
CA THR B 208 -20.79 -49.31 -25.81
C THR B 208 -19.49 -48.60 -25.48
N ILE B 209 -18.90 -47.94 -26.47
CA ILE B 209 -17.64 -47.21 -26.28
C ILE B 209 -17.79 -45.78 -26.82
N ALA B 210 -17.31 -44.82 -26.05
CA ALA B 210 -17.30 -43.42 -26.48
C ALA B 210 -15.91 -42.83 -26.29
N PHE B 211 -15.76 -41.58 -26.71
CA PHE B 211 -14.50 -40.85 -26.60
C PHE B 211 -14.57 -39.86 -25.46
N GLY B 212 -13.60 -39.92 -24.56
CA GLY B 212 -13.52 -39.03 -23.41
C GLY B 212 -12.34 -38.09 -23.55
N SER B 213 -12.50 -36.88 -23.02
CA SER B 213 -11.41 -35.91 -22.99
C SER B 213 -10.81 -35.84 -21.59
N TRP B 214 -9.48 -35.77 -21.53
CA TRP B 214 -8.78 -35.76 -20.25
C TRP B 214 -8.96 -34.44 -19.50
N SER B 215 -9.39 -33.38 -20.19
CA SER B 215 -9.51 -32.07 -19.57
C SER B 215 -10.65 -32.04 -18.56
N GLN B 216 -11.79 -32.64 -18.90
CA GLN B 216 -12.98 -32.50 -18.11
C GLN B 216 -13.11 -33.54 -16.99
N HIS B 217 -12.23 -34.52 -16.93
CA HIS B 217 -12.36 -35.60 -15.94
C HIS B 217 -11.31 -35.58 -14.85
N LEU B 218 -10.17 -34.93 -15.07
CA LEU B 218 -9.16 -34.82 -14.03
C LEU B 218 -9.59 -33.79 -12.98
N ALA B 219 -8.75 -33.65 -11.96
CA ALA B 219 -8.98 -32.68 -10.90
C ALA B 219 -8.50 -31.28 -11.26
N LEU B 220 -8.06 -31.08 -12.50
CA LEU B 220 -7.48 -29.87 -13.12
C LEU B 220 -6.12 -29.52 -12.56
N ASP B 221 -5.60 -30.29 -11.60
CA ASP B 221 -4.30 -30.06 -11.01
C ASP B 221 -3.27 -31.04 -11.51
N LEU B 222 -3.70 -32.18 -12.07
CA LEU B 222 -2.80 -33.25 -12.44
C LEU B 222 -2.37 -33.21 -13.90
N GLN B 223 -2.96 -32.34 -14.74
CA GLN B 223 -2.28 -32.02 -15.99
C GLN B 223 -0.99 -31.28 -15.74
N HIS B 224 -1.01 -30.36 -14.78
CA HIS B 224 0.11 -29.48 -14.53
C HIS B 224 0.99 -29.96 -13.38
N HIS B 225 0.57 -31.02 -12.70
CA HIS B 225 1.47 -31.77 -11.83
C HIS B 225 2.49 -32.51 -12.68
N GLU B 226 3.76 -32.14 -12.54
CA GLU B 226 4.80 -32.72 -13.37
C GLU B 226 5.50 -33.91 -12.70
N GLN B 227 4.80 -34.56 -11.77
CA GLN B 227 5.09 -35.94 -11.39
C GLN B 227 3.92 -36.84 -11.73
N TRP B 228 3.09 -36.43 -12.69
CA TRP B 228 1.80 -37.05 -12.94
C TRP B 228 1.48 -37.16 -14.42
N LEU B 229 2.37 -37.78 -15.20
CA LEU B 229 2.18 -37.91 -16.65
C LEU B 229 0.93 -38.70 -17.00
N VAL B 230 0.16 -38.17 -17.94
CA VAL B 230 -0.96 -38.89 -18.49
C VAL B 230 -0.47 -39.81 -19.61
N GLY B 231 -1.03 -41.02 -19.68
CA GLY B 231 -0.87 -41.89 -20.82
C GLY B 231 -2.25 -42.21 -21.39
N GLY B 232 -2.26 -42.73 -22.62
CA GLY B 232 -3.46 -43.20 -23.25
C GLY B 232 -4.53 -42.16 -23.55
N PRO B 233 -5.56 -42.55 -24.28
CA PRO B 233 -6.79 -41.75 -24.36
C PRO B 233 -7.89 -42.28 -23.44
N LEU B 234 -8.95 -41.48 -23.32
CA LEU B 234 -10.09 -41.79 -22.45
C LEU B 234 -11.24 -42.40 -23.24
N PHE B 235 -11.84 -43.42 -22.65
CA PHE B 235 -12.98 -44.13 -23.21
C PHE B 235 -14.10 -44.25 -22.20
N ASP B 236 -15.33 -44.07 -22.67
CA ASP B 236 -16.54 -44.34 -21.90
C ASP B 236 -17.01 -45.73 -22.32
N VAL B 237 -16.49 -46.75 -21.63
CA VAL B 237 -16.77 -48.14 -21.93
C VAL B 237 -17.76 -48.66 -20.90
N THR B 238 -18.95 -49.05 -21.37
CA THR B 238 -19.94 -49.75 -20.56
C THR B 238 -20.27 -51.08 -21.24
N ALA B 239 -20.27 -52.15 -20.45
CA ALA B 239 -20.52 -53.49 -20.98
C ALA B 239 -21.19 -54.32 -19.90
N GLU B 240 -21.41 -55.60 -20.20
CA GLU B 240 -22.01 -56.51 -19.23
C GLU B 240 -20.96 -56.93 -18.20
N PRO B 241 -21.28 -56.83 -16.91
CA PRO B 241 -20.30 -57.22 -15.87
C PRO B 241 -20.33 -58.72 -15.59
N GLU B 242 -19.62 -59.12 -14.53
CA GLU B 242 -19.60 -60.48 -13.99
C GLU B 242 -19.07 -61.48 -15.02
N GLU B 243 -17.79 -61.29 -15.35
CA GLU B 243 -16.97 -62.14 -16.21
C GLU B 243 -17.49 -62.22 -17.64
N ALA B 244 -18.38 -61.32 -18.05
CA ALA B 244 -18.77 -61.26 -19.45
C ALA B 244 -17.66 -60.63 -20.29
N VAL B 245 -17.03 -59.60 -19.77
CA VAL B 245 -15.82 -59.02 -20.34
C VAL B 245 -14.73 -59.22 -19.29
N ALA B 246 -13.87 -60.22 -19.51
CA ALA B 246 -12.91 -60.59 -18.49
C ALA B 246 -11.74 -59.62 -18.44
N GLU B 247 -11.12 -59.35 -19.58
CA GLU B 247 -9.91 -58.53 -19.58
C GLU B 247 -10.03 -57.35 -20.52
N ILE B 248 -9.49 -56.21 -20.09
CA ILE B 248 -9.37 -55.03 -20.92
C ILE B 248 -7.90 -54.84 -21.22
N HIS B 249 -7.54 -54.94 -22.51
CA HIS B 249 -6.20 -54.56 -22.95
C HIS B 249 -6.32 -53.16 -23.54
N LEU B 250 -5.94 -52.16 -22.76
CA LEU B 250 -6.27 -50.77 -22.97
C LEU B 250 -5.09 -50.07 -23.60
N PRO B 251 -5.31 -49.25 -24.62
CA PRO B 251 -4.21 -48.64 -25.37
C PRO B 251 -3.61 -47.46 -24.62
N HIS B 252 -2.32 -47.56 -24.33
CA HIS B 252 -1.50 -46.45 -23.88
C HIS B 252 -0.36 -46.25 -24.87
N PHE B 253 0.46 -45.23 -24.63
CA PHE B 253 1.55 -44.98 -25.58
C PHE B 253 2.95 -45.05 -24.98
N ILE B 254 3.13 -44.84 -23.67
CA ILE B 254 4.44 -44.59 -23.09
C ILE B 254 5.30 -45.87 -23.15
N SER B 255 6.60 -45.69 -23.40
CA SER B 255 7.45 -46.80 -23.81
C SER B 255 7.81 -47.69 -22.62
N LEU B 256 8.40 -48.84 -22.94
CA LEU B 256 8.75 -49.87 -21.97
C LEU B 256 10.21 -50.28 -22.17
N GLN B 257 11.12 -49.59 -21.49
CA GLN B 257 12.46 -50.08 -21.26
C GLN B 257 12.69 -50.19 -19.76
N ALA B 258 13.75 -50.90 -19.38
CA ALA B 258 13.96 -51.21 -17.97
C ALA B 258 14.39 -49.98 -17.17
N GLY B 259 15.26 -49.15 -17.75
CA GLY B 259 15.71 -47.96 -17.06
C GLY B 259 14.67 -46.85 -17.09
N GLU B 260 14.55 -46.14 -15.97
CA GLU B 260 13.75 -44.92 -15.79
C GLU B 260 12.24 -45.11 -15.97
N VAL B 261 11.77 -46.34 -16.12
CA VAL B 261 10.34 -46.64 -16.18
C VAL B 261 10.10 -47.84 -15.28
N ASP B 262 9.20 -47.70 -14.32
CA ASP B 262 8.82 -48.80 -13.46
C ASP B 262 7.42 -49.29 -13.83
N VAL B 263 7.19 -50.58 -13.60
CA VAL B 263 5.86 -51.15 -13.76
C VAL B 263 4.91 -50.57 -12.71
N SER B 264 5.43 -50.33 -11.50
CA SER B 264 4.62 -49.77 -10.43
C SER B 264 4.24 -48.32 -10.66
N TRP B 265 4.95 -47.61 -11.54
CA TRP B 265 4.58 -46.24 -11.87
C TRP B 265 3.31 -46.17 -12.70
N PHE B 266 2.95 -47.23 -13.40
CA PHE B 266 1.76 -47.25 -14.22
C PHE B 266 0.52 -47.36 -13.34
N LEU B 267 -0.48 -46.54 -13.62
CA LEU B 267 -1.76 -46.64 -12.94
C LEU B 267 -2.89 -46.58 -13.96
N VAL B 268 -4.00 -47.21 -13.63
CA VAL B 268 -5.22 -47.18 -14.42
C VAL B 268 -6.30 -46.53 -13.58
N ALA B 269 -6.87 -45.44 -14.08
CA ALA B 269 -7.89 -44.73 -13.34
C ALA B 269 -9.26 -45.33 -13.61
N HIS B 270 -10.29 -44.77 -12.97
CA HIS B 270 -11.68 -45.06 -13.30
C HIS B 270 -12.48 -43.86 -12.86
N PHE B 271 -13.36 -43.38 -13.74
CA PHE B 271 -14.09 -42.13 -13.52
C PHE B 271 -15.55 -42.46 -13.20
N LYS B 272 -15.83 -42.60 -11.91
CA LYS B 272 -17.20 -42.76 -11.44
C LYS B 272 -17.75 -41.42 -10.97
N ASN B 273 -19.00 -41.44 -10.51
CA ASN B 273 -19.54 -40.33 -9.75
C ASN B 273 -18.84 -40.20 -8.39
N GLU B 274 -18.16 -41.26 -7.96
CA GLU B 274 -17.14 -41.18 -6.92
C GLU B 274 -16.13 -40.08 -7.23
N GLY B 275 -15.59 -40.11 -8.44
CA GLY B 275 -14.39 -39.38 -8.78
C GLY B 275 -13.43 -40.31 -9.51
N MET B 276 -12.17 -40.26 -9.10
CA MET B 276 -11.12 -41.10 -9.67
C MET B 276 -10.80 -42.26 -8.73
N VAL B 277 -10.80 -43.47 -9.29
CA VAL B 277 -10.35 -44.67 -8.59
C VAL B 277 -9.11 -45.16 -9.32
N LEU B 278 -7.94 -45.10 -8.68
CA LEU B 278 -6.69 -45.49 -9.30
C LEU B 278 -6.28 -46.87 -8.82
N GLU B 279 -6.16 -47.82 -9.74
CA GLU B 279 -5.70 -49.16 -9.42
C GLU B 279 -4.47 -49.47 -10.25
N HIS B 280 -3.56 -50.25 -9.66
CA HIS B 280 -2.42 -50.72 -10.43
C HIS B 280 -2.87 -51.78 -11.43
N PRO B 281 -2.25 -51.82 -12.61
CA PRO B 281 -2.42 -52.96 -13.50
C PRO B 281 -1.43 -54.07 -13.16
N ALA B 282 -1.79 -55.29 -13.56
CA ALA B 282 -0.95 -56.43 -13.21
C ALA B 282 0.29 -56.50 -14.10
N ARG B 283 0.10 -56.65 -15.41
CA ARG B 283 1.19 -56.68 -16.36
C ARG B 283 1.09 -55.49 -17.29
N VAL B 284 2.24 -55.10 -17.84
CA VAL B 284 2.30 -53.98 -18.78
C VAL B 284 2.89 -54.50 -20.08
N GLU B 285 2.09 -54.49 -21.12
CA GLU B 285 2.45 -54.88 -22.47
C GLU B 285 3.11 -53.70 -23.18
N PRO B 286 3.94 -53.94 -24.21
CA PRO B 286 4.62 -52.83 -24.89
C PRO B 286 3.71 -51.83 -25.59
N PHE B 287 2.46 -52.17 -25.86
CA PHE B 287 1.48 -51.21 -26.34
C PHE B 287 0.27 -51.05 -25.44
N TYR B 288 -0.09 -52.05 -24.64
CA TYR B 288 -1.35 -52.06 -23.90
C TYR B 288 -1.07 -52.19 -22.41
N ALA B 289 -2.11 -51.95 -21.62
CA ALA B 289 -2.11 -52.19 -20.18
C ALA B 289 -3.40 -52.91 -19.81
N VAL B 290 -3.35 -53.76 -18.79
CA VAL B 290 -4.46 -54.68 -18.55
C VAL B 290 -5.28 -54.23 -17.34
N LEU B 291 -6.60 -54.33 -17.51
CA LEU B 291 -7.56 -54.12 -16.43
C LEU B 291 -8.32 -55.43 -16.27
N GLU B 292 -8.51 -55.84 -15.02
CA GLU B 292 -8.92 -57.20 -14.68
C GLU B 292 -10.29 -57.18 -14.03
N SER B 293 -11.27 -57.82 -14.70
CA SER B 293 -12.64 -58.05 -14.25
C SER B 293 -13.35 -56.78 -13.81
N PRO B 294 -13.75 -55.90 -14.74
CA PRO B 294 -14.47 -54.69 -14.34
C PRO B 294 -15.86 -55.00 -13.81
N SER B 295 -16.30 -54.21 -12.85
CA SER B 295 -17.59 -54.40 -12.22
C SER B 295 -18.61 -53.43 -12.80
N ARG B 304 -20.01 -48.45 -14.65
CA ARG B 304 -18.70 -48.78 -15.19
C ARG B 304 -18.25 -47.75 -16.21
N ILE B 305 -18.92 -46.59 -16.20
CA ILE B 305 -18.73 -45.60 -17.27
C ILE B 305 -17.38 -44.90 -17.13
N ALA B 306 -16.89 -44.41 -18.28
CA ALA B 306 -15.62 -43.68 -18.41
C ALA B 306 -14.44 -44.49 -17.88
N SER B 307 -14.34 -45.74 -18.32
CA SER B 307 -13.39 -46.68 -17.73
C SER B 307 -12.07 -46.75 -18.48
N GLY B 308 -12.02 -46.41 -19.76
CA GLY B 308 -10.77 -46.53 -20.48
C GLY B 308 -9.83 -45.40 -20.12
N THR B 309 -8.84 -45.70 -19.29
CA THR B 309 -8.08 -44.74 -18.49
C THR B 309 -6.64 -45.20 -18.35
N ARG B 310 -5.72 -44.24 -18.23
CA ARG B 310 -4.30 -44.51 -18.03
C ARG B 310 -3.64 -43.31 -17.37
N LEU B 311 -3.04 -43.51 -16.20
CA LEU B 311 -2.30 -42.46 -15.50
C LEU B 311 -0.89 -42.96 -15.19
N SER B 312 -0.06 -42.09 -14.64
CA SER B 312 1.28 -42.48 -14.22
C SER B 312 1.76 -41.61 -13.08
N ILE B 313 2.46 -42.21 -12.13
CA ILE B 313 3.15 -41.46 -11.08
C ILE B 313 4.63 -41.72 -11.23
N PRO B 314 5.39 -40.87 -11.92
CA PRO B 314 6.85 -40.98 -11.84
C PRO B 314 7.37 -40.35 -10.56
N ILE B 315 8.28 -41.07 -9.90
CA ILE B 315 8.95 -40.55 -8.70
C ILE B 315 9.98 -39.49 -9.05
N THR B 316 10.38 -39.39 -10.32
CA THR B 316 11.22 -38.33 -10.83
C THR B 316 10.31 -37.46 -11.71
N SER B 317 10.87 -36.40 -12.30
CA SER B 317 10.10 -35.37 -13.00
C SER B 317 9.41 -35.87 -14.27
N ASN B 318 8.63 -35.00 -14.89
CA ASN B 318 7.82 -35.33 -16.06
C ASN B 318 8.61 -35.42 -17.35
N THR B 319 9.85 -34.93 -17.36
CA THR B 319 10.55 -34.63 -18.59
C THR B 319 11.43 -35.77 -19.09
N LEU B 320 11.30 -36.97 -18.53
CA LEU B 320 12.25 -38.04 -18.78
C LEU B 320 11.58 -39.39 -18.93
N ILE B 321 10.31 -39.40 -19.38
CA ILE B 321 9.53 -40.63 -19.37
C ILE B 321 9.50 -41.30 -20.76
N TYR B 322 9.91 -40.58 -21.80
CA TYR B 322 10.49 -41.10 -23.05
C TYR B 322 9.53 -42.02 -23.83
N TYR B 323 8.53 -41.40 -24.46
CA TYR B 323 7.98 -41.99 -25.68
C TYR B 323 7.69 -40.90 -26.70
N HIS B 324 8.07 -41.18 -27.94
CA HIS B 324 8.21 -40.41 -29.18
C HIS B 324 6.87 -40.27 -29.90
N PRO B 325 6.60 -39.12 -30.50
CA PRO B 325 5.43 -38.99 -31.37
C PRO B 325 5.62 -39.76 -32.66
N HIS B 326 4.53 -39.86 -33.42
CA HIS B 326 4.72 -40.31 -34.79
C HIS B 326 4.39 -39.17 -35.74
N PRO B 327 5.31 -38.85 -36.65
CA PRO B 327 5.03 -37.81 -37.64
C PRO B 327 3.91 -38.22 -38.59
N GLU B 328 3.17 -37.21 -39.06
CA GLU B 328 2.06 -37.41 -39.97
C GLU B 328 2.03 -36.21 -40.91
N ASP B 329 2.13 -36.49 -42.22
CA ASP B 329 2.45 -35.48 -43.22
C ASP B 329 1.37 -35.39 -44.29
N ILE B 330 1.09 -34.16 -44.73
CA ILE B 330 0.10 -33.88 -45.78
C ILE B 330 0.70 -32.89 -46.76
N LYS B 331 0.72 -33.25 -48.03
CA LYS B 331 1.08 -32.32 -49.10
C LYS B 331 -0.17 -32.00 -49.89
N PHE B 332 -0.63 -30.75 -49.83
CA PHE B 332 -1.88 -30.41 -50.52
C PHE B 332 -1.64 -29.32 -51.56
N HIS B 333 -2.28 -29.51 -52.72
CA HIS B 333 -2.14 -28.67 -53.89
C HIS B 333 -3.13 -27.51 -53.84
N LEU B 334 -2.60 -26.28 -53.73
CA LEU B 334 -3.45 -25.10 -53.59
C LEU B 334 -2.75 -23.88 -54.19
N TYR B 335 -3.49 -23.14 -55.03
CA TYR B 335 -3.00 -22.22 -56.06
C TYR B 335 -1.79 -22.74 -56.81
N LEU B 336 -1.84 -24.01 -57.24
CA LEU B 336 -0.75 -24.73 -57.91
C LEU B 336 0.52 -24.77 -57.06
N VAL B 337 0.37 -24.73 -55.74
CA VAL B 337 1.51 -24.65 -54.82
C VAL B 337 1.30 -25.62 -53.66
N PRO B 338 2.19 -26.57 -53.44
CA PRO B 338 1.99 -27.52 -52.34
C PRO B 338 2.31 -26.94 -50.96
N SER B 339 1.29 -26.85 -50.13
CA SER B 339 1.48 -26.55 -48.72
C SER B 339 1.64 -27.86 -47.95
N ASP B 340 2.65 -27.92 -47.09
CA ASP B 340 2.88 -29.14 -46.33
C ASP B 340 2.32 -28.98 -44.92
N ALA B 341 2.12 -30.14 -44.28
CA ALA B 341 1.55 -30.20 -42.93
C ALA B 341 2.27 -31.34 -42.21
N LEU B 342 3.15 -30.97 -41.28
CA LEU B 342 3.88 -31.92 -40.46
C LEU B 342 3.28 -31.89 -39.06
N LEU B 343 2.88 -33.06 -38.56
CA LEU B 343 2.24 -33.18 -37.26
C LEU B 343 3.01 -34.18 -36.42
N THR B 344 3.39 -33.78 -35.19
CA THR B 344 4.18 -34.63 -34.30
C THR B 344 3.45 -34.82 -32.95
N LYS B 345 2.51 -35.76 -32.95
CA LYS B 345 1.71 -36.11 -31.79
C LYS B 345 1.91 -37.59 -31.46
N ALA B 346 1.70 -37.93 -30.20
CA ALA B 346 1.83 -39.31 -29.75
C ALA B 346 0.70 -40.15 -30.32
N ILE B 347 0.94 -41.46 -30.38
CA ILE B 347 0.04 -42.35 -31.10
C ILE B 347 -1.20 -42.66 -30.28
N ASP B 348 -2.25 -41.88 -30.51
CA ASP B 348 -3.60 -42.17 -30.02
C ASP B 348 -4.50 -42.15 -31.25
N ASP B 349 -5.16 -43.28 -31.51
CA ASP B 349 -5.81 -43.50 -32.80
C ASP B 349 -7.00 -42.57 -33.02
N GLU B 350 -7.82 -42.35 -31.99
CA GLU B 350 -8.92 -41.42 -32.13
C GLU B 350 -8.45 -39.98 -32.16
N GLU B 351 -7.40 -39.66 -31.40
CA GLU B 351 -6.78 -38.34 -31.46
C GLU B 351 -6.19 -38.07 -32.84
N ASP B 352 -5.48 -39.05 -33.40
CA ASP B 352 -4.89 -38.90 -34.73
C ASP B 352 -5.97 -38.77 -35.80
N ARG B 353 -7.01 -39.61 -35.72
CA ARG B 353 -8.08 -39.61 -36.71
C ARG B 353 -8.87 -38.29 -36.66
N PHE B 354 -9.23 -37.84 -35.46
CA PHE B 354 -10.03 -36.62 -35.39
C PHE B 354 -9.16 -35.39 -35.54
N HIS B 355 -7.85 -35.52 -35.37
CA HIS B 355 -6.94 -34.46 -35.78
C HIS B 355 -6.96 -34.32 -37.30
N GLY B 356 -7.01 -35.45 -38.01
CA GLY B 356 -7.19 -35.40 -39.45
C GLY B 356 -8.55 -34.83 -39.86
N VAL B 357 -9.59 -35.15 -39.08
CA VAL B 357 -10.93 -34.63 -39.37
C VAL B 357 -10.99 -33.13 -39.11
N ARG B 358 -10.25 -32.64 -38.11
CA ARG B 358 -10.07 -31.20 -37.96
C ARG B 358 -9.26 -30.63 -39.13
N LEU B 359 -8.33 -31.44 -39.66
CA LEU B 359 -7.48 -31.03 -40.76
C LEU B 359 -8.19 -31.17 -42.11
N GLN B 360 -9.46 -31.61 -42.09
CA GLN B 360 -10.22 -31.78 -43.32
C GLN B 360 -10.57 -30.42 -43.95
N THR B 361 -10.49 -29.33 -43.19
CA THR B 361 -10.78 -28.00 -43.74
C THR B 361 -9.72 -27.57 -44.76
N SER B 362 -8.48 -28.04 -44.59
CA SER B 362 -7.50 -28.02 -45.65
C SER B 362 -7.33 -29.45 -46.13
N PRO B 363 -8.09 -29.90 -47.13
CA PRO B 363 -8.47 -31.34 -47.26
C PRO B 363 -7.28 -32.25 -47.54
N PRO B 364 -7.02 -33.20 -46.64
CA PRO B 364 -5.76 -33.94 -46.65
C PRO B 364 -5.78 -35.27 -47.37
N MET B 365 -4.62 -35.67 -47.87
CA MET B 365 -4.34 -37.04 -48.29
C MET B 365 -3.26 -37.59 -47.37
N GLU B 366 -3.47 -38.81 -46.89
CA GLU B 366 -2.58 -39.38 -45.87
C GLU B 366 -1.84 -40.60 -46.41
N PRO B 367 -0.56 -40.47 -46.78
CA PRO B 367 0.24 -41.65 -47.06
C PRO B 367 0.70 -42.33 -45.78
N LEU B 368 1.42 -43.44 -45.94
CA LEU B 368 1.83 -44.30 -44.83
C LEU B 368 3.35 -44.23 -44.67
N ASN B 369 3.80 -43.36 -43.78
CA ASN B 369 5.19 -43.29 -43.36
C ASN B 369 5.24 -43.03 -41.87
N PHE B 370 6.08 -43.78 -41.16
CA PHE B 370 6.07 -43.81 -39.71
C PHE B 370 7.44 -43.44 -39.15
N GLY B 371 7.45 -42.49 -38.22
CA GLY B 371 8.65 -42.13 -37.50
C GLY B 371 8.80 -42.77 -36.14
N SER B 372 8.76 -44.11 -36.09
CA SER B 372 8.92 -44.84 -34.83
C SER B 372 10.31 -45.44 -34.67
N SER B 373 11.33 -44.79 -35.23
CA SER B 373 12.67 -45.36 -35.25
C SER B 373 13.36 -45.24 -33.89
N TYR B 374 13.29 -44.07 -33.25
CA TYR B 374 13.93 -43.82 -31.96
C TYR B 374 12.90 -43.38 -30.93
N ILE B 375 13.37 -42.88 -29.79
CA ILE B 375 12.53 -42.42 -28.69
C ILE B 375 12.93 -40.99 -28.34
N VAL B 376 11.96 -40.22 -27.84
CA VAL B 376 12.21 -38.86 -27.33
C VAL B 376 11.25 -38.60 -26.18
N SER B 377 11.68 -37.79 -25.21
CA SER B 377 10.89 -37.53 -24.02
C SER B 377 9.93 -36.36 -24.24
N ASN B 378 9.25 -35.94 -23.17
CA ASN B 378 8.47 -34.71 -23.17
C ASN B 378 9.37 -33.52 -22.86
N SER B 379 8.80 -32.32 -23.03
CA SER B 379 9.51 -31.03 -22.98
C SER B 379 10.71 -31.03 -23.94
N ALA B 380 10.50 -31.58 -25.13
CA ALA B 380 11.56 -31.79 -26.09
C ALA B 380 11.39 -30.80 -27.23
N ASN B 381 12.45 -30.04 -27.50
CA ASN B 381 12.51 -29.10 -28.60
C ASN B 381 13.20 -29.80 -29.78
N LEU B 382 12.42 -30.14 -30.78
CA LEU B 382 12.90 -30.81 -31.98
C LEU B 382 12.93 -29.79 -33.12
N LYS B 383 14.08 -29.62 -33.76
CA LYS B 383 14.10 -28.81 -34.96
C LYS B 383 13.86 -29.70 -36.19
N VAL B 384 13.18 -29.11 -37.16
CA VAL B 384 12.79 -29.76 -38.40
C VAL B 384 13.61 -29.15 -39.53
N MET B 385 14.20 -29.98 -40.38
CA MET B 385 14.77 -29.48 -41.63
C MET B 385 14.70 -30.52 -42.74
N PRO B 386 14.26 -30.16 -43.94
CA PRO B 386 14.65 -30.93 -45.12
C PRO B 386 16.12 -30.67 -45.42
N LYS B 387 16.77 -31.63 -46.08
CA LYS B 387 18.20 -31.40 -46.33
C LYS B 387 18.40 -30.33 -47.41
N GLU B 388 17.46 -30.20 -48.33
CA GLU B 388 17.48 -29.12 -49.31
C GLU B 388 16.48 -28.06 -48.88
N LEU B 389 16.89 -26.79 -48.98
CA LEU B 389 16.24 -25.71 -48.25
C LEU B 389 15.31 -24.90 -49.14
N LYS B 390 14.07 -24.76 -48.67
CA LYS B 390 12.97 -24.03 -49.29
C LYS B 390 12.48 -23.01 -48.27
N LEU B 391 11.28 -22.47 -48.47
CA LEU B 391 10.70 -21.51 -47.54
C LEU B 391 10.40 -22.23 -46.22
N SER B 392 11.38 -22.21 -45.32
CA SER B 392 11.30 -22.97 -44.08
C SER B 392 10.55 -22.15 -43.04
N TYR B 393 9.51 -22.74 -42.46
CA TYR B 393 8.67 -22.08 -41.48
C TYR B 393 8.68 -22.88 -40.18
N ARG B 394 8.92 -22.18 -39.07
CA ARG B 394 8.72 -22.68 -37.70
C ARG B 394 9.56 -23.92 -37.41
N SER B 395 10.88 -23.73 -37.41
CA SER B 395 11.78 -24.88 -37.25
C SER B 395 11.83 -25.44 -35.82
N PRO B 396 12.06 -24.66 -34.72
CA PRO B 396 12.19 -25.33 -33.42
C PRO B 396 10.84 -25.73 -32.80
N GLY B 397 10.23 -26.81 -33.28
CA GLY B 397 8.98 -27.28 -32.71
C GLY B 397 9.20 -28.01 -31.40
N GLU B 398 8.09 -28.39 -30.75
CA GLU B 398 8.18 -29.01 -29.44
C GLU B 398 7.23 -30.21 -29.36
N ILE B 399 7.43 -31.02 -28.33
CA ILE B 399 6.66 -32.25 -28.12
C ILE B 399 5.70 -32.03 -26.97
N GLN B 400 4.40 -32.03 -27.27
CA GLN B 400 3.36 -31.89 -26.25
C GLN B 400 2.14 -32.71 -26.63
N HIS B 401 1.29 -32.94 -25.62
CA HIS B 401 0.04 -33.68 -25.79
C HIS B 401 -1.10 -32.82 -25.27
N PHE B 402 -2.27 -32.95 -25.90
CA PHE B 402 -3.45 -32.18 -25.55
C PHE B 402 -4.67 -33.07 -25.62
N SER B 403 -5.85 -32.46 -25.67
CA SER B 403 -7.13 -33.15 -25.62
C SER B 403 -7.43 -33.87 -26.93
N LYS B 404 -8.68 -34.31 -27.08
CA LYS B 404 -9.12 -34.91 -28.34
C LYS B 404 -9.38 -33.85 -29.40
N PHE B 405 -9.87 -32.67 -29.01
CA PHE B 405 -10.16 -31.57 -29.92
C PHE B 405 -9.31 -30.37 -29.54
N TYR B 406 -8.42 -29.98 -30.44
CA TYR B 406 -7.30 -29.09 -30.15
C TYR B 406 -6.58 -28.77 -31.44
N ALA B 407 -5.52 -27.99 -31.32
CA ALA B 407 -4.55 -27.78 -32.40
C ALA B 407 -3.15 -28.00 -31.85
N GLY B 408 -2.49 -29.06 -32.32
CA GLY B 408 -1.12 -29.32 -31.91
C GLY B 408 -0.13 -28.42 -32.63
N GLN B 409 1.14 -28.54 -32.27
CA GLN B 409 2.17 -27.68 -32.84
C GLN B 409 2.57 -28.18 -34.22
N MET B 410 1.86 -27.74 -35.26
CA MET B 410 2.16 -28.27 -36.58
C MET B 410 3.29 -27.47 -37.24
N LYS B 411 3.76 -27.98 -38.38
CA LYS B 411 4.69 -27.27 -39.24
C LYS B 411 4.06 -27.13 -40.62
N GLU B 412 4.08 -25.91 -41.16
CA GLU B 412 3.48 -25.62 -42.47
C GLU B 412 4.50 -24.96 -43.40
N PRO B 413 5.39 -25.75 -44.03
CA PRO B 413 6.26 -25.17 -45.06
C PRO B 413 5.61 -25.16 -46.43
N ILE B 414 6.32 -24.58 -47.40
CA ILE B 414 5.81 -24.38 -48.75
C ILE B 414 6.79 -25.03 -49.73
N GLN B 415 6.28 -25.88 -50.62
CA GLN B 415 7.10 -26.50 -51.64
C GLN B 415 7.25 -25.63 -52.87
N LEU B 416 6.15 -24.96 -53.27
CA LEU B 416 6.04 -23.91 -54.29
C LEU B 416 6.17 -24.47 -55.71
N GLU B 417 6.46 -25.75 -55.85
CA GLU B 417 6.76 -26.33 -57.15
C GLU B 417 6.27 -27.78 -57.18
N ILE B 418 6.50 -28.44 -58.31
CA ILE B 418 5.96 -29.77 -58.57
C ILE B 418 7.10 -30.79 -58.44
N THR B 419 8.10 -30.45 -57.61
CA THR B 419 9.26 -31.31 -57.42
C THR B 419 8.87 -32.59 -56.69
N GLU B 420 9.70 -33.61 -56.87
CA GLU B 420 9.33 -34.95 -56.45
C GLU B 420 9.83 -35.30 -55.05
N LYS B 421 11.03 -34.88 -54.70
CA LYS B 421 11.77 -35.46 -53.58
C LYS B 421 11.78 -34.52 -52.38
N ARG B 422 11.55 -35.06 -51.18
CA ARG B 422 11.62 -34.29 -49.95
C ARG B 422 12.19 -35.15 -48.84
N HIS B 423 13.23 -34.65 -48.17
CA HIS B 423 13.84 -35.34 -47.03
C HIS B 423 13.74 -34.49 -45.77
N GLY B 424 12.85 -34.88 -44.87
CA GLY B 424 12.68 -34.21 -43.60
C GLY B 424 13.50 -34.89 -42.52
N THR B 425 13.89 -34.11 -41.52
CA THR B 425 14.73 -34.62 -40.43
C THR B 425 14.32 -33.91 -39.15
N LEU B 426 14.03 -34.71 -38.12
CA LEU B 426 13.70 -34.23 -36.79
C LEU B 426 14.92 -34.51 -35.91
N VAL B 427 15.49 -33.47 -35.30
CA VAL B 427 16.75 -33.58 -34.56
C VAL B 427 16.68 -32.71 -33.30
N TRP B 428 17.26 -33.21 -32.20
CA TRP B 428 17.21 -32.57 -30.90
C TRP B 428 17.95 -31.23 -30.88
N ASP B 429 17.77 -30.49 -29.79
CA ASP B 429 18.58 -29.30 -29.53
C ASP B 429 19.42 -29.38 -28.27
N THR B 430 18.97 -30.10 -27.24
CA THR B 430 19.76 -30.20 -26.02
C THR B 430 20.93 -31.15 -26.16
N GLU B 431 20.91 -32.03 -27.18
CA GLU B 431 22.03 -32.90 -27.46
C GLU B 431 22.04 -33.14 -28.97
N VAL B 432 23.18 -33.60 -29.49
CA VAL B 432 23.44 -33.56 -30.92
C VAL B 432 22.67 -34.62 -31.70
N LYS B 433 22.07 -35.61 -31.04
CA LYS B 433 21.53 -36.77 -31.75
C LYS B 433 20.23 -36.42 -32.48
N PRO B 434 19.96 -37.08 -33.61
CA PRO B 434 18.68 -36.94 -34.27
C PRO B 434 17.69 -38.01 -33.81
N VAL B 435 16.44 -37.83 -34.23
CA VAL B 435 15.41 -38.84 -33.94
C VAL B 435 14.72 -39.34 -35.20
N ASP B 436 14.65 -38.59 -36.30
CA ASP B 436 13.86 -39.07 -37.43
C ASP B 436 14.43 -38.54 -38.74
N LEU B 437 14.50 -39.41 -39.75
CA LEU B 437 14.89 -39.02 -41.10
C LEU B 437 13.92 -39.68 -42.07
N GLN B 438 13.11 -38.89 -42.76
CA GLN B 438 12.05 -39.43 -43.60
C GLN B 438 12.18 -38.94 -45.03
N LEU B 439 11.86 -39.85 -45.95
CA LEU B 439 11.94 -39.64 -47.38
C LEU B 439 10.53 -39.71 -47.95
N VAL B 440 10.09 -38.67 -48.64
CA VAL B 440 8.73 -38.62 -49.17
C VAL B 440 8.75 -38.04 -50.58
N ALA B 441 8.00 -38.66 -51.49
CA ALA B 441 7.89 -38.24 -52.87
C ALA B 441 6.50 -37.66 -53.15
N ALA B 442 6.40 -36.95 -54.27
CA ALA B 442 5.17 -36.29 -54.68
C ALA B 442 4.45 -37.05 -55.80
N SER B 443 4.48 -38.38 -55.75
CA SER B 443 3.85 -39.18 -56.79
C SER B 443 2.33 -39.12 -56.71
N ALA B 444 1.79 -38.95 -55.51
CA ALA B 444 0.35 -38.81 -55.31
C ALA B 444 0.09 -37.55 -54.49
N PRO B 445 0.05 -36.37 -55.15
CA PRO B 445 -0.24 -35.13 -54.43
C PRO B 445 -1.69 -35.02 -54.00
N LEU C 320 -4.34 -18.27 -10.66
CA LEU C 320 -3.40 -18.13 -11.75
C LEU C 320 -3.00 -19.49 -12.31
N ILE C 321 -4.00 -20.22 -12.83
CA ILE C 321 -3.79 -21.54 -13.41
C ILE C 321 -3.52 -21.37 -14.91
N TYR C 322 -2.52 -22.09 -15.40
CA TYR C 322 -2.13 -22.01 -16.80
C TYR C 322 -3.10 -22.81 -17.67
N TYR C 323 -3.27 -22.36 -18.92
CA TYR C 323 -4.28 -22.90 -19.81
C TYR C 323 -3.65 -23.26 -21.15
N HIS C 324 -4.31 -24.18 -21.86
CA HIS C 324 -3.89 -24.56 -23.21
C HIS C 324 -4.41 -23.54 -24.21
N PRO C 325 -3.53 -22.81 -24.89
CA PRO C 325 -3.96 -21.66 -25.68
C PRO C 325 -4.58 -22.04 -27.02
N HIS C 326 -5.40 -21.12 -27.54
CA HIS C 326 -5.96 -21.19 -28.88
C HIS C 326 -5.66 -19.87 -29.57
N PRO C 327 -4.52 -19.76 -30.26
CA PRO C 327 -4.32 -18.62 -31.16
C PRO C 327 -4.81 -18.93 -32.58
N GLU C 328 -5.64 -18.04 -33.13
CA GLU C 328 -6.15 -18.21 -34.50
C GLU C 328 -6.54 -16.88 -35.11
N ASP C 329 -5.96 -16.55 -36.25
CA ASP C 329 -6.25 -15.30 -36.94
C ASP C 329 -7.04 -15.53 -38.23
N ILE C 330 -8.35 -15.39 -38.10
CA ILE C 330 -9.33 -15.83 -39.08
C ILE C 330 -9.54 -14.75 -40.13
N LYS C 331 -9.42 -15.12 -41.40
CA LYS C 331 -9.26 -14.16 -42.48
C LYS C 331 -10.41 -14.21 -43.48
N PHE C 332 -10.62 -13.08 -44.16
CA PHE C 332 -11.55 -12.99 -45.28
C PHE C 332 -10.99 -12.02 -46.31
N HIS C 333 -11.07 -12.41 -47.58
CA HIS C 333 -10.84 -11.50 -48.70
C HIS C 333 -12.15 -10.79 -49.01
N LEU C 334 -12.29 -9.57 -48.49
CA LEU C 334 -13.46 -8.75 -48.75
C LEU C 334 -13.29 -8.07 -50.11
N TYR C 335 -14.31 -7.30 -50.52
CA TYR C 335 -14.32 -6.70 -51.86
C TYR C 335 -13.19 -5.69 -52.04
N LEU C 336 -12.92 -4.87 -51.03
CA LEU C 336 -11.82 -3.94 -51.23
C LEU C 336 -10.79 -3.97 -50.10
N VAL C 337 -11.23 -4.15 -48.85
CA VAL C 337 -10.31 -4.24 -47.71
C VAL C 337 -10.45 -5.59 -46.99
N PRO C 338 -9.53 -6.53 -47.23
CA PRO C 338 -9.60 -7.82 -46.53
C PRO C 338 -9.29 -7.71 -45.04
N SER C 339 -9.93 -8.57 -44.27
CA SER C 339 -10.01 -8.43 -42.81
C SER C 339 -9.63 -9.72 -42.11
N ASP C 340 -8.81 -9.60 -41.07
CA ASP C 340 -8.43 -10.70 -40.21
C ASP C 340 -9.19 -10.62 -38.89
N ALA C 341 -8.92 -11.60 -38.02
CA ALA C 341 -9.48 -11.62 -36.66
C ALA C 341 -8.55 -12.47 -35.80
N LEU C 342 -7.72 -11.81 -35.00
CA LEU C 342 -6.75 -12.50 -34.15
C LEU C 342 -7.43 -12.88 -32.84
N LEU C 343 -7.28 -14.13 -32.44
CA LEU C 343 -7.88 -14.66 -31.23
C LEU C 343 -6.79 -15.34 -30.41
N THR C 344 -6.64 -14.93 -29.15
CA THR C 344 -5.81 -15.64 -28.17
C THR C 344 -6.78 -16.04 -27.08
N LYS C 345 -7.34 -17.24 -27.20
CA LYS C 345 -8.43 -17.65 -26.34
C LYS C 345 -8.23 -19.12 -25.96
N ALA C 346 -8.40 -19.41 -24.68
CA ALA C 346 -8.05 -20.72 -24.14
C ALA C 346 -9.05 -21.79 -24.62
N ILE C 347 -8.55 -23.01 -24.87
CA ILE C 347 -9.33 -24.05 -25.52
C ILE C 347 -10.35 -24.64 -24.55
N ASP C 348 -11.51 -24.96 -25.12
CA ASP C 348 -12.42 -26.01 -24.69
C ASP C 348 -13.35 -26.24 -25.88
N ASP C 349 -14.13 -27.32 -25.87
CA ASP C 349 -14.88 -27.71 -27.06
C ASP C 349 -16.00 -26.72 -27.38
N GLU C 350 -16.82 -26.38 -26.39
CA GLU C 350 -18.01 -25.57 -26.63
C GLU C 350 -17.65 -24.13 -26.99
N GLU C 351 -16.49 -23.65 -26.51
CA GLU C 351 -16.08 -22.28 -26.77
C GLU C 351 -15.59 -22.12 -28.21
N ASP C 352 -14.79 -23.09 -28.69
CA ASP C 352 -14.38 -23.11 -30.09
C ASP C 352 -15.56 -23.34 -31.02
N ARG C 353 -16.48 -24.23 -30.64
CA ARG C 353 -17.65 -24.49 -31.48
C ARG C 353 -18.60 -23.31 -31.51
N PHE C 354 -18.66 -22.53 -30.43
CA PHE C 354 -19.35 -21.24 -30.47
C PHE C 354 -18.67 -20.30 -31.44
N HIS C 355 -17.36 -20.11 -31.29
CA HIS C 355 -16.67 -19.03 -31.97
C HIS C 355 -16.60 -19.26 -33.47
N GLY C 356 -16.33 -20.50 -33.87
CA GLY C 356 -16.08 -20.80 -35.27
C GLY C 356 -17.29 -20.62 -36.17
N VAL C 357 -18.49 -20.74 -35.60
CA VAL C 357 -19.69 -20.51 -36.39
C VAL C 357 -20.27 -19.12 -36.12
N ARG C 358 -20.04 -18.55 -34.92
CA ARG C 358 -20.71 -17.29 -34.60
C ARG C 358 -19.87 -16.09 -34.97
N LEU C 359 -18.62 -16.29 -35.41
CA LEU C 359 -17.91 -15.19 -36.04
C LEU C 359 -18.33 -15.05 -37.50
N GLN C 360 -18.96 -16.10 -38.04
CA GLN C 360 -19.25 -16.18 -39.48
C GLN C 360 -20.39 -15.25 -39.90
N THR C 361 -21.08 -14.62 -38.95
CA THR C 361 -22.14 -13.66 -39.27
C THR C 361 -21.58 -12.38 -39.90
N SER C 362 -20.31 -12.08 -39.63
CA SER C 362 -19.57 -11.03 -40.33
C SER C 362 -18.41 -11.70 -41.07
N PRO C 363 -18.71 -12.37 -42.19
CA PRO C 363 -18.03 -13.66 -42.54
C PRO C 363 -16.54 -13.55 -42.73
N PRO C 364 -15.74 -14.18 -41.87
CA PRO C 364 -14.39 -14.58 -42.26
C PRO C 364 -14.41 -16.01 -42.78
N MET C 365 -13.25 -16.59 -43.08
CA MET C 365 -13.17 -18.04 -43.27
C MET C 365 -12.01 -18.60 -42.45
N GLU C 366 -12.21 -19.78 -41.86
CA GLU C 366 -11.30 -20.30 -40.84
C GLU C 366 -9.97 -20.73 -41.44
N PRO C 367 -8.86 -20.18 -40.95
CA PRO C 367 -7.54 -20.46 -41.50
C PRO C 367 -6.91 -21.64 -40.77
N LEU C 368 -5.63 -21.86 -41.06
CA LEU C 368 -4.82 -22.69 -40.20
C LEU C 368 -3.58 -21.89 -39.83
N ASN C 369 -3.20 -21.94 -38.56
CA ASN C 369 -2.00 -21.26 -38.09
C ASN C 369 -1.48 -22.00 -36.86
N PHE C 370 -0.43 -21.47 -36.25
CA PHE C 370 0.34 -22.20 -35.24
C PHE C 370 -0.29 -22.02 -33.87
N GLY C 371 -0.69 -23.14 -33.26
CA GLY C 371 -1.07 -23.11 -31.86
C GLY C 371 0.14 -22.89 -30.98
N SER C 372 -0.09 -22.22 -29.84
CA SER C 372 1.01 -21.76 -28.99
C SER C 372 1.66 -22.94 -28.28
N SER C 373 2.97 -23.09 -28.46
CA SER C 373 3.70 -24.22 -27.87
C SER C 373 3.82 -24.06 -26.37
N TYR C 374 4.22 -22.88 -25.90
CA TYR C 374 4.33 -22.64 -24.47
C TYR C 374 2.95 -22.35 -23.89
N ILE C 375 2.87 -22.36 -22.57
CA ILE C 375 1.61 -22.35 -21.85
C ILE C 375 1.42 -20.99 -21.19
N VAL C 376 0.18 -20.50 -21.19
CA VAL C 376 -0.12 -19.12 -20.83
C VAL C 376 -0.98 -19.09 -19.57
N SER C 377 -0.80 -18.03 -18.78
CA SER C 377 -1.52 -17.85 -17.52
C SER C 377 -2.58 -16.76 -17.64
N ASN C 378 -3.61 -16.88 -16.82
CA ASN C 378 -4.73 -15.94 -16.85
C ASN C 378 -4.39 -14.67 -16.06
N SER C 379 -5.29 -13.68 -16.20
CA SER C 379 -5.21 -12.36 -15.58
C SER C 379 -3.92 -11.62 -15.90
N ALA C 380 -3.36 -11.83 -17.09
CA ALA C 380 -2.12 -11.20 -17.51
C ALA C 380 -2.32 -10.69 -18.93
N ASN C 381 -2.06 -9.40 -19.14
CA ASN C 381 -2.25 -8.79 -20.45
C ASN C 381 -1.16 -9.24 -21.41
N LEU C 382 -1.56 -9.54 -22.64
CA LEU C 382 -0.63 -9.88 -23.71
C LEU C 382 -0.61 -8.78 -24.76
N LYS C 383 0.50 -8.71 -25.50
CA LYS C 383 0.73 -7.67 -26.49
C LYS C 383 0.92 -8.34 -27.84
N VAL C 384 0.16 -7.89 -28.84
CA VAL C 384 0.30 -8.36 -30.22
C VAL C 384 1.07 -7.33 -31.02
N MET C 385 2.22 -7.73 -31.57
CA MET C 385 2.94 -6.88 -32.51
C MET C 385 2.97 -7.52 -33.88
N PRO C 386 2.33 -6.95 -34.88
CA PRO C 386 2.71 -7.25 -36.26
C PRO C 386 4.05 -6.61 -36.57
N LYS C 387 4.76 -7.20 -37.54
CA LYS C 387 6.08 -6.67 -37.87
C LYS C 387 5.96 -5.32 -38.57
N GLU C 388 4.90 -5.14 -39.36
CA GLU C 388 4.62 -3.88 -40.04
C GLU C 388 3.35 -3.27 -39.47
N LEU C 389 2.94 -2.14 -40.05
CA LEU C 389 1.77 -1.43 -39.57
C LEU C 389 0.50 -2.03 -40.13
N LYS C 390 -0.56 -1.98 -39.32
CA LYS C 390 -1.89 -2.41 -39.73
C LYS C 390 -2.90 -1.57 -38.97
N LEU C 391 -4.17 -1.90 -39.11
CA LEU C 391 -5.23 -1.20 -38.40
C LEU C 391 -5.16 -1.64 -36.94
N SER C 392 -4.57 -0.80 -36.09
CA SER C 392 -4.20 -1.17 -34.73
C SER C 392 -4.93 -0.29 -33.71
N TYR C 393 -6.16 -0.67 -33.40
CA TYR C 393 -6.79 -0.30 -32.14
C TYR C 393 -6.73 -1.50 -31.20
N ARG C 394 -7.19 -1.31 -29.96
CA ARG C 394 -7.41 -2.31 -28.89
C ARG C 394 -6.34 -3.41 -28.78
N SER C 395 -5.08 -3.01 -28.99
CA SER C 395 -3.96 -3.95 -28.98
C SER C 395 -3.70 -4.74 -27.69
N PRO C 396 -4.02 -4.26 -26.48
CA PRO C 396 -3.94 -5.16 -25.31
C PRO C 396 -4.94 -6.30 -25.42
N GLY C 397 -4.44 -7.54 -25.40
CA GLY C 397 -5.28 -8.71 -25.40
C GLY C 397 -5.36 -9.34 -24.03
N GLU C 398 -6.55 -9.79 -23.66
CA GLU C 398 -6.79 -10.41 -22.37
C GLU C 398 -7.48 -11.75 -22.57
N ILE C 399 -7.17 -12.69 -21.69
CA ILE C 399 -7.73 -14.04 -21.76
C ILE C 399 -8.64 -14.27 -20.56
N GLN C 400 -9.79 -14.87 -20.84
CA GLN C 400 -10.85 -15.06 -19.85
C GLN C 400 -11.71 -16.22 -20.34
N HIS C 401 -12.54 -16.78 -19.47
CA HIS C 401 -13.49 -17.80 -19.91
C HIS C 401 -14.91 -17.33 -19.62
N PHE C 402 -15.65 -17.03 -20.69
CA PHE C 402 -17.05 -16.62 -20.58
C PHE C 402 -17.97 -17.82 -20.77
N SER C 403 -19.25 -17.54 -20.96
CA SER C 403 -20.22 -18.54 -21.38
C SER C 403 -20.29 -18.54 -22.91
N LYS C 404 -21.32 -19.21 -23.44
CA LYS C 404 -21.50 -19.26 -24.88
C LYS C 404 -21.95 -17.92 -25.44
N PHE C 405 -22.86 -17.22 -24.75
CA PHE C 405 -23.58 -16.11 -25.35
C PHE C 405 -22.72 -14.86 -25.47
N TYR C 406 -21.85 -14.61 -24.49
CA TYR C 406 -21.08 -13.37 -24.47
C TYR C 406 -19.98 -13.38 -25.52
N ALA C 407 -19.71 -12.19 -26.08
CA ALA C 407 -18.68 -12.05 -27.09
C ALA C 407 -17.30 -12.14 -26.46
N GLY C 408 -16.42 -12.92 -27.09
CA GLY C 408 -15.08 -13.08 -26.56
C GLY C 408 -14.23 -11.85 -26.81
N GLN C 409 -13.12 -11.77 -26.08
CA GLN C 409 -12.16 -10.68 -26.24
C GLN C 409 -11.34 -10.94 -27.49
N MET C 410 -11.58 -10.15 -28.52
CA MET C 410 -11.14 -10.49 -29.87
C MET C 410 -10.19 -9.42 -30.40
N LYS C 411 -9.67 -9.69 -31.57
CA LYS C 411 -9.07 -8.70 -32.45
C LYS C 411 -9.67 -8.87 -33.83
N GLU C 412 -10.07 -7.77 -34.45
CA GLU C 412 -10.55 -7.79 -35.83
C GLU C 412 -9.80 -6.74 -36.65
N PRO C 413 -8.54 -6.99 -36.99
CA PRO C 413 -7.80 -6.03 -37.80
C PRO C 413 -8.20 -6.12 -39.26
N ILE C 414 -7.84 -5.08 -40.01
CA ILE C 414 -8.07 -5.03 -41.44
C ILE C 414 -6.73 -4.75 -42.10
N GLN C 415 -6.31 -5.65 -43.00
CA GLN C 415 -5.00 -5.51 -43.62
C GLN C 415 -5.06 -4.68 -44.90
N LEU C 416 -6.27 -4.31 -45.34
CA LEU C 416 -6.64 -3.20 -46.20
C LEU C 416 -6.25 -3.37 -47.67
N GLU C 417 -5.46 -4.38 -48.03
CA GLU C 417 -4.90 -4.46 -49.38
C GLU C 417 -4.74 -5.94 -49.73
N ILE C 418 -3.92 -6.21 -50.74
CA ILE C 418 -3.66 -7.57 -51.20
C ILE C 418 -2.19 -7.92 -51.03
N THR C 419 -1.55 -7.38 -49.98
CA THR C 419 -0.15 -7.68 -49.72
C THR C 419 0.02 -9.13 -49.26
N GLU C 420 1.25 -9.63 -49.38
CA GLU C 420 1.47 -11.07 -49.41
C GLU C 420 1.54 -11.69 -48.02
N LYS C 421 2.49 -11.26 -47.20
CA LYS C 421 2.82 -11.95 -45.96
C LYS C 421 2.53 -11.06 -44.76
N ARG C 422 2.40 -11.70 -43.59
CA ARG C 422 2.16 -10.99 -42.35
C ARG C 422 2.76 -11.77 -41.20
N HIS C 423 3.44 -11.07 -40.30
CA HIS C 423 4.14 -11.66 -39.16
C HIS C 423 3.59 -11.07 -37.87
N GLY C 424 3.20 -11.93 -36.94
CA GLY C 424 2.71 -11.48 -35.64
C GLY C 424 3.46 -12.16 -34.52
N THR C 425 3.59 -11.43 -33.41
CA THR C 425 4.31 -11.92 -32.24
C THR C 425 3.54 -11.57 -30.97
N LEU C 426 3.50 -12.52 -30.04
CA LEU C 426 2.86 -12.36 -28.74
C LEU C 426 3.93 -12.15 -27.68
N VAL C 427 3.90 -11.00 -27.00
CA VAL C 427 4.86 -10.69 -25.95
C VAL C 427 4.08 -10.39 -24.67
N TRP C 428 4.52 -11.00 -23.57
CA TRP C 428 3.92 -10.73 -22.27
C TRP C 428 4.28 -9.34 -21.76
N ASP C 429 3.60 -8.94 -20.69
CA ASP C 429 3.96 -7.72 -20.00
C ASP C 429 5.23 -7.91 -19.17
N THR C 430 5.19 -8.85 -18.23
CA THR C 430 6.27 -9.01 -17.25
C THR C 430 7.37 -9.98 -17.70
N GLU C 431 7.18 -10.70 -18.80
CA GLU C 431 8.25 -11.56 -19.30
C GLU C 431 9.24 -10.76 -20.14
N VAL C 432 10.35 -11.42 -20.47
CA VAL C 432 11.30 -10.97 -21.48
C VAL C 432 11.29 -11.89 -22.68
N LYS C 433 10.38 -12.86 -22.72
CA LYS C 433 10.33 -13.91 -23.72
C LYS C 433 8.98 -13.91 -24.43
N PRO C 434 8.94 -14.26 -25.71
CA PRO C 434 7.66 -14.40 -26.40
C PRO C 434 7.01 -15.74 -26.09
N VAL C 435 5.78 -15.90 -26.59
CA VAL C 435 5.07 -17.16 -26.38
C VAL C 435 4.55 -17.68 -27.72
N ASP C 436 4.40 -16.79 -28.71
CA ASP C 436 3.92 -17.20 -30.02
C ASP C 436 4.52 -16.32 -31.10
N LEU C 437 4.98 -16.95 -32.17
CA LEU C 437 5.57 -16.28 -33.34
C LEU C 437 4.85 -16.83 -34.56
N GLN C 438 3.74 -16.19 -34.95
CA GLN C 438 2.91 -16.70 -36.03
C GLN C 438 3.17 -15.96 -37.33
N LEU C 439 2.96 -16.67 -38.44
CA LEU C 439 3.08 -16.11 -39.78
C LEU C 439 1.85 -16.54 -40.57
N VAL C 440 1.38 -15.65 -41.45
CA VAL C 440 0.24 -15.94 -42.31
C VAL C 440 0.52 -15.32 -43.68
N ALA C 441 0.00 -15.97 -44.72
CA ALA C 441 0.14 -15.49 -46.09
C ALA C 441 -1.23 -15.32 -46.72
N ALA C 442 -1.39 -14.23 -47.47
CA ALA C 442 -2.62 -13.97 -48.20
C ALA C 442 -2.56 -14.48 -49.64
N SER C 443 -1.67 -15.42 -49.92
CA SER C 443 -1.53 -15.94 -51.28
C SER C 443 -2.63 -16.92 -51.65
N ALA C 444 -3.40 -17.40 -50.67
CA ALA C 444 -4.60 -18.21 -50.91
C ALA C 444 -5.74 -17.58 -50.15
N PRO C 445 -6.32 -16.49 -50.65
CA PRO C 445 -7.33 -15.76 -49.88
C PRO C 445 -8.72 -16.35 -50.10
N PRO C 446 -9.54 -16.38 -49.04
CA PRO C 446 -10.94 -16.80 -49.19
C PRO C 446 -11.79 -15.74 -49.90
N ASP D 46 36.48 4.85 -25.06
CA ASP D 46 36.70 5.61 -23.83
C ASP D 46 38.10 5.37 -23.27
N ASP D 47 38.75 6.44 -22.84
CA ASP D 47 40.08 6.33 -22.26
C ASP D 47 39.97 5.71 -20.86
N PRO D 48 40.79 4.71 -20.53
CA PRO D 48 40.59 4.00 -19.26
C PRO D 48 41.12 4.73 -18.03
N ALA D 49 41.97 5.74 -18.19
CA ALA D 49 42.47 6.48 -17.03
C ALA D 49 42.53 7.98 -17.31
N ALA D 50 41.56 8.51 -18.05
CA ALA D 50 41.44 9.95 -18.26
C ALA D 50 40.12 10.45 -17.68
N ARG D 51 39.56 9.70 -16.74
CA ARG D 51 38.31 10.02 -16.06
C ARG D 51 38.61 10.03 -14.57
N PHE D 52 38.35 11.16 -13.91
CA PHE D 52 38.61 11.27 -12.47
C PHE D 52 37.72 10.35 -11.66
N GLN D 53 38.34 9.56 -10.80
CA GLN D 53 37.64 8.74 -9.83
C GLN D 53 37.66 9.46 -8.48
N VAL D 54 36.49 9.63 -7.89
CA VAL D 54 36.39 10.27 -6.59
C VAL D 54 36.92 9.30 -5.54
N GLN D 55 37.63 9.84 -4.54
CA GLN D 55 38.17 9.01 -3.47
C GLN D 55 37.02 8.47 -2.63
N LYS D 56 36.92 7.13 -2.57
CA LYS D 56 35.83 6.49 -1.85
C LYS D 56 36.07 6.63 -0.36
N HIS D 57 35.34 7.53 0.28
CA HIS D 57 35.49 7.77 1.70
C HIS D 57 34.57 6.86 2.51
N SER D 58 35.01 6.54 3.72
CA SER D 58 34.13 5.95 4.71
C SER D 58 33.04 6.94 5.11
N TRP D 59 32.00 6.40 5.74
CA TRP D 59 30.87 7.22 6.19
C TRP D 59 31.34 8.25 7.21
N ASP D 60 32.17 7.81 8.16
CA ASP D 60 32.73 8.72 9.17
C ASP D 60 33.67 9.74 8.55
N GLY D 61 34.43 9.34 7.53
CA GLY D 61 35.19 10.31 6.73
C GLY D 61 34.30 11.38 6.13
N LEU D 62 33.18 10.96 5.54
CA LEU D 62 32.22 11.90 4.96
C LEU D 62 31.60 12.80 6.03
N ARG D 63 31.33 12.25 7.21
CA ARG D 63 30.90 13.08 8.33
C ARG D 63 31.97 14.09 8.71
N SER D 64 33.23 13.66 8.77
CA SER D 64 34.34 14.56 9.06
C SER D 64 34.40 15.72 8.05
N ILE D 65 34.09 15.42 6.79
CA ILE D 65 34.11 16.44 5.74
C ILE D 65 32.92 17.39 5.88
N ILE D 66 31.71 16.85 6.07
CA ILE D 66 30.52 17.68 6.27
C ILE D 66 30.60 18.51 7.55
N HIS D 67 31.06 17.91 8.65
CA HIS D 67 31.22 18.68 9.88
C HIS D 67 32.27 19.78 9.69
N GLY D 68 33.41 19.45 9.07
CA GLY D 68 34.43 20.45 8.76
C GLY D 68 33.95 21.55 7.82
N SER D 69 32.87 21.28 7.07
CA SER D 69 32.28 22.31 6.21
C SER D 69 31.53 23.34 7.04
N ARG D 70 30.91 22.92 8.14
CA ARG D 70 30.10 23.82 8.97
C ARG D 70 30.85 24.32 10.20
N LYS D 71 32.17 24.12 10.27
CA LYS D 71 32.91 24.65 11.40
C LYS D 71 33.07 26.16 11.33
N PRO D 81 21.16 41.06 9.12
CA PRO D 81 19.98 41.82 9.56
C PRO D 81 19.02 42.21 8.45
N HIS D 82 17.77 42.42 8.85
CA HIS D 82 16.65 42.62 7.95
C HIS D 82 15.55 43.33 8.73
N ASP D 83 14.48 43.70 7.99
CA ASP D 83 13.29 44.39 8.53
C ASP D 83 13.67 45.75 9.14
N PHE D 84 14.30 46.59 8.32
CA PHE D 84 14.85 47.85 8.80
C PHE D 84 13.78 48.94 8.91
N GLN D 85 13.85 49.71 10.00
CA GLN D 85 12.92 50.80 10.28
C GLN D 85 13.71 51.99 10.82
N PHE D 86 13.88 53.01 9.97
CA PHE D 86 14.50 54.28 10.34
C PHE D 86 13.53 55.15 11.13
N VAL D 87 14.00 55.71 12.25
CA VAL D 87 13.22 56.69 13.04
C VAL D 87 14.12 57.86 13.38
N GLN D 88 13.62 59.08 13.14
CA GLN D 88 14.39 60.29 13.39
C GLN D 88 14.47 60.61 14.88
N LYS D 89 15.44 61.46 15.21
CA LYS D 89 15.62 61.95 16.58
C LYS D 89 15.30 63.43 16.69
N THR D 90 15.90 64.26 15.83
CA THR D 90 15.70 65.71 15.72
C THR D 90 15.89 66.42 17.07
N ASP D 91 17.07 66.23 17.64
CA ASP D 91 17.41 66.85 18.91
C ASP D 91 18.15 68.17 18.74
N GLU D 92 18.77 68.40 17.59
CA GLU D 92 19.50 69.61 17.17
C GLU D 92 20.76 69.87 18.01
N SER D 93 21.11 68.98 18.94
CA SER D 93 22.36 69.09 19.69
C SER D 93 23.07 67.77 19.88
N GLY D 94 22.42 66.63 19.65
CA GLY D 94 23.04 65.34 19.86
C GLY D 94 23.89 64.92 18.68
N PRO D 95 24.53 63.76 18.82
CA PRO D 95 25.42 63.27 17.75
C PRO D 95 24.72 62.47 16.67
N HIS D 96 23.64 61.77 17.00
CA HIS D 96 22.99 60.86 16.06
C HIS D 96 21.71 61.45 15.51
N SER D 97 21.55 61.36 14.19
CA SER D 97 20.40 61.94 13.51
C SER D 97 19.18 61.01 13.56
N HIS D 98 19.40 59.71 13.42
CA HIS D 98 18.32 58.74 13.44
C HIS D 98 18.71 57.56 14.32
N ARG D 99 17.76 56.65 14.50
CA ARG D 99 18.00 55.30 15.01
C ARG D 99 17.40 54.27 14.06
N LEU D 100 18.24 53.35 13.58
CA LEU D 100 17.82 52.26 12.73
C LEU D 100 17.46 51.05 13.60
N TYR D 101 16.23 50.56 13.47
CA TYR D 101 15.74 49.40 14.19
C TYR D 101 15.64 48.21 13.25
N TYR D 102 16.03 47.03 13.74
CA TYR D 102 16.09 45.86 12.88
C TYR D 102 16.16 44.60 13.73
N LEU D 103 16.03 43.47 13.06
CA LEU D 103 16.20 42.16 13.66
C LEU D 103 17.64 41.71 13.41
N GLY D 104 18.20 40.97 14.35
CA GLY D 104 19.57 40.52 14.17
C GLY D 104 19.98 39.54 15.24
N LEU D 114 15.47 41.70 18.40
CA LEU D 114 15.38 43.11 18.09
C LEU D 114 16.60 43.87 18.59
N LEU D 115 17.16 44.71 17.72
CA LEU D 115 18.39 45.45 18.01
C LEU D 115 18.20 46.88 17.51
N TYR D 116 19.21 47.71 17.71
CA TYR D 116 19.23 49.02 17.08
C TYR D 116 20.65 49.49 16.82
N SER D 117 20.79 50.42 15.88
CA SER D 117 22.02 51.12 15.56
C SER D 117 21.84 52.62 15.73
N GLU D 118 22.96 53.32 15.93
CA GLU D 118 23.00 54.77 16.03
C GLU D 118 23.66 55.35 14.79
N ILE D 119 22.88 56.02 13.96
CA ILE D 119 23.36 56.60 12.71
C ILE D 119 23.87 58.00 13.00
N PRO D 120 25.16 58.28 12.82
CA PRO D 120 25.70 59.59 13.17
C PRO D 120 25.38 60.63 12.11
N LYS D 121 25.56 61.89 12.50
CA LYS D 121 25.26 63.00 11.59
C LYS D 121 26.35 63.23 10.54
N LYS D 122 27.60 62.85 10.84
CA LYS D 122 28.67 62.95 9.85
C LYS D 122 29.77 61.96 10.22
N VAL D 123 30.04 61.01 9.32
CA VAL D 123 31.12 60.05 9.50
C VAL D 123 32.42 60.68 9.01
N ARG D 124 33.55 60.03 9.33
CA ARG D 124 34.85 60.50 8.91
C ARG D 124 35.30 59.81 7.63
N LYS D 125 36.00 60.54 6.78
CA LYS D 125 36.48 60.00 5.52
C LYS D 125 37.63 59.03 5.75
N GLU D 126 37.74 58.04 4.85
CA GLU D 126 38.80 57.02 4.85
C GLU D 126 38.82 56.21 6.15
N ALA D 127 37.64 55.78 6.57
CA ALA D 127 37.50 54.97 7.78
C ALA D 127 36.27 54.10 7.63
N LEU D 128 36.46 52.78 7.65
CA LEU D 128 35.37 51.83 7.55
C LEU D 128 34.64 51.79 8.89
N LEU D 129 33.52 52.51 8.97
CA LEU D 129 32.75 52.57 10.20
C LEU D 129 31.85 51.35 10.30
N LEU D 130 32.03 50.58 11.38
CA LEU D 130 31.25 49.37 11.61
C LEU D 130 30.54 49.54 12.95
N LEU D 131 29.22 49.51 12.91
CA LEU D 131 28.42 49.78 14.10
C LEU D 131 28.31 48.53 14.96
N SER D 132 28.45 48.70 16.27
CA SER D 132 28.31 47.59 17.20
C SER D 132 26.84 47.15 17.28
N TRP D 133 26.64 45.86 17.54
CA TRP D 133 25.29 45.29 17.62
C TRP D 133 24.90 45.32 19.09
N LYS D 134 24.35 46.44 19.53
CA LYS D 134 23.95 46.58 20.93
C LYS D 134 22.59 45.97 21.16
N GLN D 135 22.36 45.50 22.39
CA GLN D 135 21.12 44.81 22.73
C GLN D 135 20.08 45.82 23.17
N MET D 136 18.91 45.77 22.52
CA MET D 136 17.78 46.57 23.00
C MET D 136 17.08 45.88 24.17
N LEU D 137 16.83 44.59 24.04
CA LEU D 137 16.09 43.84 25.04
C LEU D 137 17.06 43.24 26.05
N ILE D 167 12.83 36.08 17.63
CA ILE D 167 11.89 37.06 17.12
C ILE D 167 12.14 37.19 15.63
N THR D 168 11.30 36.55 14.83
CA THR D 168 11.49 36.51 13.39
C THR D 168 10.62 37.50 12.63
N SER D 169 9.60 38.06 13.28
CA SER D 169 8.72 39.04 12.63
C SER D 169 8.13 39.92 13.71
N TYR D 170 8.17 41.24 13.47
CA TYR D 170 7.62 42.21 14.41
C TYR D 170 6.85 43.26 13.63
N ASP D 171 6.05 44.04 14.36
CA ASP D 171 5.26 45.13 13.83
C ASP D 171 5.69 46.41 14.53
N PHE D 172 5.61 47.53 13.80
CA PHE D 172 6.08 48.80 14.30
C PHE D 172 5.10 49.90 13.94
N HIS D 173 4.93 50.84 14.88
CA HIS D 173 4.11 52.03 14.69
C HIS D 173 4.98 53.24 15.00
N SER D 174 5.09 54.14 14.02
CA SER D 174 6.14 55.16 13.98
C SER D 174 6.03 56.19 15.09
N GLU D 175 4.89 56.91 15.14
CA GLU D 175 4.78 58.12 15.95
C GLU D 175 4.90 57.85 17.44
N SER D 176 4.05 56.98 17.97
CA SER D 176 4.21 56.58 19.36
C SER D 176 5.32 55.56 19.55
N GLY D 177 5.83 54.98 18.46
CA GLY D 177 7.00 54.11 18.49
C GLY D 177 6.79 52.72 19.06
N LEU D 178 5.68 52.07 18.73
CA LEU D 178 5.33 50.78 19.33
C LEU D 178 5.98 49.64 18.56
N PHE D 179 6.65 48.75 19.31
CA PHE D 179 7.29 47.56 18.72
C PHE D 179 6.52 46.37 19.29
N LEU D 180 5.61 45.81 18.50
CA LEU D 180 4.84 44.65 18.94
C LEU D 180 5.38 43.37 18.29
N PHE D 181 5.78 42.41 19.11
CA PHE D 181 6.32 41.16 18.59
C PHE D 181 5.78 39.99 19.39
N GLN D 182 6.02 38.80 18.84
CA GLN D 182 5.65 37.53 19.43
C GLN D 182 6.84 36.80 20.02
N ALA D 183 6.72 36.42 21.29
CA ALA D 183 7.73 35.64 21.98
C ALA D 183 7.38 34.17 21.84
N SER D 184 7.95 33.34 22.71
CA SER D 184 7.75 31.90 22.65
C SER D 184 6.29 31.53 22.90
N ASN D 185 5.71 32.01 24.00
CA ASN D 185 4.31 31.73 24.33
C ASN D 185 3.51 33.01 24.60
N SER D 186 4.01 34.18 24.23
CA SER D 186 3.37 35.40 24.68
C SER D 186 3.72 36.59 23.78
N LEU D 187 2.97 37.66 23.96
CA LEU D 187 3.07 38.91 23.22
C LEU D 187 3.85 39.92 24.05
N PHE D 188 4.61 40.78 23.37
CA PHE D 188 5.44 41.75 24.07
C PHE D 188 5.39 43.08 23.34
N HIS D 189 5.79 44.13 24.04
CA HIS D 189 5.85 45.45 23.43
C HIS D 189 6.82 46.34 24.17
N CYS D 190 7.16 47.44 23.51
CA CYS D 190 8.05 48.48 24.01
C CYS D 190 7.86 49.72 23.17
N ARG D 191 8.44 50.83 23.62
CA ARG D 191 8.32 52.11 22.92
C ARG D 191 9.61 52.91 23.06
N ASP D 192 9.83 53.79 22.07
CA ASP D 192 11.08 54.51 21.88
C ASP D 192 10.78 55.93 21.43
N GLY D 193 11.01 56.91 22.31
CA GLY D 193 11.04 58.31 21.94
C GLY D 193 9.75 58.90 21.42
N GLY D 194 8.63 58.55 22.04
CA GLY D 194 7.36 59.14 21.69
C GLY D 194 7.08 60.29 22.63
N LYS D 195 6.18 60.08 23.59
CA LYS D 195 6.11 61.01 24.72
C LYS D 195 7.26 60.75 25.70
N ASN D 196 7.85 59.57 25.64
CA ASN D 196 9.04 59.23 26.42
C ASN D 196 10.29 59.63 25.65
N GLY D 197 11.45 59.19 26.12
CA GLY D 197 12.71 59.53 25.50
C GLY D 197 13.42 58.36 24.86
N PHE D 198 14.51 58.64 24.12
CA PHE D 198 15.26 57.60 23.42
C PHE D 198 16.16 56.86 24.41
N MET D 199 15.92 55.56 24.55
CA MET D 199 16.68 54.70 25.44
C MET D 199 18.11 54.50 24.95
N VAL D 200 19.03 54.31 25.90
CA VAL D 200 20.40 53.92 25.62
C VAL D 200 20.79 52.62 26.34
N SER D 201 20.41 52.47 27.60
CA SER D 201 20.55 51.21 28.31
C SER D 201 19.38 50.29 27.97
N PRO D 202 19.59 48.97 27.99
CA PRO D 202 18.50 48.07 27.57
C PRO D 202 17.41 47.93 28.63
N MET D 203 16.17 47.95 28.14
CA MET D 203 14.98 47.83 28.97
C MET D 203 14.25 46.53 28.65
N LYS D 204 13.66 45.92 29.67
CA LYS D 204 12.91 44.69 29.46
C LYS D 204 11.57 45.00 28.79
N PRO D 205 11.11 44.12 27.89
CA PRO D 205 9.84 44.40 27.20
C PRO D 205 8.65 44.05 28.08
N LEU D 206 7.65 44.92 28.07
CA LEU D 206 6.46 44.70 28.88
C LEU D 206 5.63 43.56 28.32
N GLU D 207 5.17 42.68 29.21
CA GLU D 207 4.43 41.49 28.81
C GLU D 207 2.94 41.79 28.76
N ILE D 208 2.26 41.20 27.79
CA ILE D 208 0.83 41.37 27.60
C ILE D 208 0.15 40.09 28.06
N LYS D 209 -0.58 40.15 29.16
CA LYS D 209 -1.32 39.00 29.62
C LYS D 209 -2.57 38.82 28.77
N THR D 210 -3.16 37.64 28.85
CA THR D 210 -4.33 37.36 28.03
C THR D 210 -5.31 36.45 28.77
N GLN D 211 -6.58 36.58 28.39
CA GLN D 211 -7.62 35.65 28.80
C GLN D 211 -7.76 34.49 27.83
N CYS D 212 -7.04 34.52 26.71
CA CYS D 212 -7.19 33.54 25.65
C CYS D 212 -6.54 32.22 26.04
N SER D 213 -7.13 31.13 25.55
CA SER D 213 -6.55 29.80 25.67
C SER D 213 -5.98 29.44 24.31
N GLY D 214 -4.64 29.44 24.22
CA GLY D 214 -4.00 29.24 22.95
C GLY D 214 -3.03 30.36 22.62
N PRO D 215 -2.27 30.21 21.54
CA PRO D 215 -1.37 31.28 21.11
C PRO D 215 -2.12 32.42 20.44
N ARG D 216 -1.48 33.58 20.42
CA ARG D 216 -2.04 34.79 19.83
C ARG D 216 -1.34 35.02 18.50
N MET D 217 -1.99 34.63 17.42
CA MET D 217 -1.41 34.72 16.08
C MET D 217 -1.59 36.10 15.48
N ASP D 218 -0.64 36.45 14.61
CA ASP D 218 -0.70 37.61 13.73
C ASP D 218 -0.94 38.96 14.44
N PRO D 219 0.02 39.44 15.23
CA PRO D 219 -0.20 40.72 15.92
C PRO D 219 0.02 41.90 14.98
N LYS D 220 -0.94 42.84 14.99
CA LYS D 220 -0.82 44.07 14.21
C LYS D 220 -1.34 45.24 15.05
N ILE D 221 -0.55 46.31 15.12
CA ILE D 221 -0.91 47.51 15.85
C ILE D 221 -1.85 48.34 14.99
N CYS D 222 -2.90 48.91 15.59
CA CYS D 222 -3.75 49.84 14.87
C CYS D 222 -2.98 51.11 14.52
N PRO D 223 -2.90 51.48 13.24
CA PRO D 223 -2.20 52.73 12.88
C PRO D 223 -2.89 53.98 13.40
N ALA D 224 -4.22 53.98 13.42
CA ALA D 224 -4.95 55.16 13.88
C ALA D 224 -4.81 55.37 15.37
N ASP D 225 -4.76 54.29 16.16
CA ASP D 225 -4.65 54.40 17.60
C ASP D 225 -3.57 53.43 18.07
N PRO D 226 -2.39 53.91 18.47
CA PRO D 226 -1.30 52.99 18.86
C PRO D 226 -1.57 52.21 20.15
N ALA D 227 -2.52 52.66 20.97
CA ALA D 227 -2.88 51.93 22.18
C ALA D 227 -3.52 50.59 21.86
N PHE D 228 -4.20 50.48 20.74
CA PHE D 228 -4.91 49.27 20.34
C PHE D 228 -4.10 48.43 19.36
N PHE D 229 -4.24 47.12 19.50
CA PHE D 229 -3.62 46.18 18.57
C PHE D 229 -4.59 45.03 18.41
N SER D 230 -4.24 44.07 17.58
CA SER D 230 -5.14 42.97 17.27
C SER D 230 -4.34 41.74 16.95
N PHE D 231 -4.99 40.59 17.13
CA PHE D 231 -4.33 39.32 16.88
C PHE D 231 -5.38 38.27 16.57
N ILE D 232 -4.91 37.13 16.09
CA ILE D 232 -5.78 35.98 15.90
C ILE D 232 -5.62 35.09 17.13
N ASN D 233 -6.74 34.59 17.64
CA ASN D 233 -6.76 33.55 18.65
C ASN D 233 -7.80 32.55 18.20
N ASN D 234 -7.40 31.26 18.21
CA ASN D 234 -8.12 30.05 17.76
C ASN D 234 -8.97 30.31 16.51
N SER D 235 -8.25 30.78 15.48
CA SER D 235 -8.75 31.11 14.15
C SER D 235 -9.92 32.09 14.19
N ASP D 236 -9.84 33.10 15.05
CA ASP D 236 -10.81 34.18 15.12
C ASP D 236 -10.08 35.46 15.48
N LEU D 237 -10.58 36.56 14.93
CA LEU D 237 -9.98 37.86 15.16
C LEU D 237 -10.32 38.44 16.53
N TRP D 238 -9.29 38.78 17.30
CA TRP D 238 -9.39 39.47 18.57
C TRP D 238 -8.77 40.85 18.45
N VAL D 239 -9.01 41.68 19.46
CA VAL D 239 -8.50 43.04 19.54
C VAL D 239 -8.27 43.34 21.01
N ALA D 240 -7.25 44.13 21.32
CA ALA D 240 -6.88 44.34 22.71
C ALA D 240 -6.49 45.80 22.93
N ASN D 241 -6.04 46.10 24.14
CA ASN D 241 -5.53 47.44 24.44
C ASN D 241 -4.37 47.32 25.42
N ILE D 242 -3.28 48.05 25.14
CA ILE D 242 -2.04 47.92 25.91
C ILE D 242 -2.21 48.39 27.35
N GLU D 243 -2.74 49.60 27.54
CA GLU D 243 -2.75 50.24 28.86
C GLU D 243 -3.78 49.60 29.79
N THR D 244 -4.98 49.33 29.30
CA THR D 244 -6.00 48.74 30.13
C THR D 244 -5.87 47.24 30.25
N GLY D 245 -5.23 46.59 29.28
CA GLY D 245 -5.06 45.16 29.29
C GLY D 245 -6.25 44.37 28.79
N GLU D 246 -7.38 45.03 28.56
CA GLU D 246 -8.61 44.35 28.18
C GLU D 246 -8.64 44.03 26.68
N GLU D 247 -9.05 42.80 26.39
CA GLU D 247 -9.23 42.24 25.06
C GLU D 247 -10.71 42.08 24.73
N ARG D 248 -10.98 41.69 23.48
CA ARG D 248 -12.32 41.60 22.93
C ARG D 248 -12.36 40.82 21.62
N ARG D 249 -13.21 39.82 21.55
CA ARG D 249 -13.41 39.09 20.30
C ARG D 249 -14.19 39.95 19.32
N LEU D 250 -13.89 39.78 18.03
CA LEU D 250 -14.57 40.52 16.97
C LEU D 250 -15.32 39.63 16.00
N THR D 251 -14.86 38.40 15.78
CA THR D 251 -15.51 37.45 14.90
C THR D 251 -16.03 36.27 15.70
N PHE D 252 -17.08 35.64 15.19
CA PHE D 252 -17.73 34.53 15.90
C PHE D 252 -18.10 33.41 14.94
N CYS D 253 -17.17 33.04 14.05
CA CYS D 253 -17.44 31.95 13.12
C CYS D 253 -16.83 30.61 13.53
N HIS D 254 -15.84 30.61 14.43
CA HIS D 254 -15.17 29.38 14.84
C HIS D 254 -15.39 29.18 16.33
N GLN D 255 -15.85 28.00 16.72
CA GLN D 255 -16.16 27.72 18.10
C GLN D 255 -15.11 26.87 18.82
N GLY D 256 -14.18 26.26 18.08
CA GLY D 256 -13.16 25.42 18.69
C GLY D 256 -13.70 24.16 19.32
N LEU D 257 -14.70 23.55 18.67
CA LEU D 257 -15.35 22.38 19.25
C LEU D 257 -14.46 21.15 19.17
N SER D 258 -13.85 20.91 18.02
CA SER D 258 -13.14 19.68 17.72
C SER D 258 -12.05 20.03 16.71
N ASN D 259 -11.57 19.02 15.99
CA ASN D 259 -10.70 19.26 14.85
C ASN D 259 -11.48 19.92 13.72
N VAL D 260 -10.75 20.33 12.68
CA VAL D 260 -11.29 21.22 11.66
C VAL D 260 -12.30 20.55 10.72
N LEU D 261 -12.49 19.23 10.82
CA LEU D 261 -13.40 18.54 9.92
C LEU D 261 -14.87 18.86 10.18
N ASP D 262 -15.20 19.37 11.36
CA ASP D 262 -16.58 19.68 11.70
C ASP D 262 -16.82 21.13 12.05
N ASP D 263 -15.76 21.95 12.15
CA ASP D 263 -15.90 23.35 12.52
C ASP D 263 -15.06 24.19 11.56
N PRO D 264 -15.55 24.39 10.33
CA PRO D 264 -14.67 24.78 9.22
C PRO D 264 -14.59 26.28 8.91
N LYS D 265 -15.35 27.15 9.56
CA LYS D 265 -15.34 28.55 9.17
C LYS D 265 -14.34 29.31 10.02
N SER D 266 -13.47 30.05 9.37
CA SER D 266 -12.41 30.80 10.01
C SER D 266 -12.53 32.26 9.62
N ALA D 267 -11.83 33.12 10.36
CA ALA D 267 -11.90 34.55 10.07
C ALA D 267 -10.62 35.24 10.53
N GLY D 268 -10.04 36.00 9.62
CA GLY D 268 -8.80 36.71 9.86
C GLY D 268 -7.52 35.96 9.61
N VAL D 269 -7.58 34.77 9.02
CA VAL D 269 -6.37 34.04 8.66
C VAL D 269 -6.37 33.81 7.16
N ALA D 270 -5.17 33.59 6.62
CA ALA D 270 -5.02 33.10 5.25
C ALA D 270 -4.89 31.58 5.29
N THR D 271 -5.70 30.91 4.48
CA THR D 271 -5.67 29.45 4.41
C THR D 271 -4.38 28.98 3.73
N PHE D 272 -4.16 27.66 3.78
CA PHE D 272 -2.99 26.98 3.24
C PHE D 272 -2.58 27.44 1.84
N VAL D 273 -3.50 27.30 0.88
CA VAL D 273 -3.20 27.55 -0.53
C VAL D 273 -2.90 29.03 -0.75
N ILE D 274 -3.50 29.92 0.06
CA ILE D 274 -3.20 31.34 -0.03
C ILE D 274 -1.82 31.63 0.54
N GLN D 275 -1.49 30.98 1.65
CA GLN D 275 -0.18 31.14 2.29
C GLN D 275 0.96 30.64 1.40
N GLU D 276 0.73 29.53 0.69
CA GLU D 276 1.85 28.89 0.00
C GLU D 276 1.84 29.14 -1.49
N GLU D 277 0.79 29.75 -2.04
CA GLU D 277 0.81 30.08 -3.46
C GLU D 277 0.59 31.54 -3.76
N PHE D 278 -0.09 32.27 -2.90
CA PHE D 278 -0.27 33.70 -3.10
C PHE D 278 0.52 34.52 -2.10
N ASP D 279 1.33 33.85 -1.26
CA ASP D 279 2.29 34.46 -0.33
C ASP D 279 1.65 35.51 0.56
N ARG D 280 0.49 35.17 1.13
CA ARG D 280 -0.19 36.03 2.07
C ARG D 280 -0.19 35.35 3.43
N PHE D 281 0.28 36.07 4.44
CA PHE D 281 0.50 35.51 5.77
C PHE D 281 -0.39 36.20 6.81
N THR D 282 -1.34 37.00 6.33
CA THR D 282 -2.32 37.71 7.16
C THR D 282 -3.66 37.61 6.47
N GLY D 283 -4.73 37.67 7.27
CA GLY D 283 -6.05 37.67 6.70
C GLY D 283 -6.91 38.79 7.28
N TYR D 284 -6.27 39.73 7.97
CA TYR D 284 -6.95 40.94 8.41
C TYR D 284 -6.02 42.13 8.26
N TRP D 285 -6.61 43.27 7.92
CA TRP D 285 -5.90 44.50 7.58
C TRP D 285 -6.61 45.66 8.25
N TRP D 286 -5.91 46.38 9.12
CA TRP D 286 -6.50 47.56 9.75
C TRP D 286 -6.79 48.67 8.75
N CYS D 287 -7.86 49.43 9.04
CA CYS D 287 -7.94 50.73 8.39
C CYS D 287 -6.90 51.65 9.04
N PRO D 288 -6.10 52.37 8.24
CA PRO D 288 -5.04 53.20 8.83
C PRO D 288 -5.54 54.47 9.46
N THR D 289 -6.80 54.85 9.26
CA THR D 289 -7.36 56.06 9.84
C THR D 289 -8.64 55.72 10.56
N ALA D 290 -9.04 56.62 11.46
CA ALA D 290 -10.20 56.43 12.32
C ALA D 290 -11.32 57.34 11.87
N SER D 291 -12.52 56.79 11.77
CA SER D 291 -13.71 57.57 11.46
C SER D 291 -14.45 57.89 12.75
N TRP D 292 -15.26 58.94 12.69
CA TRP D 292 -16.00 59.42 13.86
C TRP D 292 -17.48 59.42 13.53
N GLU D 293 -18.24 58.55 14.20
CA GLU D 293 -19.67 58.47 13.96
C GLU D 293 -20.41 59.69 14.50
N GLY D 294 -19.85 60.36 15.51
CA GLY D 294 -20.46 61.55 16.08
C GLY D 294 -21.76 61.31 16.82
N SER D 295 -21.90 60.16 17.48
CA SER D 295 -23.04 59.97 18.37
C SER D 295 -22.83 60.76 19.67
N GLU D 296 -21.83 60.35 20.46
CA GLU D 296 -21.36 61.18 21.56
C GLU D 296 -19.88 61.52 21.41
N GLY D 297 -18.99 60.53 21.42
CA GLY D 297 -17.57 60.75 21.27
C GLY D 297 -16.85 59.59 20.59
N LEU D 298 -17.60 58.66 20.02
CA LEU D 298 -17.06 57.35 19.67
C LEU D 298 -16.13 57.40 18.47
N LYS D 299 -14.95 56.83 18.64
CA LYS D 299 -13.92 56.74 17.60
C LYS D 299 -14.03 55.35 16.97
N THR D 300 -14.50 55.30 15.73
CA THR D 300 -14.64 54.03 15.03
C THR D 300 -13.25 53.59 14.55
N LEU D 301 -13.06 52.27 14.43
CA LEU D 301 -11.80 51.69 13.98
C LEU D 301 -12.13 50.43 13.17
N ARG D 302 -11.93 50.49 11.86
CA ARG D 302 -12.30 49.38 11.00
C ARG D 302 -11.16 48.37 10.88
N ILE D 303 -11.52 47.13 10.53
CA ILE D 303 -10.58 46.09 10.10
C ILE D 303 -11.25 45.31 8.98
N LEU D 304 -10.57 45.17 7.85
CA LEU D 304 -10.99 44.27 6.79
C LEU D 304 -10.46 42.88 7.07
N TYR D 305 -11.30 41.86 6.97
CA TYR D 305 -10.80 40.51 7.18
C TYR D 305 -11.42 39.59 6.15
N GLU D 306 -10.81 38.42 5.99
CA GLU D 306 -11.28 37.43 5.03
C GLU D 306 -11.95 36.28 5.75
N GLU D 307 -13.25 36.12 5.53
CA GLU D 307 -14.00 34.96 5.96
C GLU D 307 -13.78 33.82 4.98
N VAL D 308 -13.62 32.60 5.49
CA VAL D 308 -13.38 31.42 4.66
C VAL D 308 -14.25 30.28 5.16
N ASP D 309 -15.06 29.71 4.28
CA ASP D 309 -15.87 28.53 4.57
C ASP D 309 -15.26 27.37 3.78
N GLU D 310 -14.26 26.73 4.37
CA GLU D 310 -13.65 25.58 3.69
C GLU D 310 -14.27 24.24 4.11
N SER D 311 -15.60 24.17 4.10
CA SER D 311 -16.30 22.93 4.45
C SER D 311 -16.26 21.94 3.29
N GLU D 312 -16.37 22.42 2.05
CA GLU D 312 -16.40 21.56 0.87
C GLU D 312 -15.00 21.27 0.33
N VAL D 313 -13.99 21.34 1.18
CA VAL D 313 -12.59 21.18 0.81
C VAL D 313 -12.12 19.87 1.41
N GLU D 314 -11.27 19.13 0.67
CA GLU D 314 -10.80 17.84 1.13
C GLU D 314 -9.96 17.98 2.39
N VAL D 315 -10.18 17.06 3.32
CA VAL D 315 -9.40 16.97 4.54
C VAL D 315 -8.35 15.89 4.32
N ILE D 316 -7.10 16.20 4.69
CA ILE D 316 -5.98 15.28 4.53
C ILE D 316 -5.36 15.15 5.92
N HIS D 317 -4.89 13.96 6.23
CA HIS D 317 -4.20 13.76 7.49
C HIS D 317 -2.69 13.72 7.24
N VAL D 318 -1.96 14.52 8.00
CA VAL D 318 -0.50 14.52 7.91
C VAL D 318 0.05 14.24 9.29
N PRO D 319 1.04 13.36 9.42
CA PRO D 319 1.68 13.07 10.72
C PRO D 319 2.18 14.30 11.47
N SER D 320 1.90 14.31 12.78
CA SER D 320 2.36 15.35 13.67
C SER D 320 3.86 15.18 13.92
N PRO D 321 4.55 16.27 14.31
CA PRO D 321 5.97 16.15 14.69
C PRO D 321 6.22 15.23 15.86
N ALA D 322 5.28 15.16 16.79
CA ALA D 322 5.41 14.33 17.99
C ALA D 322 5.02 12.91 17.60
N LEU D 323 6.00 12.15 17.14
CA LEU D 323 5.77 10.86 16.49
C LEU D 323 5.31 9.77 17.44
N GLU D 324 5.72 9.85 18.71
CA GLU D 324 5.33 8.83 19.70
C GLU D 324 3.83 8.72 19.88
N GLU D 325 3.12 9.86 19.91
CA GLU D 325 1.67 9.82 20.13
C GLU D 325 0.92 9.25 18.93
N ARG D 326 1.56 9.17 17.77
CA ARG D 326 1.10 8.45 16.57
C ARG D 326 -0.26 8.96 16.08
N LYS D 327 -0.51 10.24 16.25
CA LYS D 327 -1.70 10.87 15.74
C LYS D 327 -1.32 11.80 14.59
N THR D 328 -2.31 12.16 13.80
CA THR D 328 -2.12 13.06 12.68
C THR D 328 -2.76 14.40 13.01
N ASP D 329 -2.61 15.34 12.08
CA ASP D 329 -3.37 16.57 12.06
C ASP D 329 -4.14 16.65 10.76
N SER D 330 -5.41 17.03 10.87
CA SER D 330 -6.22 17.33 9.70
C SER D 330 -5.76 18.64 9.07
N TYR D 331 -5.81 18.68 7.74
CA TYR D 331 -5.44 19.85 6.96
C TYR D 331 -6.46 19.99 5.86
N ARG D 332 -7.11 21.16 5.77
CA ARG D 332 -8.02 21.45 4.68
C ARG D 332 -7.20 21.77 3.44
N TYR D 333 -6.85 20.71 2.72
CA TYR D 333 -5.97 20.83 1.55
C TYR D 333 -6.80 20.84 0.29
N PRO D 334 -6.89 21.95 -0.44
CA PRO D 334 -7.69 21.96 -1.67
C PRO D 334 -6.95 21.22 -2.77
N ARG D 335 -7.43 20.03 -3.10
CA ARG D 335 -6.85 19.29 -4.20
C ARG D 335 -7.17 19.97 -5.52
N THR D 336 -6.26 19.80 -6.48
CA THR D 336 -6.43 20.36 -7.82
C THR D 336 -7.67 19.82 -8.49
N GLY D 337 -8.41 20.71 -9.15
CA GLY D 337 -9.71 20.33 -9.71
C GLY D 337 -10.85 20.50 -8.74
N SER D 338 -10.64 20.11 -7.49
CA SER D 338 -11.64 20.23 -6.44
C SER D 338 -11.80 21.68 -5.99
N LYS D 339 -12.77 21.87 -5.10
CA LYS D 339 -13.25 23.20 -4.76
C LYS D 339 -12.40 23.84 -3.66
N ASN D 340 -12.16 25.15 -3.83
CA ASN D 340 -11.38 25.96 -2.90
C ASN D 340 -12.22 26.37 -1.69
N PRO D 341 -11.61 26.98 -0.67
CA PRO D 341 -12.42 27.60 0.40
C PRO D 341 -13.32 28.69 -0.13
N LYS D 342 -14.50 28.79 0.48
CA LYS D 342 -15.51 29.73 0.03
C LYS D 342 -15.29 31.03 0.78
N ILE D 343 -14.91 32.06 0.04
CA ILE D 343 -14.37 33.26 0.61
C ILE D 343 -15.43 34.35 0.67
N ALA D 344 -15.13 35.41 1.42
CA ALA D 344 -15.90 36.64 1.55
C ALA D 344 -15.06 37.64 2.33
N LEU D 345 -15.24 38.91 2.03
CA LEU D 345 -14.59 39.98 2.79
C LEU D 345 -15.60 40.56 3.76
N LYS D 346 -15.12 41.00 4.93
CA LYS D 346 -16.01 41.39 6.02
C LYS D 346 -15.29 42.43 6.87
N LEU D 347 -16.07 43.33 7.45
CA LEU D 347 -15.61 44.38 8.36
C LEU D 347 -15.93 44.11 9.83
N ALA D 348 -14.90 44.01 10.64
CA ALA D 348 -15.13 43.92 12.08
C ALA D 348 -14.77 45.28 12.65
N GLU D 349 -15.79 46.04 13.01
CA GLU D 349 -15.64 47.37 13.57
C GLU D 349 -15.81 47.33 15.07
N PHE D 350 -15.38 48.41 15.69
CA PHE D 350 -15.67 48.70 17.08
C PHE D 350 -15.40 50.17 17.30
N GLN D 351 -15.83 50.66 18.45
CA GLN D 351 -15.70 52.06 18.77
C GLN D 351 -15.07 52.18 20.15
N THR D 352 -14.59 53.38 20.47
CA THR D 352 -13.88 53.54 21.71
C THR D 352 -14.16 54.91 22.30
N ASP D 353 -14.31 54.94 23.62
CA ASP D 353 -14.30 56.17 24.37
C ASP D 353 -12.87 56.74 24.45
N SER D 354 -12.78 58.00 24.86
CA SER D 354 -11.48 58.68 24.97
C SER D 354 -10.55 58.01 25.96
N GLN D 355 -11.09 57.37 27.01
CA GLN D 355 -10.25 56.63 27.93
C GLN D 355 -9.79 55.28 27.36
N GLY D 356 -10.37 54.83 26.26
CA GLY D 356 -9.85 53.67 25.56
C GLY D 356 -10.50 52.35 25.92
N LYS D 357 -11.81 52.24 25.79
CA LYS D 357 -12.54 51.01 26.06
C LYS D 357 -13.40 50.65 24.86
N ILE D 358 -13.38 49.39 24.46
CA ILE D 358 -14.19 48.94 23.34
C ILE D 358 -15.62 48.84 23.82
N VAL D 359 -16.39 49.90 23.60
CA VAL D 359 -17.79 49.94 24.02
C VAL D 359 -18.65 49.02 23.15
N SER D 360 -18.74 49.32 21.85
CA SER D 360 -19.55 48.54 20.93
C SER D 360 -18.65 47.73 20.00
N THR D 361 -19.28 46.84 19.23
CA THR D 361 -18.61 46.06 18.20
C THR D 361 -19.63 45.75 17.13
N GLN D 362 -19.13 45.30 15.96
CA GLN D 362 -20.02 45.01 14.84
C GLN D 362 -19.36 44.28 13.68
N GLU D 363 -19.91 43.11 13.35
CA GLU D 363 -19.59 42.43 12.11
C GLU D 363 -20.34 43.13 10.99
N LYS D 364 -19.69 43.31 9.86
CA LYS D 364 -20.35 43.91 8.71
C LYS D 364 -20.08 43.06 7.49
N GLU D 365 -21.03 43.08 6.56
CA GLU D 365 -21.04 42.24 5.37
C GLU D 365 -21.62 42.99 4.17
N LEU D 366 -21.28 42.53 2.97
CA LEU D 366 -21.67 43.19 1.73
C LEU D 366 -23.19 43.12 1.54
N VAL D 367 -23.72 44.06 0.76
CA VAL D 367 -25.16 44.15 0.53
C VAL D 367 -25.69 42.94 -0.24
N GLN D 368 -24.88 42.36 -1.10
CA GLN D 368 -25.13 41.09 -1.74
C GLN D 368 -24.18 40.05 -1.17
N PRO D 369 -24.41 38.77 -1.42
CA PRO D 369 -23.36 37.79 -1.15
C PRO D 369 -22.11 38.08 -1.98
N PHE D 370 -20.94 37.68 -1.46
CA PHE D 370 -19.67 37.89 -2.17
C PHE D 370 -19.64 37.10 -3.46
N SER D 371 -20.04 35.83 -3.41
CA SER D 371 -20.07 34.97 -4.59
C SER D 371 -20.96 35.51 -5.71
N SER D 372 -21.99 36.26 -5.36
CA SER D 372 -22.92 36.84 -6.31
C SER D 372 -22.48 38.22 -6.79
N LEU D 373 -21.93 39.04 -5.89
CA LEU D 373 -21.35 40.32 -6.29
C LEU D 373 -20.11 40.16 -7.16
N PHE D 374 -19.32 39.12 -6.93
CA PHE D 374 -18.09 38.87 -7.68
C PHE D 374 -18.11 37.43 -8.15
N PRO D 375 -18.89 37.11 -9.19
CA PRO D 375 -18.85 35.76 -9.75
C PRO D 375 -17.49 35.47 -10.36
N LYS D 376 -17.20 34.17 -10.44
CA LYS D 376 -15.92 33.57 -10.89
C LYS D 376 -14.69 34.19 -10.20
N VAL D 377 -14.83 34.62 -8.94
CA VAL D 377 -13.70 35.07 -8.14
C VAL D 377 -13.40 33.94 -7.15
N GLU D 378 -12.16 33.44 -7.20
CA GLU D 378 -11.80 32.30 -6.36
C GLU D 378 -10.85 32.70 -5.23
N TYR D 379 -9.87 33.55 -5.50
CA TYR D 379 -8.86 33.83 -4.50
C TYR D 379 -8.70 35.32 -4.29
N ILE D 380 -8.56 35.71 -3.01
CA ILE D 380 -8.12 37.04 -2.64
C ILE D 380 -6.60 36.95 -2.50
N ALA D 381 -5.90 37.35 -3.56
CA ALA D 381 -4.44 37.37 -3.51
C ALA D 381 -3.93 38.28 -2.40
N ARG D 382 -4.33 39.54 -2.43
CA ARG D 382 -3.90 40.56 -1.47
C ARG D 382 -5.08 41.46 -1.19
N ALA D 383 -4.96 42.27 -0.13
CA ALA D 383 -5.97 43.25 0.22
C ALA D 383 -5.36 44.23 1.21
N GLY D 384 -6.05 45.34 1.39
CA GLY D 384 -5.66 46.34 2.36
C GLY D 384 -6.58 47.53 2.26
N TRP D 385 -6.06 48.72 2.56
CA TRP D 385 -6.83 49.95 2.52
C TRP D 385 -5.97 51.03 1.89
N THR D 386 -6.63 52.04 1.34
CA THR D 386 -5.92 53.24 0.92
C THR D 386 -5.39 53.98 2.13
N ARG D 387 -4.35 54.80 1.91
CA ARG D 387 -3.63 55.43 3.02
C ARG D 387 -4.50 56.40 3.80
N ASP D 388 -5.38 57.11 3.11
CA ASP D 388 -6.35 57.95 3.81
C ASP D 388 -7.42 57.12 4.52
N GLY D 389 -7.62 55.87 4.10
CA GLY D 389 -8.57 54.99 4.74
C GLY D 389 -9.92 54.97 4.07
N LYS D 390 -10.10 55.70 2.97
CA LYS D 390 -11.41 55.91 2.40
C LYS D 390 -11.99 54.63 1.80
N TYR D 391 -11.18 53.89 1.04
CA TYR D 391 -11.63 52.66 0.40
C TYR D 391 -10.73 51.51 0.82
N ALA D 392 -11.31 50.30 0.92
CA ALA D 392 -10.53 49.08 1.14
C ALA D 392 -10.33 48.30 -0.15
N TRP D 393 -9.07 48.17 -0.57
CA TRP D 393 -8.80 47.49 -1.83
C TRP D 393 -8.57 46.00 -1.63
N ALA D 394 -8.70 45.24 -2.72
CA ALA D 394 -8.48 43.81 -2.74
C ALA D 394 -8.22 43.33 -4.17
N MET D 395 -7.20 42.48 -4.33
CA MET D 395 -6.94 41.79 -5.59
C MET D 395 -7.66 40.45 -5.63
N PHE D 396 -8.60 40.31 -6.55
CA PHE D 396 -9.28 39.04 -6.76
C PHE D 396 -8.65 38.28 -7.92
N LEU D 397 -8.99 36.99 -8.01
CA LEU D 397 -8.42 36.08 -9.00
C LEU D 397 -9.39 34.93 -9.23
N ASP D 398 -9.42 34.45 -10.47
CA ASP D 398 -10.31 33.35 -10.85
C ASP D 398 -9.66 31.98 -10.74
N ARG D 399 -10.46 30.97 -11.04
CA ARG D 399 -9.98 29.58 -10.99
C ARG D 399 -8.86 29.25 -11.98
N PRO D 400 -8.86 29.70 -13.25
CA PRO D 400 -7.65 29.47 -14.06
C PRO D 400 -6.43 30.25 -13.61
N GLN D 401 -6.60 31.29 -12.78
CA GLN D 401 -5.57 32.28 -12.43
C GLN D 401 -5.03 32.95 -13.69
N GLN D 402 -5.96 33.48 -14.48
CA GLN D 402 -5.63 34.23 -15.70
C GLN D 402 -6.40 35.54 -15.75
N TRP D 403 -6.98 35.96 -14.63
CA TRP D 403 -7.90 37.09 -14.60
C TRP D 403 -7.82 37.67 -13.19
N LEU D 404 -6.95 38.65 -13.03
CA LEU D 404 -6.75 39.35 -11.76
C LEU D 404 -7.49 40.67 -11.84
N GLN D 405 -8.14 41.07 -10.76
CA GLN D 405 -8.63 42.43 -10.78
C GLN D 405 -8.66 43.09 -9.42
N LEU D 406 -8.25 44.35 -9.42
CA LEU D 406 -8.19 45.16 -8.23
C LEU D 406 -9.58 45.70 -8.04
N VAL D 407 -10.06 45.74 -6.81
CA VAL D 407 -11.40 46.24 -6.53
C VAL D 407 -11.27 47.13 -5.31
N LEU D 408 -12.05 48.20 -5.29
CA LEU D 408 -12.18 49.06 -4.14
C LEU D 408 -13.52 48.79 -3.49
N LEU D 409 -13.51 48.55 -2.20
CA LEU D 409 -14.70 48.29 -1.39
C LEU D 409 -14.88 49.40 -0.36
N PRO D 410 -15.71 50.39 -0.65
CA PRO D 410 -15.95 51.46 0.32
C PRO D 410 -16.75 50.93 1.51
N PRO D 411 -16.36 51.30 2.74
CA PRO D 411 -17.02 50.79 3.96
C PRO D 411 -18.54 50.90 4.03
N ALA D 412 -19.15 51.87 3.35
CA ALA D 412 -20.60 51.95 3.29
C ALA D 412 -21.25 50.84 2.45
N LEU D 413 -20.51 50.22 1.54
CA LEU D 413 -20.97 49.02 0.83
C LEU D 413 -21.25 47.84 1.76
N PHE D 414 -20.67 47.85 2.94
CA PHE D 414 -20.86 46.80 3.94
C PHE D 414 -21.96 47.18 4.92
N ILE D 415 -23.11 46.51 4.82
CA ILE D 415 -24.15 46.66 5.84
C ILE D 415 -23.78 45.83 7.05
N PRO D 416 -24.35 46.07 8.24
CA PRO D 416 -24.24 45.09 9.33
C PRO D 416 -24.83 43.74 8.96
N SER D 417 -24.30 42.70 9.60
CA SER D 417 -24.67 41.33 9.29
C SER D 417 -25.49 40.75 10.42
N THR D 418 -26.72 40.33 10.08
CA THR D 418 -27.64 39.70 11.02
C THR D 418 -28.38 38.59 10.31
N GLU D 419 -28.91 37.66 11.11
CA GLU D 419 -29.65 36.53 10.56
C GLU D 419 -31.03 36.93 10.07
N ASN D 420 -31.61 38.01 10.61
CA ASN D 420 -32.94 38.44 10.23
C ASN D 420 -32.98 39.23 8.91
N GLU D 421 -33.67 38.62 7.95
CA GLU D 421 -33.75 39.05 6.57
C GLU D 421 -34.54 40.34 6.38
N GLU D 422 -35.26 40.81 7.40
CA GLU D 422 -35.92 42.10 7.19
C GLU D 422 -35.04 43.26 7.60
N GLN D 423 -34.30 43.12 8.71
CA GLN D 423 -33.21 44.05 9.01
C GLN D 423 -32.18 44.10 7.88
N ARG D 424 -31.95 42.95 7.21
CA ARG D 424 -31.01 42.93 6.09
C ARG D 424 -31.52 43.82 4.97
N LEU D 425 -32.80 43.66 4.61
CA LEU D 425 -33.42 44.52 3.59
C LEU D 425 -33.38 45.98 4.02
N ALA D 426 -33.64 46.22 5.31
CA ALA D 426 -33.62 47.55 5.93
C ALA D 426 -32.31 48.27 5.65
N SER D 427 -31.19 47.58 5.92
CA SER D 427 -29.91 48.22 5.65
C SER D 427 -29.51 48.12 4.18
N ALA D 428 -30.13 47.23 3.41
CA ALA D 428 -30.01 47.30 1.96
C ALA D 428 -30.66 48.58 1.41
N ARG D 429 -31.79 49.01 1.99
CA ARG D 429 -32.29 50.34 1.65
C ARG D 429 -31.37 51.43 2.16
N ALA D 430 -30.83 51.24 3.37
CA ALA D 430 -29.97 52.25 4.01
C ALA D 430 -28.65 52.50 3.29
N VAL D 431 -28.14 51.55 2.53
CA VAL D 431 -26.89 51.82 1.80
C VAL D 431 -27.18 52.84 0.69
N PRO D 432 -26.34 53.85 0.51
CA PRO D 432 -26.52 54.79 -0.61
C PRO D 432 -26.52 54.09 -1.96
N ARG D 433 -27.50 54.43 -2.78
CA ARG D 433 -27.63 53.89 -4.13
C ARG D 433 -26.43 54.20 -4.99
N ASN D 434 -25.83 55.39 -4.81
CA ASN D 434 -24.70 55.79 -5.63
C ASN D 434 -23.44 54.99 -5.32
N VAL D 435 -23.11 54.79 -4.03
CA VAL D 435 -21.85 54.15 -3.68
C VAL D 435 -21.89 52.66 -4.06
N GLN D 436 -20.77 52.20 -4.63
CA GLN D 436 -20.68 50.89 -5.25
C GLN D 436 -19.20 50.53 -5.40
N PRO D 437 -18.83 49.25 -5.54
CA PRO D 437 -17.41 48.93 -5.70
C PRO D 437 -16.90 49.23 -7.09
N TYR D 438 -15.71 49.81 -7.14
CA TYR D 438 -15.08 50.21 -8.39
C TYR D 438 -13.92 49.27 -8.71
N VAL D 439 -14.12 48.41 -9.72
CA VAL D 439 -13.03 47.59 -10.24
C VAL D 439 -12.10 48.52 -11.00
N VAL D 440 -10.97 48.86 -10.40
CA VAL D 440 -10.12 49.88 -10.99
C VAL D 440 -9.25 49.30 -12.10
N TYR D 441 -8.69 48.12 -11.90
CA TYR D 441 -7.71 47.58 -12.83
C TYR D 441 -7.99 46.10 -13.02
N GLU D 442 -7.81 45.60 -14.25
CA GLU D 442 -8.13 44.21 -14.58
C GLU D 442 -7.08 43.62 -15.52
N GLU D 443 -6.24 42.75 -15.00
CA GLU D 443 -5.31 42.00 -15.84
C GLU D 443 -5.97 40.74 -16.36
N VAL D 444 -5.88 40.53 -17.67
CA VAL D 444 -6.39 39.34 -18.35
C VAL D 444 -5.23 38.76 -19.13
N THR D 445 -5.08 37.43 -19.12
CA THR D 445 -3.95 36.86 -19.83
C THR D 445 -4.27 35.48 -20.39
N ASN D 446 -3.42 35.07 -21.32
CA ASN D 446 -3.43 33.72 -21.87
C ASN D 446 -2.43 32.80 -21.19
N VAL D 447 -1.59 33.31 -20.30
CA VAL D 447 -0.58 32.44 -19.70
C VAL D 447 -0.96 32.13 -18.24
N TRP D 448 -0.79 33.11 -17.35
CA TRP D 448 -1.21 33.08 -15.95
C TRP D 448 -0.88 34.42 -15.30
N ILE D 449 -1.59 34.71 -14.21
CA ILE D 449 -1.33 35.90 -13.41
C ILE D 449 -0.26 35.57 -12.37
N ASN D 450 0.82 36.35 -12.35
CA ASN D 450 1.68 36.41 -11.18
C ASN D 450 1.13 37.47 -10.23
N VAL D 451 1.03 37.12 -8.95
CA VAL D 451 0.55 38.06 -7.95
C VAL D 451 1.67 39.04 -7.60
N HIS D 452 1.44 40.31 -7.91
CA HIS D 452 2.37 41.37 -7.58
C HIS D 452 1.77 42.21 -6.45
N ASP D 453 2.48 42.30 -5.31
CA ASP D 453 1.95 43.08 -4.21
C ASP D 453 2.35 44.55 -4.30
N ILE D 454 2.15 45.15 -5.48
CA ILE D 454 2.46 46.54 -5.73
C ILE D 454 1.17 47.21 -6.19
N PHE D 455 0.56 47.99 -5.30
CA PHE D 455 -0.63 48.74 -5.69
C PHE D 455 -0.46 50.24 -5.46
N TYR D 456 -0.03 50.66 -4.25
CA TYR D 456 0.14 52.03 -3.74
C TYR D 456 -0.88 53.08 -4.17
N PRO D 457 -1.84 53.46 -3.34
CA PRO D 457 -2.76 54.49 -3.75
C PRO D 457 -2.22 55.85 -3.36
N PHE D 458 -2.62 56.85 -4.13
CA PHE D 458 -2.25 58.23 -3.90
C PHE D 458 -3.37 58.93 -3.15
N PRO D 459 -3.11 60.13 -2.60
CA PRO D 459 -4.22 60.92 -2.05
C PRO D 459 -5.22 61.29 -3.14
N GLN D 460 -6.49 61.26 -2.77
CA GLN D 460 -7.56 61.48 -3.72
C GLN D 460 -8.16 62.87 -3.51
N SER D 461 -7.35 63.75 -2.92
CA SER D 461 -7.80 65.05 -2.43
C SER D 461 -8.08 66.05 -3.53
N GLU D 462 -7.70 65.73 -4.77
CA GLU D 462 -7.91 66.60 -5.91
C GLU D 462 -9.03 66.00 -6.74
N GLY D 463 -10.25 66.49 -6.56
CA GLY D 463 -11.33 65.97 -7.35
C GLY D 463 -11.78 64.58 -6.94
N GLU D 464 -12.60 64.43 -5.89
CA GLU D 464 -12.74 63.18 -5.13
C GLU D 464 -13.42 62.03 -5.88
N ASP D 465 -12.94 61.78 -7.10
CA ASP D 465 -13.12 60.53 -7.81
C ASP D 465 -11.71 60.27 -8.36
N GLU D 466 -11.62 59.39 -9.37
CA GLU D 466 -10.42 59.15 -10.19
C GLU D 466 -9.19 58.77 -9.35
N LEU D 467 -9.24 57.55 -8.82
CA LEU D 467 -8.10 57.01 -8.11
C LEU D 467 -6.90 56.78 -9.02
N CYS D 468 -5.76 57.27 -8.56
CA CYS D 468 -4.46 57.18 -9.24
C CYS D 468 -3.57 56.28 -8.39
N PHE D 469 -3.01 55.23 -9.01
CA PHE D 469 -2.13 54.33 -8.27
C PHE D 469 -0.94 53.91 -9.13
N LEU D 470 0.04 53.28 -8.47
CA LEU D 470 1.17 52.63 -9.15
C LEU D 470 1.03 51.11 -9.11
N ARG D 471 0.59 50.55 -10.24
CA ARG D 471 0.33 49.12 -10.34
C ARG D 471 1.36 48.42 -11.22
N ALA D 472 1.93 47.34 -10.70
CA ALA D 472 2.81 46.49 -11.48
C ALA D 472 1.96 45.65 -12.42
N ASN D 473 2.33 45.59 -13.70
CA ASN D 473 1.55 44.84 -14.68
C ASN D 473 2.50 44.12 -15.63
N GLU D 474 2.60 42.81 -15.44
CA GLU D 474 3.39 41.92 -16.27
C GLU D 474 2.66 41.44 -17.52
N CYS D 475 1.33 41.34 -17.45
CA CYS D 475 0.53 40.79 -18.53
C CYS D 475 0.54 41.63 -19.82
N LYS D 476 0.70 42.94 -19.73
CA LYS D 476 0.73 43.79 -20.93
C LYS D 476 1.88 43.49 -21.90
N THR D 477 3.11 43.73 -21.46
CA THR D 477 4.27 43.56 -22.30
C THR D 477 4.99 42.23 -22.11
N GLY D 478 4.60 41.42 -21.12
CA GLY D 478 5.27 40.19 -20.84
C GLY D 478 6.26 40.28 -19.70
N PHE D 479 6.66 41.48 -19.31
CA PHE D 479 7.57 41.66 -18.21
C PHE D 479 6.91 42.55 -17.17
N CYS D 480 7.16 42.24 -15.89
CA CYS D 480 6.63 43.02 -14.77
C CYS D 480 7.16 44.44 -14.82
N HIS D 481 6.29 45.41 -15.05
CA HIS D 481 6.68 46.80 -15.16
C HIS D 481 5.78 47.66 -14.31
N LEU D 482 6.34 48.73 -13.74
CA LEU D 482 5.50 49.64 -12.98
C LEU D 482 4.66 50.49 -13.92
N TYR D 483 3.49 50.89 -13.44
CA TYR D 483 2.66 51.79 -14.21
C TYR D 483 2.04 52.79 -13.26
N LYS D 484 1.74 53.97 -13.78
CA LYS D 484 0.82 54.90 -13.15
C LYS D 484 -0.50 54.75 -13.88
N VAL D 485 -1.56 54.46 -13.12
CA VAL D 485 -2.88 54.20 -13.66
C VAL D 485 -3.83 55.19 -13.02
N THR D 486 -4.61 55.87 -13.86
CA THR D 486 -5.65 56.78 -13.40
C THR D 486 -6.95 56.19 -13.90
N ALA D 487 -7.80 55.71 -13.00
CA ALA D 487 -9.10 55.25 -13.43
C ALA D 487 -10.15 56.32 -13.18
N VAL D 488 -11.40 55.99 -13.50
CA VAL D 488 -12.52 56.92 -13.38
C VAL D 488 -13.55 56.29 -12.44
N LEU D 489 -13.68 56.85 -11.25
CA LEU D 489 -14.65 56.37 -10.28
C LEU D 489 -15.95 57.14 -10.52
N LYS D 490 -16.74 56.65 -11.47
CA LYS D 490 -18.06 57.20 -11.74
C LYS D 490 -19.10 56.17 -11.30
N SER D 491 -20.06 56.63 -10.50
CA SER D 491 -21.09 55.74 -10.00
C SER D 491 -22.14 55.46 -11.07
N GLN D 492 -22.51 54.18 -11.22
CA GLN D 492 -23.58 53.82 -12.13
C GLN D 492 -24.94 53.93 -11.46
N GLY D 493 -25.00 53.76 -10.14
CA GLY D 493 -26.24 53.88 -9.41
C GLY D 493 -26.93 52.53 -9.29
N TYR D 494 -26.84 51.90 -8.12
CA TYR D 494 -27.32 50.54 -7.95
C TYR D 494 -28.37 50.46 -6.86
N ASP D 495 -29.46 49.76 -7.17
CA ASP D 495 -30.47 49.40 -6.17
C ASP D 495 -29.97 48.13 -5.50
N TRP D 496 -29.34 48.27 -4.34
CA TRP D 496 -28.66 47.15 -3.71
C TRP D 496 -29.59 46.21 -2.97
N SER D 497 -30.88 46.55 -2.88
CA SER D 497 -31.82 45.65 -2.22
C SER D 497 -32.23 44.51 -3.15
N GLU D 498 -32.62 44.84 -4.38
CA GLU D 498 -32.89 43.81 -5.36
C GLU D 498 -31.57 43.19 -5.84
N PRO D 499 -31.52 41.87 -6.02
CA PRO D 499 -30.29 41.22 -6.44
C PRO D 499 -30.14 41.17 -7.96
N PHE D 500 -28.93 40.87 -8.40
CA PHE D 500 -28.61 40.86 -9.83
C PHE D 500 -27.33 40.08 -10.05
N SER D 501 -27.10 39.72 -11.32
CA SER D 501 -25.86 39.12 -11.80
C SER D 501 -25.05 40.15 -12.57
N PRO D 502 -23.87 40.52 -12.06
CA PRO D 502 -22.98 41.40 -12.80
C PRO D 502 -22.48 40.77 -14.09
N GLY D 503 -22.26 41.64 -15.09
CA GLY D 503 -21.67 41.22 -16.34
C GLY D 503 -20.16 41.16 -16.28
N GLU D 504 -19.55 40.81 -17.42
CA GLU D 504 -18.11 40.61 -17.46
C GLU D 504 -17.32 41.91 -17.40
N ASP D 505 -17.93 43.04 -17.72
CA ASP D 505 -17.30 44.34 -17.66
C ASP D 505 -18.20 45.32 -16.92
N GLU D 506 -18.89 44.83 -15.89
CA GLU D 506 -19.94 45.60 -15.26
C GLU D 506 -19.39 46.68 -14.34
N PHE D 507 -18.56 46.28 -13.38
CA PHE D 507 -18.05 47.23 -12.40
C PHE D 507 -16.71 47.82 -12.81
N LYS D 508 -16.26 47.51 -14.03
CA LYS D 508 -14.97 47.98 -14.53
C LYS D 508 -15.02 49.48 -14.81
N CYS D 509 -14.10 50.22 -14.23
CA CYS D 509 -13.94 51.64 -14.50
C CYS D 509 -13.29 51.87 -15.87
N PRO D 510 -13.63 52.97 -16.54
CA PRO D 510 -12.81 53.41 -17.66
C PRO D 510 -11.55 54.09 -17.15
N ILE D 511 -10.48 53.97 -17.91
CA ILE D 511 -9.17 54.43 -17.47
C ILE D 511 -8.84 55.77 -18.14
N LYS D 512 -8.39 56.74 -17.34
CA LYS D 512 -7.87 57.99 -17.88
C LYS D 512 -6.54 57.79 -18.61
N GLU D 513 -5.55 57.23 -17.93
CA GLU D 513 -4.26 56.99 -18.58
C GLU D 513 -3.56 55.84 -17.88
N GLU D 514 -2.59 55.26 -18.62
CA GLU D 514 -1.81 54.13 -18.20
C GLU D 514 -0.35 54.38 -18.64
N ILE D 515 0.26 55.40 -18.05
CA ILE D 515 1.69 55.63 -18.35
C ILE D 515 2.52 54.50 -17.77
N ALA D 516 3.48 54.02 -18.57
CA ALA D 516 4.39 52.97 -18.15
C ALA D 516 5.67 53.61 -17.62
N LEU D 517 5.92 53.42 -16.32
CA LEU D 517 7.09 54.08 -15.75
C LEU D 517 8.38 53.36 -16.09
N THR D 518 8.30 52.07 -16.44
CA THR D 518 9.44 51.31 -16.90
C THR D 518 9.02 50.54 -18.14
N SER D 519 10.02 50.22 -18.97
CA SER D 519 9.82 49.40 -20.16
C SER D 519 11.15 48.79 -20.53
N GLY D 520 11.10 47.60 -21.10
CA GLY D 520 12.31 46.92 -21.50
C GLY D 520 12.13 45.41 -21.44
N GLU D 521 13.25 44.72 -21.53
CA GLU D 521 13.32 43.27 -21.48
C GLU D 521 13.80 42.78 -20.13
N TRP D 522 13.29 43.43 -19.08
CA TRP D 522 13.68 43.17 -17.70
C TRP D 522 12.44 43.46 -16.86
N GLU D 523 12.49 43.13 -15.57
CA GLU D 523 11.28 43.30 -14.78
C GLU D 523 11.58 43.95 -13.44
N VAL D 524 10.52 44.50 -12.84
CA VAL D 524 10.57 45.09 -11.51
C VAL D 524 10.20 44.01 -10.49
N LEU D 525 10.95 43.94 -9.41
CA LEU D 525 10.70 42.93 -8.38
C LEU D 525 9.44 43.27 -7.61
N ALA D 526 8.50 42.37 -7.64
CA ALA D 526 7.21 42.60 -7.00
C ALA D 526 6.82 41.47 -6.07
N ARG D 527 7.09 40.22 -6.44
CA ARG D 527 6.80 39.08 -5.58
C ARG D 527 7.82 39.00 -4.44
N HIS D 528 7.58 38.01 -3.56
CA HIS D 528 8.53 37.55 -2.54
C HIS D 528 8.90 38.63 -1.53
N GLY D 529 7.92 39.46 -1.18
CA GLY D 529 8.13 40.52 -0.22
C GLY D 529 9.00 41.67 -0.67
N SER D 530 9.25 41.78 -1.98
CA SER D 530 9.80 43.03 -2.49
C SER D 530 8.70 44.08 -2.56
N LYS D 531 9.09 45.34 -2.55
CA LYS D 531 8.11 46.41 -2.49
C LYS D 531 8.74 47.69 -3.04
N ILE D 532 7.87 48.64 -3.38
CA ILE D 532 8.28 49.94 -3.88
C ILE D 532 8.18 50.95 -2.76
N TRP D 533 8.94 52.03 -2.91
CA TRP D 533 8.97 53.13 -1.96
C TRP D 533 8.71 54.42 -2.72
N VAL D 534 7.62 55.10 -2.38
CA VAL D 534 7.10 56.23 -3.16
C VAL D 534 7.27 57.51 -2.35
N ASN D 535 8.26 58.31 -2.70
CA ASN D 535 8.37 59.67 -2.17
C ASN D 535 7.36 60.54 -2.88
N GLU D 536 6.36 60.97 -2.14
CA GLU D 536 5.26 61.75 -2.68
C GLU D 536 5.55 63.23 -2.71
N GLU D 537 6.56 63.68 -1.95
CA GLU D 537 6.99 65.07 -2.03
C GLU D 537 7.82 65.30 -3.28
N THR D 538 8.78 64.42 -3.54
CA THR D 538 9.68 64.56 -4.67
C THR D 538 9.14 63.88 -5.92
N LYS D 539 7.96 63.26 -5.82
CA LYS D 539 7.24 62.63 -6.93
C LYS D 539 8.03 61.46 -7.55
N LEU D 540 8.80 60.76 -6.72
CA LEU D 540 9.63 59.66 -7.20
C LEU D 540 9.18 58.32 -6.64
N VAL D 541 9.42 57.27 -7.41
CA VAL D 541 9.19 55.90 -6.97
C VAL D 541 10.47 55.09 -7.14
N TYR D 542 10.97 54.59 -6.00
CA TYR D 542 12.14 53.74 -5.90
C TYR D 542 11.66 52.29 -5.92
N PHE D 543 12.19 51.50 -6.84
CA PHE D 543 11.83 50.09 -6.99
C PHE D 543 13.10 49.29 -7.18
N GLN D 544 12.99 47.97 -7.16
CA GLN D 544 14.12 47.12 -7.50
C GLN D 544 13.86 46.46 -8.86
N GLY D 545 14.94 46.15 -9.57
CA GLY D 545 14.77 45.56 -10.88
C GLY D 545 16.04 44.91 -11.39
N THR D 546 15.92 44.36 -12.60
CA THR D 546 16.96 43.59 -13.26
C THR D 546 17.37 44.17 -14.62
N LYS D 547 17.44 45.50 -14.76
CA LYS D 547 17.68 46.12 -16.06
C LYS D 547 19.08 45.84 -16.59
N ASP D 548 20.09 45.83 -15.72
CA ASP D 548 21.43 45.49 -16.17
C ASP D 548 21.54 44.05 -16.61
N THR D 549 21.00 43.13 -15.82
CA THR D 549 21.13 41.69 -16.00
C THR D 549 20.10 41.02 -15.08
N PRO D 550 19.61 39.83 -15.41
CA PRO D 550 18.77 39.10 -14.45
C PRO D 550 19.51 38.63 -13.21
N LEU D 551 20.85 38.63 -13.21
CA LEU D 551 21.63 38.09 -12.10
C LEU D 551 21.82 39.08 -10.96
N GLU D 552 21.34 40.31 -11.07
CA GLU D 552 21.67 41.32 -10.08
C GLU D 552 20.45 42.16 -9.78
N HIS D 553 20.00 42.13 -8.53
CA HIS D 553 18.86 42.93 -8.08
C HIS D 553 19.37 44.32 -7.73
N HIS D 554 18.94 45.33 -8.48
CA HIS D 554 19.41 46.69 -8.26
C HIS D 554 18.28 47.64 -7.89
N LEU D 555 18.60 48.61 -7.04
CA LEU D 555 17.69 49.70 -6.69
C LEU D 555 17.68 50.74 -7.80
N TYR D 556 16.50 50.98 -8.37
CA TYR D 556 16.28 52.00 -9.39
C TYR D 556 15.31 53.06 -8.85
N VAL D 557 15.38 54.24 -9.45
CA VAL D 557 14.42 55.31 -9.20
C VAL D 557 13.93 55.88 -10.53
N VAL D 558 12.65 56.30 -10.54
CA VAL D 558 12.03 56.95 -11.70
C VAL D 558 11.02 57.91 -11.10
N SER D 559 10.64 58.92 -11.89
CA SER D 559 9.55 59.80 -11.51
C SER D 559 8.23 59.20 -11.98
N TYR D 560 7.20 59.27 -11.13
CA TYR D 560 5.91 58.82 -11.62
C TYR D 560 5.19 59.89 -12.43
N GLU D 561 5.58 61.16 -12.33
CA GLU D 561 5.01 62.17 -13.20
C GLU D 561 5.60 62.08 -14.60
N ALA D 562 6.92 62.16 -14.72
CA ALA D 562 7.60 62.14 -16.01
C ALA D 562 8.47 60.88 -16.07
N ALA D 563 8.03 59.88 -16.83
CA ALA D 563 8.78 58.64 -17.03
C ALA D 563 9.93 58.84 -18.03
N GLY D 564 10.89 59.69 -17.63
CA GLY D 564 12.01 59.96 -18.51
C GLY D 564 13.08 58.88 -18.48
N GLU D 565 13.74 58.71 -17.34
CA GLU D 565 14.92 57.87 -17.29
C GLU D 565 14.94 57.13 -15.96
N ILE D 566 15.59 55.97 -15.98
CA ILE D 566 15.71 55.08 -14.82
C ILE D 566 17.11 55.20 -14.27
N VAL D 567 17.24 55.72 -13.04
CA VAL D 567 18.55 55.95 -12.43
C VAL D 567 18.83 54.84 -11.42
N ARG D 568 19.96 54.16 -11.60
CA ARG D 568 20.45 53.17 -10.65
C ARG D 568 21.10 53.84 -9.43
N LEU D 569 20.87 53.25 -8.26
CA LEU D 569 21.51 53.70 -7.03
C LEU D 569 22.50 52.70 -6.44
N THR D 570 22.41 51.43 -6.82
CA THR D 570 23.28 50.45 -6.19
C THR D 570 24.55 50.24 -7.00
N THR D 571 25.59 49.77 -6.31
CA THR D 571 26.86 49.46 -6.95
C THR D 571 26.68 48.27 -7.90
N PRO D 572 27.13 48.38 -9.15
CA PRO D 572 26.95 47.28 -10.10
C PRO D 572 27.92 46.15 -9.82
N GLY D 573 27.63 45.00 -10.44
CA GLY D 573 28.41 43.81 -10.18
C GLY D 573 28.05 43.09 -8.91
N PHE D 574 26.98 43.51 -8.24
CA PHE D 574 26.49 42.88 -7.02
C PHE D 574 24.97 42.82 -7.11
N SER D 575 24.36 42.00 -6.26
CA SER D 575 22.91 41.96 -6.16
C SER D 575 22.49 42.36 -4.76
N HIS D 576 21.43 43.17 -4.70
CA HIS D 576 21.09 43.97 -3.54
C HIS D 576 19.65 43.76 -3.11
N SER D 577 19.42 43.63 -1.81
CA SER D 577 18.10 43.68 -1.20
C SER D 577 18.09 44.94 -0.36
N CYS D 578 17.23 45.89 -0.68
CA CYS D 578 17.34 47.23 -0.12
C CYS D 578 16.12 47.57 0.72
N SER D 579 16.26 48.63 1.52
CA SER D 579 15.17 49.07 2.38
C SER D 579 15.36 50.52 2.78
N MET D 580 14.35 51.34 2.48
CA MET D 580 14.36 52.79 2.64
C MET D 580 13.94 53.23 4.04
N SER D 581 14.40 54.43 4.40
CA SER D 581 13.75 55.21 5.44
C SER D 581 12.37 55.65 4.98
N GLN D 582 11.49 55.94 5.92
CA GLN D 582 10.25 56.63 5.51
C GLN D 582 10.52 58.08 5.14
N ASN D 583 11.60 58.67 5.65
CA ASN D 583 12.02 60.02 5.30
C ASN D 583 12.93 60.05 4.07
N PHE D 584 13.26 58.87 3.54
CA PHE D 584 13.83 58.64 2.22
C PHE D 584 15.23 59.26 2.06
N ASP D 585 16.00 59.39 3.13
CA ASP D 585 17.31 60.00 2.99
C ASP D 585 18.46 59.00 3.03
N MET D 586 18.27 57.84 3.63
CA MET D 586 19.29 56.80 3.61
C MET D 586 18.59 55.46 3.52
N PHE D 587 19.27 54.50 2.90
CA PHE D 587 18.77 53.15 2.82
C PHE D 587 19.82 52.16 3.29
N VAL D 588 19.36 50.96 3.50
CA VAL D 588 20.22 49.83 3.74
C VAL D 588 20.22 49.04 2.45
N SER D 589 21.35 48.41 2.14
CA SER D 589 21.39 47.35 1.16
C SER D 589 22.19 46.16 1.64
N HIS D 590 21.53 45.01 1.67
CA HIS D 590 22.13 43.72 1.94
C HIS D 590 22.54 43.17 0.59
N TYR D 591 23.82 43.19 0.30
CA TYR D 591 24.22 42.82 -1.04
C TYR D 591 25.38 41.84 -1.02
N SER D 592 25.57 41.22 -2.17
CA SER D 592 26.57 40.18 -2.31
C SER D 592 26.89 40.01 -3.79
N SER D 593 27.85 39.15 -4.06
CA SER D 593 28.18 38.77 -5.43
C SER D 593 28.44 37.28 -5.40
N VAL D 594 28.74 36.73 -6.58
CA VAL D 594 29.04 35.30 -6.67
C VAL D 594 30.32 34.97 -5.91
N SER D 595 31.24 35.93 -5.80
CA SER D 595 32.52 35.72 -5.13
C SER D 595 32.49 36.14 -3.66
N THR D 596 32.03 37.36 -3.38
CA THR D 596 32.10 37.87 -2.02
C THR D 596 30.94 37.35 -1.18
N PRO D 597 31.14 37.18 0.13
CA PRO D 597 30.02 36.85 1.04
C PRO D 597 29.08 38.04 1.19
N PRO D 598 27.93 37.86 1.87
CA PRO D 598 27.04 38.99 2.10
C PRO D 598 27.66 40.08 2.98
N CYS D 599 27.40 41.30 2.57
CA CYS D 599 27.72 42.51 3.29
C CYS D 599 26.42 43.28 3.48
N VAL D 600 26.42 44.23 4.42
CA VAL D 600 25.27 45.09 4.62
C VAL D 600 25.72 46.54 4.77
N HIS D 601 25.59 47.31 3.70
CA HIS D 601 26.07 48.68 3.71
C HIS D 601 24.89 49.64 3.76
N VAL D 602 25.11 50.77 4.42
CA VAL D 602 24.10 51.80 4.57
C VAL D 602 24.52 52.97 3.68
N TYR D 603 23.73 53.24 2.66
CA TYR D 603 24.02 54.33 1.73
C TYR D 603 23.08 55.48 2.03
N LYS D 604 23.43 56.67 1.57
CA LYS D 604 22.71 57.90 1.86
C LYS D 604 22.53 58.67 0.56
N LEU D 605 21.29 58.86 0.15
CA LEU D 605 21.00 59.69 -1.02
C LEU D 605 21.31 61.15 -0.70
N SER D 606 22.14 61.78 -1.52
CA SER D 606 22.67 63.10 -1.17
C SER D 606 22.91 63.87 -2.46
N GLY D 607 22.51 65.14 -2.48
CA GLY D 607 22.69 65.97 -3.64
C GLY D 607 21.85 67.24 -3.58
N PRO D 608 21.87 68.02 -4.66
CA PRO D 608 20.95 69.16 -4.78
C PRO D 608 19.49 68.72 -4.71
N ASP D 609 18.71 69.44 -3.90
CA ASP D 609 17.31 69.09 -3.67
C ASP D 609 16.41 69.39 -4.86
N ASP D 610 16.85 70.26 -5.78
CA ASP D 610 16.00 70.69 -6.89
C ASP D 610 15.76 69.58 -7.91
N ASP D 611 16.66 68.61 -8.01
CA ASP D 611 16.60 67.53 -8.99
C ASP D 611 16.61 66.22 -8.22
N PRO D 612 15.43 65.71 -7.83
CA PRO D 612 15.42 64.59 -6.89
C PRO D 612 15.80 63.25 -7.51
N LEU D 613 15.70 63.13 -8.83
CA LEU D 613 16.06 61.88 -9.50
C LEU D 613 17.56 61.60 -9.37
N HIS D 614 18.37 62.65 -9.43
CA HIS D 614 19.82 62.51 -9.44
C HIS D 614 20.51 62.74 -8.09
N LYS D 615 19.86 62.40 -6.96
CA LYS D 615 20.66 62.26 -5.75
C LYS D 615 21.68 61.14 -5.88
N GLN D 616 22.94 61.48 -5.59
CA GLN D 616 24.01 60.50 -5.64
C GLN D 616 24.02 59.69 -4.35
N PRO D 617 23.91 58.38 -4.41
CA PRO D 617 24.03 57.55 -3.21
C PRO D 617 25.46 57.44 -2.72
N ARG D 618 25.77 58.03 -1.57
CA ARG D 618 27.11 57.97 -1.01
C ARG D 618 27.12 57.01 0.18
N PHE D 619 28.15 56.15 0.22
CA PHE D 619 28.31 55.19 1.31
C PHE D 619 28.47 55.92 2.64
N TRP D 620 27.54 55.70 3.57
CA TRP D 620 27.53 56.43 4.83
C TRP D 620 28.22 55.63 5.92
N ALA D 621 27.78 54.41 6.15
CA ALA D 621 28.36 53.53 7.15
C ALA D 621 28.01 52.10 6.77
N SER D 622 28.70 51.15 7.38
CA SER D 622 28.51 49.75 7.06
C SER D 622 28.08 49.03 8.33
N MET D 623 27.14 48.10 8.20
CA MET D 623 26.65 47.41 9.38
C MET D 623 27.33 46.06 9.54
N MET D 624 27.28 45.24 8.49
CA MET D 624 27.82 43.90 8.51
C MET D 624 28.69 43.77 7.28
N GLU D 625 29.83 43.11 7.42
CA GLU D 625 30.81 43.10 6.35
C GLU D 625 30.98 41.70 5.79
N ALA D 626 31.63 41.65 4.63
CA ALA D 626 31.88 40.39 3.94
C ALA D 626 32.86 39.57 4.76
N ALA D 627 32.42 38.42 5.23
CA ALA D 627 33.17 37.63 6.19
C ALA D 627 34.35 36.93 5.51
N SER D 628 35.04 36.10 6.29
CA SER D 628 36.19 35.34 5.79
C SER D 628 35.70 34.28 4.81
N CYS D 629 35.91 34.53 3.52
CA CYS D 629 35.65 33.51 2.52
C CYS D 629 36.66 32.39 2.71
N PRO D 630 36.21 31.15 2.92
CA PRO D 630 37.16 30.10 3.31
C PRO D 630 37.99 29.65 2.13
N PRO D 631 39.26 29.27 2.37
CA PRO D 631 40.05 28.63 1.29
C PRO D 631 39.50 27.29 0.83
N ASP D 632 38.68 26.62 1.64
CA ASP D 632 37.95 25.46 1.17
C ASP D 632 36.87 25.84 0.17
N TYR D 633 36.42 27.09 0.18
CA TYR D 633 35.34 27.56 -0.65
C TYR D 633 35.91 28.30 -1.86
N VAL D 634 35.74 27.72 -3.04
CA VAL D 634 35.97 28.42 -4.29
C VAL D 634 34.61 28.82 -4.85
N PRO D 635 34.36 30.11 -5.08
CA PRO D 635 33.05 30.56 -5.56
C PRO D 635 32.77 30.04 -6.96
N PRO D 636 31.50 29.86 -7.32
CA PRO D 636 31.19 29.33 -8.65
C PRO D 636 31.37 30.37 -9.73
N GLU D 637 31.53 29.88 -10.95
CA GLU D 637 31.61 30.72 -12.12
C GLU D 637 30.24 30.74 -12.78
N ILE D 638 29.74 31.93 -13.04
CA ILE D 638 28.50 32.14 -13.79
C ILE D 638 28.81 32.16 -15.26
N PHE D 639 27.91 31.58 -16.04
CA PHE D 639 27.96 31.61 -17.49
C PHE D 639 26.54 31.83 -18.01
N HIS D 640 26.46 32.01 -19.32
CA HIS D 640 25.18 32.01 -20.02
C HIS D 640 25.37 31.26 -21.33
N PHE D 641 24.26 30.94 -21.98
CA PHE D 641 24.31 30.28 -23.27
C PHE D 641 22.98 30.45 -23.98
N HIS D 642 22.95 30.02 -25.23
CA HIS D 642 21.78 30.10 -26.08
C HIS D 642 21.28 28.70 -26.42
N THR D 643 19.97 28.56 -26.58
CA THR D 643 19.38 27.30 -26.99
C THR D 643 19.39 27.18 -28.51
N ARG D 644 18.98 26.01 -28.99
CA ARG D 644 18.72 25.83 -30.41
C ARG D 644 17.53 26.67 -30.88
N SER D 645 16.63 27.03 -29.96
CA SER D 645 15.57 27.99 -30.22
C SER D 645 16.02 29.44 -29.97
N ASP D 646 17.30 29.63 -29.62
CA ASP D 646 17.96 30.91 -29.43
C ASP D 646 17.39 31.69 -28.25
N VAL D 647 17.24 31.00 -27.12
CA VAL D 647 16.83 31.63 -25.86
C VAL D 647 18.00 31.54 -24.89
N ARG D 648 18.33 32.66 -24.26
CA ARG D 648 19.49 32.72 -23.39
C ARG D 648 19.14 32.21 -22.00
N LEU D 649 19.83 31.17 -21.55
CA LEU D 649 19.69 30.64 -20.20
C LEU D 649 20.98 30.90 -19.45
N TYR D 650 20.86 31.22 -18.18
CA TYR D 650 22.03 31.40 -17.34
C TYR D 650 22.28 30.17 -16.49
N GLY D 651 23.52 30.06 -16.03
CA GLY D 651 23.88 28.92 -15.23
C GLY D 651 25.13 29.20 -14.41
N MET D 652 25.32 28.39 -13.39
CA MET D 652 26.53 28.42 -12.59
C MET D 652 27.23 27.08 -12.74
N ILE D 653 28.49 27.08 -12.36
CA ILE D 653 29.22 25.83 -12.18
C ILE D 653 30.22 26.03 -11.06
N TYR D 654 30.29 25.03 -10.19
CA TYR D 654 31.36 24.90 -9.22
C TYR D 654 32.36 23.92 -9.80
N LYS D 655 33.60 24.40 -9.99
CA LYS D 655 34.70 23.63 -10.51
C LYS D 655 35.25 22.71 -9.44
N PRO D 656 35.71 21.52 -9.84
CA PRO D 656 36.41 20.65 -8.89
C PRO D 656 37.73 21.26 -8.44
N HIS D 657 37.94 21.29 -7.14
CA HIS D 657 39.20 21.73 -6.56
C HIS D 657 40.34 20.81 -6.97
N ALA D 658 41.52 21.42 -7.17
CA ALA D 658 42.74 20.76 -7.65
C ALA D 658 42.50 20.03 -8.97
N LEU D 659 41.93 20.77 -9.92
CA LEU D 659 41.63 20.23 -11.25
C LEU D 659 42.89 19.82 -11.99
N GLN D 660 42.85 18.64 -12.61
CA GLN D 660 43.87 18.19 -13.55
C GLN D 660 43.26 18.17 -14.94
N PRO D 661 43.71 19.05 -15.85
CA PRO D 661 43.14 19.09 -17.20
C PRO D 661 43.34 17.78 -17.96
N GLY D 662 42.27 17.33 -18.61
CA GLY D 662 42.26 16.02 -19.22
C GLY D 662 41.30 15.09 -18.52
N LYS D 663 41.27 15.19 -17.19
CA LYS D 663 40.40 14.32 -16.38
C LYS D 663 38.96 14.78 -16.47
N LYS D 664 38.06 13.83 -16.70
CA LYS D 664 36.63 14.10 -16.83
C LYS D 664 35.95 13.76 -15.50
N HIS D 665 35.59 14.78 -14.74
CA HIS D 665 35.04 14.63 -13.41
C HIS D 665 33.56 14.29 -13.50
N PRO D 666 32.99 13.62 -12.49
CA PRO D 666 31.55 13.35 -12.53
C PRO D 666 30.78 14.59 -12.12
N THR D 667 29.60 14.73 -12.71
CA THR D 667 28.91 16.01 -12.63
C THR D 667 27.52 15.87 -12.00
N VAL D 668 27.30 16.63 -10.94
CA VAL D 668 26.00 16.73 -10.29
C VAL D 668 25.31 17.98 -10.83
N LEU D 669 24.30 17.75 -11.66
CA LEU D 669 23.41 18.80 -12.12
C LEU D 669 22.40 19.05 -11.02
N PHE D 670 22.68 20.03 -10.17
CA PHE D 670 21.70 20.44 -9.19
C PHE D 670 20.66 21.25 -9.95
N VAL D 671 19.41 21.19 -9.49
CA VAL D 671 18.32 21.81 -10.23
C VAL D 671 17.19 22.11 -9.28
N TYR D 672 16.47 23.19 -9.56
CA TYR D 672 15.11 23.36 -9.10
C TYR D 672 14.27 23.41 -10.37
N GLY D 673 14.54 24.36 -11.24
CA GLY D 673 13.93 24.40 -12.56
C GLY D 673 12.54 24.98 -12.64
N GLY D 674 11.78 24.90 -11.55
CA GLY D 674 10.43 25.40 -11.51
C GLY D 674 10.36 26.89 -11.26
N PRO D 675 9.16 27.43 -11.39
CA PRO D 675 8.96 28.88 -11.23
C PRO D 675 9.13 29.32 -9.79
N GLN D 676 9.13 30.65 -9.63
CA GLN D 676 9.27 31.42 -8.39
C GLN D 676 10.63 31.27 -7.72
N VAL D 677 11.56 30.52 -8.30
CA VAL D 677 12.91 30.35 -7.75
C VAL D 677 13.90 30.54 -8.89
N GLN D 678 14.83 31.46 -8.69
CA GLN D 678 15.94 31.68 -9.61
C GLN D 678 17.20 31.30 -8.87
N LEU D 679 17.77 30.14 -9.21
CA LEU D 679 18.95 29.65 -8.52
C LEU D 679 20.18 30.45 -8.93
N VAL D 680 20.35 30.69 -10.22
CA VAL D 680 21.55 31.33 -10.74
C VAL D 680 21.35 32.85 -10.75
N ASN D 681 22.12 33.54 -9.91
CA ASN D 681 22.23 34.99 -9.96
C ASN D 681 23.54 35.39 -9.30
N ASN D 682 23.95 36.63 -9.50
CA ASN D 682 25.25 37.08 -9.02
C ASN D 682 25.08 37.44 -7.56
N SER D 683 25.16 36.43 -6.71
CA SER D 683 24.91 36.56 -5.28
C SER D 683 25.47 35.32 -4.60
N PHE D 684 25.81 35.47 -3.33
CA PHE D 684 26.58 34.44 -2.63
C PHE D 684 25.66 33.28 -2.27
N LYS D 685 26.02 32.08 -2.70
CA LYS D 685 25.23 30.91 -2.40
C LYS D 685 25.74 30.10 -1.22
N GLY D 686 26.96 30.38 -0.76
CA GLY D 686 27.63 29.68 0.34
C GLY D 686 26.84 29.44 1.61
N ILE D 687 25.83 30.26 1.89
CA ILE D 687 24.97 30.03 3.04
C ILE D 687 24.05 28.85 2.78
N LYS D 688 23.21 28.94 1.75
CA LYS D 688 22.26 27.87 1.46
C LYS D 688 22.84 26.76 0.60
N TYR D 689 23.88 27.05 -0.18
CA TYR D 689 24.35 26.06 -1.15
C TYR D 689 25.79 25.69 -0.83
N LEU D 690 26.08 25.49 0.45
CA LEU D 690 27.40 25.05 0.89
C LEU D 690 27.67 23.62 0.45
N ARG D 691 26.63 22.78 0.40
CA ARG D 691 26.77 21.40 -0.04
C ARG D 691 27.33 21.30 -1.47
N LEU D 692 26.95 22.22 -2.35
CA LEU D 692 27.50 22.27 -3.70
C LEU D 692 29.02 22.49 -3.68
N ASN D 693 29.48 23.35 -2.77
CA ASN D 693 30.93 23.52 -2.60
C ASN D 693 31.58 22.28 -1.99
N THR D 694 30.90 21.59 -1.07
CA THR D 694 31.47 20.34 -0.53
C THR D 694 31.66 19.32 -1.65
N LEU D 695 30.65 19.20 -2.52
CA LEU D 695 30.75 18.38 -3.73
C LEU D 695 31.96 18.77 -4.56
N ALA D 696 32.12 20.08 -4.81
CA ALA D 696 33.29 20.58 -5.51
C ALA D 696 34.59 20.18 -4.80
N SER D 697 34.62 20.28 -3.46
CA SER D 697 35.81 19.94 -2.69
C SER D 697 36.10 18.44 -2.72
N LEU D 698 35.11 17.63 -3.05
CA LEU D 698 35.39 16.22 -3.31
C LEU D 698 35.78 15.97 -4.74
N GLY D 699 35.47 16.90 -5.64
CA GLY D 699 35.87 16.75 -7.03
C GLY D 699 34.73 16.63 -8.00
N TYR D 700 33.49 16.85 -7.56
CA TYR D 700 32.35 16.80 -8.46
C TYR D 700 32.20 18.15 -9.16
N ALA D 701 31.98 18.09 -10.48
CA ALA D 701 31.48 19.26 -11.18
C ALA D 701 30.07 19.52 -10.67
N VAL D 702 29.77 20.75 -10.27
CA VAL D 702 28.41 21.10 -9.88
C VAL D 702 27.84 22.08 -10.91
N VAL D 703 26.79 21.67 -11.59
CA VAL D 703 26.18 22.50 -12.63
C VAL D 703 24.80 22.93 -12.14
N VAL D 704 24.43 24.18 -12.42
CA VAL D 704 23.12 24.71 -12.04
C VAL D 704 22.63 25.51 -13.23
N ILE D 705 21.43 25.20 -13.70
CA ILE D 705 20.91 25.81 -14.93
C ILE D 705 19.53 26.39 -14.66
N ASP D 706 19.33 27.65 -15.04
CA ASP D 706 17.99 28.25 -15.01
C ASP D 706 17.41 28.09 -16.41
N GLY D 707 16.70 26.99 -16.64
CA GLY D 707 16.03 26.79 -17.91
C GLY D 707 14.85 27.72 -18.09
N ARG D 708 14.18 27.67 -19.25
CA ARG D 708 13.05 28.55 -19.45
C ARG D 708 11.86 28.00 -18.69
N GLY D 709 11.17 28.90 -18.00
CA GLY D 709 10.25 28.55 -16.95
C GLY D 709 10.67 29.00 -15.56
N SER D 710 11.78 29.72 -15.45
CA SER D 710 12.24 30.25 -14.16
C SER D 710 11.67 31.65 -13.94
N CYS D 711 11.84 32.15 -12.72
CA CYS D 711 11.31 33.47 -12.41
C CYS D 711 12.32 34.57 -12.79
N GLN D 712 11.85 35.81 -12.64
CA GLN D 712 12.65 37.04 -12.80
C GLN D 712 13.20 37.21 -14.21
N ARG D 713 12.49 36.68 -15.21
CA ARG D 713 12.83 36.95 -16.59
C ARG D 713 11.58 37.14 -17.46
N GLY D 714 10.46 37.47 -16.85
CA GLY D 714 9.25 37.79 -17.59
C GLY D 714 8.32 36.62 -17.84
N LEU D 715 7.14 37.01 -18.33
CA LEU D 715 6.04 36.06 -18.47
C LEU D 715 6.28 35.10 -19.61
N ARG D 716 6.83 35.57 -20.74
CA ARG D 716 7.04 34.66 -21.87
C ARG D 716 8.11 33.62 -21.55
N PHE D 717 9.12 34.01 -20.76
CA PHE D 717 10.15 33.07 -20.31
C PHE D 717 9.57 32.06 -19.34
N GLU D 718 8.91 32.55 -18.29
CA GLU D 718 8.25 31.67 -17.32
C GLU D 718 7.18 30.79 -17.93
N GLY D 719 6.45 31.29 -18.92
CA GLY D 719 5.37 30.57 -19.56
C GLY D 719 5.70 29.49 -20.55
N ALA D 720 6.94 29.03 -20.63
CA ALA D 720 7.16 27.86 -21.48
C ALA D 720 6.72 26.56 -20.82
N LEU D 721 6.36 26.59 -19.54
CA LEU D 721 5.91 25.40 -18.84
C LEU D 721 4.40 25.28 -18.73
N LYS D 722 3.66 26.24 -19.31
CA LYS D 722 2.20 26.22 -19.29
C LYS D 722 1.65 24.97 -19.98
N ASN D 723 0.99 24.11 -19.20
CA ASN D 723 0.35 22.85 -19.61
C ASN D 723 1.35 21.79 -20.07
N GLN D 724 2.64 21.97 -19.79
CA GLN D 724 3.67 21.02 -20.21
C GLN D 724 4.74 20.91 -19.12
N MET D 725 4.32 20.83 -17.87
CA MET D 725 5.22 20.97 -16.73
C MET D 725 6.04 19.71 -16.59
N GLY D 726 7.35 19.82 -16.74
CA GLY D 726 8.23 18.68 -16.79
C GLY D 726 8.75 18.34 -18.17
N GLN D 727 8.13 18.88 -19.23
CA GLN D 727 8.46 18.51 -20.61
C GLN D 727 9.50 19.40 -21.30
N VAL D 728 9.70 20.64 -20.85
CA VAL D 728 10.59 21.55 -21.57
C VAL D 728 11.84 21.88 -20.75
N GLU D 729 11.67 21.95 -19.44
CA GLU D 729 12.74 22.35 -18.52
C GLU D 729 13.87 21.34 -18.53
N ILE D 730 13.57 20.04 -18.46
CA ILE D 730 14.63 19.02 -18.47
C ILE D 730 15.42 19.08 -19.76
N GLU D 731 14.76 19.41 -20.87
CA GLU D 731 15.44 19.59 -22.15
C GLU D 731 16.41 20.77 -22.09
N ASP D 732 15.99 21.85 -21.43
CA ASP D 732 16.89 22.99 -21.19
C ASP D 732 18.07 22.62 -20.30
N GLN D 733 17.85 21.75 -19.32
CA GLN D 733 18.95 21.34 -18.43
C GLN D 733 19.95 20.46 -19.16
N VAL D 734 19.44 19.51 -19.94
CA VAL D 734 20.26 18.66 -20.81
C VAL D 734 21.09 19.48 -21.77
N GLU D 735 20.47 20.45 -22.45
CA GLU D 735 21.20 21.34 -23.34
C GLU D 735 22.26 22.16 -22.60
N GLY D 736 21.96 22.62 -21.39
CA GLY D 736 22.96 23.28 -20.58
C GLY D 736 24.14 22.42 -20.18
N LEU D 737 23.88 21.16 -19.78
CA LEU D 737 24.95 20.20 -19.54
C LEU D 737 25.79 19.98 -20.79
N GLN D 738 25.14 19.75 -21.92
CA GLN D 738 25.89 19.43 -23.13
C GLN D 738 26.73 20.61 -23.61
N PHE D 739 26.24 21.85 -23.41
CA PHE D 739 27.02 23.05 -23.74
C PHE D 739 28.25 23.18 -22.84
N VAL D 740 28.06 22.95 -21.54
CA VAL D 740 29.13 23.08 -20.55
C VAL D 740 30.18 22.01 -20.83
N ALA D 741 29.75 20.85 -21.32
CA ALA D 741 30.67 19.82 -21.78
C ALA D 741 31.64 20.33 -22.86
N GLU D 742 31.16 21.13 -23.84
CA GLU D 742 32.16 21.60 -24.82
C GLU D 742 33.03 22.69 -24.20
N LYS D 743 32.44 23.66 -23.49
CA LYS D 743 33.25 24.73 -22.90
C LYS D 743 34.30 24.19 -21.92
N TYR D 744 33.87 23.55 -20.85
CA TYR D 744 34.77 23.06 -19.83
C TYR D 744 35.05 21.59 -20.05
N GLY D 745 36.30 21.19 -19.86
CA GLY D 745 36.73 19.86 -20.23
C GLY D 745 36.76 18.86 -19.10
N PHE D 746 35.90 19.04 -18.09
CA PHE D 746 35.93 18.16 -16.93
C PHE D 746 34.58 17.51 -16.64
N ILE D 747 33.68 17.44 -17.62
CA ILE D 747 32.40 16.76 -17.43
C ILE D 747 32.43 15.43 -18.16
N ASP D 748 32.30 14.36 -17.38
CA ASP D 748 32.10 13.03 -17.93
C ASP D 748 30.62 12.85 -18.19
N LEU D 749 30.24 12.69 -19.46
CA LEU D 749 28.83 12.56 -19.81
C LEU D 749 28.28 11.22 -19.38
N SER D 750 29.13 10.22 -19.21
CA SER D 750 28.67 8.93 -18.70
C SER D 750 28.35 8.97 -17.20
N ARG D 751 28.96 9.87 -16.44
CA ARG D 751 28.78 9.93 -15.00
C ARG D 751 28.10 11.25 -14.65
N VAL D 752 26.77 11.23 -14.74
CA VAL D 752 25.97 12.42 -14.56
C VAL D 752 24.90 12.12 -13.51
N ALA D 753 24.81 12.98 -12.51
CA ALA D 753 23.82 12.89 -11.47
C ALA D 753 22.89 14.07 -11.62
N ILE D 754 21.59 13.87 -11.46
CA ILE D 754 20.67 14.99 -11.45
C ILE D 754 20.16 15.01 -10.02
N HIS D 755 19.97 16.18 -9.43
CA HIS D 755 19.65 16.23 -8.01
C HIS D 755 18.94 17.52 -7.70
N GLY D 756 17.82 17.43 -7.01
CA GLY D 756 17.09 18.62 -6.65
C GLY D 756 16.06 18.35 -5.60
N TRP D 757 15.77 19.32 -4.74
CA TRP D 757 14.73 19.15 -3.74
C TRP D 757 13.42 19.73 -4.24
N SER D 758 12.28 19.30 -3.73
CA SER D 758 10.96 19.79 -4.15
C SER D 758 10.87 19.57 -5.62
N TYR D 759 10.82 20.64 -6.38
CA TYR D 759 10.84 20.57 -7.84
C TYR D 759 12.17 19.96 -8.32
N GLY D 760 13.28 20.24 -7.66
CA GLY D 760 14.58 19.71 -8.02
C GLY D 760 14.59 18.20 -7.98
N GLY D 761 13.62 17.67 -7.26
CA GLY D 761 13.37 16.23 -7.22
C GLY D 761 12.36 15.75 -8.25
N PHE D 762 11.29 16.54 -8.47
CA PHE D 762 10.38 16.23 -9.57
C PHE D 762 11.10 16.20 -10.91
N LEU D 763 11.98 17.16 -11.14
CA LEU D 763 12.77 17.17 -12.37
C LEU D 763 13.80 16.05 -12.40
N SER D 764 14.48 15.77 -11.28
CA SER D 764 15.41 14.63 -11.25
C SER D 764 14.73 13.34 -11.70
N LEU D 765 13.48 13.14 -11.29
CA LEU D 765 12.71 12.01 -11.79
C LEU D 765 12.28 12.14 -13.25
N MET D 766 11.98 13.37 -13.72
CA MET D 766 11.71 13.55 -15.15
C MET D 766 12.96 13.39 -16.01
N GLY D 767 14.10 13.82 -15.48
CA GLY D 767 15.38 13.61 -16.11
C GLY D 767 15.69 12.15 -16.28
N LEU D 768 15.48 11.38 -15.22
CA LEU D 768 15.75 9.96 -15.29
C LEU D 768 14.76 9.23 -16.18
N ILE D 769 13.54 9.76 -16.36
CA ILE D 769 12.60 9.13 -17.29
C ILE D 769 12.93 9.45 -18.74
N HIS D 770 12.95 10.74 -19.10
CA HIS D 770 13.06 11.05 -20.51
C HIS D 770 14.49 11.21 -21.02
N LYS D 771 15.48 11.32 -20.12
CA LYS D 771 16.88 11.31 -20.54
C LYS D 771 17.67 10.31 -19.68
N PRO D 772 17.38 9.00 -19.80
CA PRO D 772 18.16 8.04 -19.02
C PRO D 772 19.58 7.87 -19.52
N GLN D 773 19.81 8.01 -20.82
CA GLN D 773 21.15 7.92 -21.38
C GLN D 773 22.02 9.11 -21.00
N VAL D 774 21.41 10.23 -20.60
CA VAL D 774 22.16 11.39 -20.14
C VAL D 774 22.45 11.30 -18.66
N PHE D 775 21.41 11.11 -17.84
CA PHE D 775 21.53 11.14 -16.39
C PHE D 775 21.77 9.74 -15.86
N LYS D 776 22.94 9.51 -15.24
CA LYS D 776 23.21 8.20 -14.68
C LYS D 776 22.39 7.96 -13.42
N VAL D 777 22.44 8.89 -12.45
CA VAL D 777 21.68 8.73 -11.22
C VAL D 777 20.78 9.95 -11.02
N ALA D 778 19.91 9.85 -10.02
CA ALA D 778 18.96 10.93 -9.74
C ALA D 778 18.62 10.96 -8.25
N ILE D 779 19.13 11.98 -7.57
CA ILE D 779 18.83 12.19 -6.16
C ILE D 779 17.67 13.18 -6.08
N ALA D 780 16.47 12.61 -5.98
CA ALA D 780 15.22 13.34 -5.99
C ALA D 780 14.77 13.56 -4.55
N GLY D 781 14.80 14.81 -4.07
CA GLY D 781 14.39 15.11 -2.74
C GLY D 781 12.99 15.71 -2.79
N ALA D 782 12.09 15.11 -2.04
CA ALA D 782 10.69 15.50 -1.86
C ALA D 782 9.88 15.66 -3.15
N PRO D 783 9.96 14.73 -4.11
CA PRO D 783 9.47 15.05 -5.46
C PRO D 783 7.96 15.12 -5.55
N VAL D 784 7.49 15.98 -6.45
CA VAL D 784 6.06 16.06 -6.74
C VAL D 784 5.81 14.99 -7.78
N THR D 785 5.31 13.84 -7.36
CA THR D 785 5.21 12.78 -8.34
C THR D 785 3.90 12.75 -9.10
N VAL D 786 2.84 13.34 -8.55
CA VAL D 786 1.56 13.37 -9.22
C VAL D 786 0.93 14.76 -9.02
N TRP D 787 0.68 15.46 -10.13
CA TRP D 787 0.19 16.83 -10.06
C TRP D 787 -1.27 16.89 -9.67
N MET D 788 -2.05 15.85 -9.98
CA MET D 788 -3.43 15.78 -9.53
C MET D 788 -3.60 15.78 -8.01
N ALA D 789 -2.56 15.42 -7.26
CA ALA D 789 -2.62 15.47 -5.81
C ALA D 789 -2.18 16.80 -5.23
N TYR D 790 -1.52 17.64 -6.01
CA TYR D 790 -1.01 18.90 -5.50
C TYR D 790 -2.12 19.93 -5.41
N ASP D 791 -1.83 21.05 -4.74
CA ASP D 791 -2.88 22.01 -4.45
C ASP D 791 -3.27 22.82 -5.68
N THR D 792 -4.39 23.54 -5.54
CA THR D 792 -4.93 24.36 -6.63
C THR D 792 -3.99 25.48 -7.04
N GLY D 793 -3.64 26.35 -6.08
CA GLY D 793 -2.83 27.56 -6.34
C GLY D 793 -1.60 27.36 -7.20
N TYR D 794 -0.81 26.34 -6.91
CA TYR D 794 0.33 26.06 -7.78
C TYR D 794 -0.14 25.45 -9.08
N THR D 795 -0.73 24.26 -9.01
CA THR D 795 -0.92 23.39 -10.18
C THR D 795 -1.86 24.04 -11.18
N GLU D 796 -2.91 24.71 -10.72
CA GLU D 796 -3.93 25.24 -11.61
C GLU D 796 -3.41 26.46 -12.36
N ARG D 797 -2.68 27.32 -11.67
CA ARG D 797 -1.93 28.40 -12.32
C ARG D 797 -1.22 27.95 -13.60
N TYR D 798 -0.54 26.81 -13.59
CA TYR D 798 0.23 26.43 -14.77
C TYR D 798 -0.39 25.35 -15.66
N MET D 799 -0.98 24.30 -15.08
CA MET D 799 -1.54 23.15 -15.80
C MET D 799 -3.06 23.09 -15.92
N ASP D 800 -3.76 24.16 -16.24
CA ASP D 800 -4.96 24.64 -15.54
C ASP D 800 -5.81 23.57 -14.83
N VAL D 801 -6.50 22.65 -15.51
CA VAL D 801 -7.43 21.80 -14.77
C VAL D 801 -7.28 20.35 -15.27
N PRO D 802 -7.31 19.33 -14.38
CA PRO D 802 -7.22 17.94 -14.85
C PRO D 802 -8.36 17.46 -15.73
N GLU D 803 -9.57 18.02 -15.58
CA GLU D 803 -10.65 17.62 -16.47
C GLU D 803 -10.47 18.24 -17.85
N ASN D 804 -9.69 19.32 -17.94
CA ASN D 804 -9.39 19.93 -19.23
C ASN D 804 -8.05 19.46 -19.77
N ASN D 805 -7.00 19.56 -18.96
CA ASN D 805 -5.64 19.25 -19.39
C ASN D 805 -5.26 17.85 -18.93
N GLN D 806 -6.06 16.85 -19.34
CA GLN D 806 -5.75 15.50 -18.85
C GLN D 806 -4.52 14.93 -19.54
N HIS D 807 -4.30 15.28 -20.81
CA HIS D 807 -3.12 14.85 -21.56
C HIS D 807 -1.84 15.34 -20.90
N GLY D 808 -1.89 16.55 -20.36
CA GLY D 808 -0.69 17.12 -19.80
C GLY D 808 -0.50 16.75 -18.36
N TYR D 809 -1.59 16.50 -17.62
CA TYR D 809 -1.45 15.88 -16.30
C TYR D 809 -0.81 14.51 -16.40
N GLU D 810 -1.27 13.66 -17.32
CA GLU D 810 -0.65 12.35 -17.43
C GLU D 810 0.78 12.45 -17.95
N ALA D 811 1.03 13.30 -18.97
CA ALA D 811 2.35 13.47 -19.55
C ALA D 811 3.38 14.03 -18.59
N GLY D 812 3.01 14.95 -17.71
CA GLY D 812 3.96 15.48 -16.76
C GLY D 812 3.77 15.02 -15.35
N SER D 813 2.92 14.03 -15.14
CA SER D 813 2.76 13.38 -13.85
C SER D 813 3.70 12.19 -13.84
N VAL D 814 4.84 12.38 -13.20
CA VAL D 814 5.99 11.47 -13.33
C VAL D 814 5.70 10.10 -12.73
N ALA D 815 4.82 10.02 -11.73
CA ALA D 815 4.47 8.76 -11.11
C ALA D 815 3.68 7.82 -12.02
N LEU D 816 3.05 8.32 -13.07
CA LEU D 816 2.42 7.45 -14.06
C LEU D 816 3.36 6.98 -15.15
N HIS D 817 4.63 7.38 -15.11
CA HIS D 817 5.61 6.99 -16.13
C HIS D 817 6.77 6.22 -15.53
N VAL D 818 6.48 5.36 -14.54
CA VAL D 818 7.52 4.61 -13.85
C VAL D 818 8.12 3.50 -14.70
N GLU D 819 7.34 2.88 -15.60
CA GLU D 819 7.87 1.94 -16.60
C GLU D 819 9.10 2.44 -17.35
N LYS D 820 9.26 3.75 -17.53
CA LYS D 820 10.44 4.29 -18.21
C LYS D 820 11.60 4.58 -17.26
N LEU D 821 11.45 4.32 -15.96
CA LEU D 821 12.57 4.39 -15.03
C LEU D 821 13.50 3.21 -15.25
N PRO D 822 14.77 3.32 -14.86
CA PRO D 822 15.74 2.27 -15.20
C PRO D 822 15.47 0.97 -14.47
N ASN D 823 15.64 -0.13 -15.20
CA ASN D 823 15.55 -1.42 -14.58
C ASN D 823 16.76 -1.71 -13.71
N GLU D 824 17.91 -1.18 -14.04
CA GLU D 824 19.10 -1.44 -13.24
C GLU D 824 19.06 -0.63 -11.94
N PRO D 825 19.64 -1.15 -10.87
CA PRO D 825 19.60 -0.48 -9.58
C PRO D 825 20.65 0.61 -9.42
N ASN D 826 20.62 1.24 -8.24
CA ASN D 826 21.54 2.29 -7.78
C ASN D 826 21.49 3.54 -8.63
N ARG D 827 20.40 3.78 -9.36
CA ARG D 827 20.27 4.95 -10.21
C ARG D 827 19.27 5.97 -9.67
N LEU D 828 18.55 5.66 -8.60
CA LEU D 828 17.46 6.52 -8.18
C LEU D 828 17.38 6.53 -6.66
N LEU D 829 17.60 7.69 -6.07
CA LEU D 829 17.51 7.84 -4.61
C LEU D 829 16.41 8.84 -4.33
N ILE D 830 15.36 8.39 -3.66
CA ILE D 830 14.22 9.22 -3.29
C ILE D 830 14.34 9.63 -1.82
N LEU D 831 14.35 10.93 -1.57
CA LEU D 831 14.43 11.47 -0.21
C LEU D 831 13.10 12.14 0.07
N HIS D 832 12.59 11.99 1.30
CA HIS D 832 11.34 12.68 1.58
C HIS D 832 11.19 12.88 3.06
N GLY D 833 10.81 14.09 3.46
CA GLY D 833 10.41 14.35 4.82
C GLY D 833 9.00 13.86 5.09
N PHE D 834 8.86 13.03 6.12
CA PHE D 834 7.61 12.32 6.40
C PHE D 834 6.47 13.26 6.78
N LEU D 835 6.78 14.40 7.39
CA LEU D 835 5.78 15.32 7.91
C LEU D 835 5.43 16.40 6.91
N ASP D 836 5.57 16.14 5.61
CA ASP D 836 5.53 17.23 4.65
C ASP D 836 4.08 17.59 4.35
N GLU D 837 3.68 18.79 4.74
CA GLU D 837 2.34 19.29 4.43
C GLU D 837 2.23 19.82 3.01
N ASN D 838 3.35 20.08 2.33
CA ASN D 838 3.32 20.79 1.04
C ASN D 838 3.31 19.78 -0.12
N VAL D 839 4.41 19.06 -0.30
CA VAL D 839 4.47 17.98 -1.31
C VAL D 839 4.38 16.69 -0.49
N HIS D 840 3.13 16.25 -0.28
CA HIS D 840 2.84 15.24 0.74
C HIS D 840 3.54 13.93 0.48
N PHE D 841 3.66 13.15 1.55
CA PHE D 841 4.25 11.83 1.45
C PHE D 841 3.50 10.91 0.51
N PHE D 842 2.23 11.18 0.22
CA PHE D 842 1.52 10.50 -0.85
C PHE D 842 2.29 10.55 -2.16
N HIS D 843 2.96 11.64 -2.47
CA HIS D 843 3.68 11.74 -3.74
C HIS D 843 4.82 10.73 -3.83
N THR D 844 5.70 10.71 -2.83
CA THR D 844 6.73 9.67 -2.72
C THR D 844 6.14 8.28 -2.59
N ASN D 845 5.08 8.14 -1.80
CA ASN D 845 4.38 6.88 -1.59
C ASN D 845 3.79 6.32 -2.87
N PHE D 846 3.17 7.17 -3.68
CA PHE D 846 2.58 6.74 -4.94
C PHE D 846 3.67 6.42 -5.94
N LEU D 847 4.80 7.14 -5.85
CA LEU D 847 5.93 6.81 -6.71
C LEU D 847 6.46 5.43 -6.36
N VAL D 848 6.74 5.20 -5.08
CA VAL D 848 7.23 3.90 -4.61
C VAL D 848 6.24 2.79 -4.92
N SER D 849 4.94 3.06 -4.77
CA SER D 849 3.87 2.16 -5.18
C SER D 849 3.98 1.76 -6.64
N GLN D 850 4.12 2.74 -7.51
CA GLN D 850 4.16 2.45 -8.94
C GLN D 850 5.50 1.88 -9.38
N LEU D 851 6.58 2.18 -8.65
CA LEU D 851 7.87 1.51 -8.88
C LEU D 851 7.78 0.02 -8.56
N ILE D 852 7.18 -0.30 -7.42
CA ILE D 852 6.92 -1.69 -7.04
C ILE D 852 6.05 -2.39 -8.08
N ARG D 853 4.98 -1.72 -8.51
CA ARG D 853 4.06 -2.34 -9.47
C ARG D 853 4.70 -2.51 -10.85
N ALA D 854 5.64 -1.65 -11.22
CA ALA D 854 6.36 -1.78 -12.48
C ALA D 854 7.64 -2.58 -12.33
N GLY D 855 7.99 -3.00 -11.13
CA GLY D 855 9.15 -3.82 -10.88
C GLY D 855 10.46 -3.08 -11.03
N LYS D 856 10.54 -1.86 -10.49
CA LYS D 856 11.73 -1.06 -10.67
C LYS D 856 12.40 -0.77 -9.32
N PRO D 857 13.72 -0.81 -9.27
CA PRO D 857 14.43 -0.54 -8.01
C PRO D 857 14.42 0.92 -7.64
N TYR D 858 14.73 1.18 -6.38
CA TYR D 858 14.86 2.52 -5.82
C TYR D 858 15.59 2.42 -4.50
N GLN D 859 16.35 3.45 -4.17
CA GLN D 859 16.72 3.65 -2.79
C GLN D 859 15.85 4.75 -2.23
N LEU D 860 15.73 4.80 -0.91
CA LEU D 860 14.81 5.73 -0.29
C LEU D 860 15.33 6.12 1.08
N GLN D 861 15.07 7.36 1.45
CA GLN D 861 15.51 7.93 2.72
C GLN D 861 14.36 8.75 3.27
N ILE D 862 14.15 8.59 4.57
CA ILE D 862 13.07 9.24 5.27
C ILE D 862 13.65 10.27 6.19
N TYR D 863 12.92 11.37 6.37
CA TYR D 863 13.21 12.34 7.42
C TYR D 863 11.98 12.42 8.31
N PRO D 864 11.96 11.66 9.40
CA PRO D 864 10.74 11.57 10.22
C PRO D 864 10.40 12.85 10.95
N ASN D 865 11.38 13.72 11.18
CA ASN D 865 11.16 14.93 11.94
C ASN D 865 11.21 16.18 11.08
N GLU D 866 11.32 16.05 9.76
CA GLU D 866 11.44 17.20 8.88
C GLU D 866 10.22 17.37 8.00
N ARG D 867 9.77 18.60 7.91
CA ARG D 867 8.56 18.89 7.16
C ARG D 867 8.91 19.03 5.69
N HIS D 868 9.58 20.10 5.27
CA HIS D 868 9.87 20.18 3.84
C HIS D 868 11.34 20.31 3.51
N SER D 869 11.99 21.31 4.09
CA SER D 869 13.43 21.43 3.99
C SER D 869 14.04 20.78 5.21
N ILE D 870 15.30 20.40 5.09
CA ILE D 870 16.01 19.83 6.23
C ILE D 870 16.40 20.98 7.17
N ARG D 871 15.74 21.07 8.32
CA ARG D 871 16.03 22.17 9.24
C ARG D 871 17.04 21.81 10.32
N CYS D 872 16.95 20.62 10.91
CA CYS D 872 17.83 20.24 12.01
C CYS D 872 19.24 20.04 11.49
N PRO D 873 20.27 20.54 12.20
CA PRO D 873 21.65 20.32 11.75
C PRO D 873 22.08 18.86 11.71
N GLU D 874 21.63 18.04 12.67
CA GLU D 874 21.92 16.61 12.64
C GLU D 874 21.36 15.96 11.38
N SER D 875 20.11 16.30 11.05
CA SER D 875 19.47 15.78 9.85
C SER D 875 20.13 16.31 8.58
N GLY D 876 20.59 17.56 8.59
CA GLY D 876 21.32 18.06 7.44
C GLY D 876 22.66 17.39 7.27
N GLU D 877 23.33 17.09 8.38
CA GLU D 877 24.59 16.37 8.31
C GLU D 877 24.38 14.96 7.78
N HIS D 878 23.26 14.32 8.19
CA HIS D 878 22.91 13.00 7.65
C HIS D 878 22.59 13.10 6.17
N TYR D 879 21.80 14.11 5.79
CA TYR D 879 21.45 14.37 4.39
C TYR D 879 22.65 14.52 3.50
N GLU D 880 23.64 15.27 3.96
CA GLU D 880 24.80 15.52 3.12
C GLU D 880 25.70 14.29 3.07
N VAL D 881 25.89 13.60 4.19
CA VAL D 881 26.73 12.40 4.16
C VAL D 881 26.06 11.27 3.35
N THR D 882 24.73 11.20 3.36
CA THR D 882 24.01 10.26 2.49
C THR D 882 24.17 10.62 1.03
N LEU D 883 24.18 11.91 0.73
CA LEU D 883 24.35 12.37 -0.64
C LEU D 883 25.75 12.07 -1.15
N LEU D 884 26.75 12.35 -0.33
CA LEU D 884 28.14 12.06 -0.67
C LEU D 884 28.38 10.56 -0.85
N HIS D 885 27.84 9.74 0.06
CA HIS D 885 27.98 8.30 -0.07
C HIS D 885 27.34 7.79 -1.35
N PHE D 886 26.11 8.24 -1.64
CA PHE D 886 25.40 7.80 -2.84
C PHE D 886 26.17 8.16 -4.11
N LEU D 887 26.72 9.37 -4.15
CA LEU D 887 27.51 9.75 -5.32
C LEU D 887 28.82 8.98 -5.40
N GLN D 888 29.58 8.89 -4.30
CA GLN D 888 30.81 8.10 -4.25
C GLN D 888 30.61 6.68 -4.77
N GLU D 889 29.56 6.00 -4.30
CA GLU D 889 29.42 4.60 -4.64
C GLU D 889 28.77 4.40 -6.01
N TYR D 890 27.70 5.13 -6.30
CA TYR D 890 26.86 4.77 -7.44
C TYR D 890 26.90 5.76 -8.59
N LEU D 891 27.51 6.93 -8.42
CA LEU D 891 27.79 7.79 -9.58
C LEU D 891 29.19 7.47 -10.11
C4 GK2 E . 4.55 -8.63 15.23
C3 GK2 E . 5.70 -8.05 16.04
C2 GK2 E . 5.66 -8.70 17.41
C1 GK2 E . 4.47 -9.63 17.44
N5 GK2 E . 3.75 -9.40 16.19
C8 GK2 E . 2.51 -9.77 15.86
C9 GK2 E . 1.61 -10.51 16.81
C10 GK2 E . 2.16 -11.82 17.41
C11 GK2 E . 0.99 -12.64 17.96
C12 GK2 E . 3.01 -12.65 16.45
N13 GK2 E . 1.12 -9.61 17.89
O14 GK2 E . 2.04 -9.48 14.78
B15 GK2 E . 5.12 -9.53 14.01
O16 GK2 E . 6.08 -10.61 14.53
O17 GK2 E . 4.00 -10.23 13.24
C4 GK2 F . 7.01 22.70 -4.31
C3 GK2 F . 6.52 21.89 -5.50
C2 GK2 F . 5.96 22.88 -6.50
C1 GK2 F . 5.84 24.22 -5.80
N5 GK2 F . 6.37 24.01 -4.46
C8 GK2 F . 6.30 24.82 -3.40
C9 GK2 F . 5.58 26.15 -3.45
C10 GK2 F . 6.07 27.14 -4.52
C11 GK2 F . 5.58 28.55 -4.18
C12 GK2 F . 7.59 27.10 -4.73
N13 GK2 F . 4.11 25.97 -3.54
O14 GK2 F . 6.82 24.51 -2.35
B15 GK2 F . 8.63 22.73 -4.31
O16 GK2 F . 9.17 23.14 -5.68
O17 GK2 F . 9.21 23.70 -3.26
#